data_8OWM
#
_entry.id   8OWM
#
_cell.length_a   95.544
_cell.length_b   95.629
_cell.length_c   95.841
_cell.angle_alpha   90.416
_cell.angle_beta   93.590
_cell.angle_gamma   117.775
#
_symmetry.space_group_name_H-M   'P 1'
#
loop_
_entity.id
_entity.type
_entity.pdbx_description
1 polymer 'Glutamate dehydrogenase 2'
2 non-polymer NICOTINAMIDE-ADENINE-DINUCLEOTIDE
3 non-polymer GLYCEROL
4 non-polymer 1,2-ETHANEDIOL
5 non-polymer '2,2-bis(oxidanyl)pentanedioic acid'
6 non-polymer 'CALCIUM ION'
7 non-polymer 'SODIUM ION'
8 non-polymer DI(HYDROXYETHYL)ETHER
9 water water
#
_entity_poly.entity_id   1
_entity_poly.type   'polypeptide(L)'
_entity_poly.pdbx_seq_one_letter_code
;SNAMNALAATNRNFRHASRILGLDSKIERSLMIPFREIKVECTIPKDDGTLVSYIGFRVQHDNARGPMKGGIRYHPEVDP
DEVNALAQLMTWKTAVADIPYGGAKGGIGCSPRDLSLSELERLTRVFTQKIHDLIGIHTDVPAPDMGTNAQTMAWILDEY
SKFHGHSPAVVTGKPIDLGGSLGREAATGRGVVFATEALLAEYGKSIQGLTFVIQGFGNVGTWAAKLIHEKGGKVVAVSD
ITGAIRNPEGIDINALIKHKDATGSLNDFNGGDAMNSDELLIHECDVLIPCALGGVLNKENAGDVKAKFIVEAANHPTDP
DADEILSKKGVIILPDIYANAGGVTVSYFEWVQNIQGFMWEEEKVNLELQKYMTRAFHNIKTMCHTHSCNLRMGAFTLGV
NRVARATQLRGWEA
;
_entity_poly.pdbx_strand_id   A,B,C,D,E,F
#
# COMPACT_ATOMS: atom_id res chain seq x y z
N ALA A 3 1.32 -47.85 7.80
CA ALA A 3 1.29 -46.47 7.20
C ALA A 3 2.23 -45.50 7.90
N MET A 4 3.34 -45.16 7.23
CA MET A 4 4.39 -44.33 7.78
C MET A 4 3.96 -42.86 7.79
N ASN A 5 4.39 -42.11 8.81
CA ASN A 5 4.10 -40.67 8.86
C ASN A 5 4.55 -40.00 7.56
N ALA A 6 3.66 -39.20 6.94
CA ALA A 6 3.96 -38.65 5.61
C ALA A 6 5.21 -37.77 5.64
N LEU A 7 5.35 -36.94 6.68
CA LEU A 7 6.49 -36.04 6.72
C LEU A 7 7.77 -36.82 6.99
N ALA A 8 7.70 -37.79 7.90
CA ALA A 8 8.86 -38.64 8.17
C ALA A 8 9.29 -39.37 6.92
N ALA A 9 8.32 -39.85 6.12
CA ALA A 9 8.64 -40.56 4.89
C ALA A 9 9.35 -39.66 3.89
N THR A 10 8.80 -38.47 3.67
CA THR A 10 9.39 -37.53 2.72
C THR A 10 10.75 -37.06 3.20
N ASN A 11 10.88 -36.83 4.50
CA ASN A 11 12.19 -36.43 5.01
C ASN A 11 13.25 -37.51 4.84
N ARG A 12 12.87 -38.78 4.97
CA ARG A 12 13.83 -39.86 4.72
C ARG A 12 14.32 -39.82 3.27
N ASN A 13 13.42 -39.64 2.32
CA ASN A 13 13.82 -39.47 0.93
C ASN A 13 14.68 -38.22 0.74
N PHE A 14 14.30 -37.11 1.36
CA PHE A 14 15.08 -35.88 1.21
C PHE A 14 16.50 -36.03 1.72
N ARG A 15 16.66 -36.63 2.92
N ARG A 15 16.67 -36.64 2.91
CA ARG A 15 18.00 -36.75 3.47
CA ARG A 15 18.00 -36.72 3.47
C ARG A 15 18.87 -37.62 2.59
C ARG A 15 18.89 -37.67 2.65
N HIS A 16 18.30 -38.71 2.05
CA HIS A 16 19.06 -39.59 1.17
C HIS A 16 19.54 -38.80 -0.04
N ALA A 17 18.65 -38.02 -0.64
CA ALA A 17 19.02 -37.18 -1.78
C ALA A 17 20.11 -36.18 -1.43
N SER A 18 19.99 -35.54 -0.27
N SER A 18 20.02 -35.56 -0.25
CA SER A 18 21.02 -34.60 0.20
CA SER A 18 21.05 -34.59 0.14
C SER A 18 22.38 -35.28 0.29
C SER A 18 22.41 -35.26 0.32
N ARG A 19 22.42 -36.49 0.85
CA ARG A 19 23.69 -37.23 0.94
C ARG A 19 24.24 -37.55 -0.45
N ILE A 20 23.38 -37.98 -1.37
CA ILE A 20 23.87 -38.26 -2.72
C ILE A 20 24.57 -37.04 -3.29
N LEU A 21 23.99 -35.85 -3.07
CA LEU A 21 24.52 -34.60 -3.58
C LEU A 21 25.69 -34.06 -2.77
N GLY A 22 25.91 -34.60 -1.59
CA GLY A 22 26.96 -34.08 -0.72
C GLY A 22 26.66 -32.71 -0.15
N LEU A 23 25.39 -32.41 0.13
CA LEU A 23 25.04 -31.12 0.70
C LEU A 23 25.64 -30.92 2.07
N ASP A 24 26.08 -29.70 2.32
CA ASP A 24 26.51 -29.31 3.66
C ASP A 24 25.33 -29.49 4.63
N SER A 25 25.65 -29.86 5.86
CA SER A 25 24.57 -30.20 6.81
C SER A 25 23.71 -28.99 7.17
N LYS A 26 24.28 -27.79 7.11
CA LYS A 26 23.49 -26.59 7.45
C LYS A 26 22.52 -26.24 6.33
N ILE A 27 22.93 -26.44 5.08
CA ILE A 27 22.03 -26.23 3.95
C ILE A 27 20.92 -27.28 3.95
N GLU A 28 21.29 -28.54 4.23
CA GLU A 28 20.31 -29.61 4.38
C GLU A 28 19.23 -29.24 5.39
N ARG A 29 19.64 -28.80 6.58
CA ARG A 29 18.66 -28.42 7.59
C ARG A 29 17.81 -27.26 7.13
N SER A 30 18.42 -26.24 6.50
CA SER A 30 17.64 -25.10 6.05
C SER A 30 16.61 -25.50 5.01
N LEU A 31 16.99 -26.37 4.06
CA LEU A 31 16.06 -26.77 3.02
C LEU A 31 14.90 -27.59 3.57
N MET A 32 15.10 -28.28 4.69
N MET A 32 15.10 -28.29 4.68
CA MET A 32 13.98 -29.02 5.28
CA MET A 32 13.98 -29.02 5.28
C MET A 32 13.00 -28.09 5.97
C MET A 32 13.00 -28.06 5.93
N ILE A 33 13.50 -27.05 6.62
CA ILE A 33 12.64 -26.16 7.39
C ILE A 33 11.83 -25.31 6.45
N PRO A 34 10.51 -25.29 6.60
CA PRO A 34 9.68 -24.46 5.74
C PRO A 34 9.89 -22.99 6.02
N PHE A 35 9.82 -22.21 4.94
CA PHE A 35 9.85 -20.76 5.03
C PHE A 35 8.84 -20.25 6.06
N ARG A 36 7.60 -20.72 5.96
CA ARG A 36 6.54 -20.23 6.84
C ARG A 36 5.40 -21.22 6.88
N GLU A 37 4.99 -21.59 8.09
CA GLU A 37 3.82 -22.42 8.33
C GLU A 37 2.72 -21.57 8.95
N ILE A 38 1.51 -21.66 8.41
CA ILE A 38 0.37 -20.87 8.87
C ILE A 38 -0.79 -21.80 9.18
N LYS A 39 -1.39 -21.62 10.37
CA LYS A 39 -2.65 -22.27 10.74
C LYS A 39 -3.64 -21.20 11.16
N VAL A 40 -4.84 -21.23 10.56
CA VAL A 40 -5.84 -20.19 10.80
C VAL A 40 -7.19 -20.80 11.15
N GLU A 41 -7.91 -20.12 12.05
CA GLU A 41 -9.29 -20.50 12.30
C GLU A 41 -10.15 -20.13 11.10
N CYS A 42 -11.03 -21.05 10.72
CA CYS A 42 -12.01 -20.83 9.64
C CYS A 42 -13.38 -21.21 10.20
N THR A 43 -14.14 -20.25 10.67
CA THR A 43 -15.46 -20.48 11.23
C THR A 43 -16.50 -19.86 10.33
N ILE A 44 -17.55 -20.62 10.02
CA ILE A 44 -18.64 -20.14 9.16
C ILE A 44 -19.95 -20.51 9.82
N PRO A 45 -21.02 -19.77 9.51
CA PRO A 45 -22.37 -20.26 9.79
C PRO A 45 -22.77 -21.29 8.72
N LYS A 46 -23.31 -22.39 9.17
CA LYS A 46 -23.95 -23.34 8.27
C LYS A 46 -25.26 -22.75 7.72
N ASP A 47 -25.85 -23.48 6.78
CA ASP A 47 -27.09 -22.99 6.18
C ASP A 47 -28.18 -22.79 7.21
N ASP A 48 -28.19 -23.57 8.29
CA ASP A 48 -29.16 -23.40 9.35
C ASP A 48 -28.76 -22.35 10.36
N GLY A 49 -27.65 -21.65 10.14
CA GLY A 49 -27.20 -20.61 11.04
C GLY A 49 -26.29 -21.06 12.17
N THR A 50 -26.14 -22.35 12.40
CA THR A 50 -25.25 -22.78 13.48
C THR A 50 -23.81 -22.68 13.03
N LEU A 51 -22.91 -22.52 14.00
CA LEU A 51 -21.52 -22.31 13.67
C LEU A 51 -20.77 -23.64 13.55
N VAL A 52 -19.80 -23.67 12.65
CA VAL A 52 -18.83 -24.74 12.57
C VAL A 52 -17.46 -24.11 12.42
N SER A 53 -16.47 -24.65 13.15
CA SER A 53 -15.10 -24.17 13.10
C SER A 53 -14.17 -25.23 12.53
N TYR A 54 -13.39 -24.84 11.53
CA TYR A 54 -12.35 -25.67 10.95
C TYR A 54 -11.00 -24.99 11.17
N ILE A 55 -9.93 -25.75 10.99
CA ILE A 55 -8.60 -25.16 10.96
C ILE A 55 -8.05 -25.25 9.55
N GLY A 56 -7.62 -24.12 9.02
CA GLY A 56 -7.03 -24.06 7.71
C GLY A 56 -5.52 -23.99 7.82
N PHE A 57 -4.85 -24.56 6.82
CA PHE A 57 -3.39 -24.62 6.75
C PHE A 57 -2.87 -24.07 5.44
N ARG A 58 -1.76 -23.33 5.52
CA ARG A 58 -0.94 -23.09 4.34
C ARG A 58 0.51 -23.17 4.77
N VAL A 59 1.21 -24.17 4.25
CA VAL A 59 2.63 -24.33 4.50
C VAL A 59 3.35 -23.80 3.27
N GLN A 60 4.17 -22.81 3.48
CA GLN A 60 4.98 -22.21 2.45
C GLN A 60 6.39 -22.77 2.64
N HIS A 61 6.71 -23.81 1.86
CA HIS A 61 7.92 -24.57 2.18
C HIS A 61 9.20 -23.87 1.69
N ASP A 62 9.24 -23.46 0.42
CA ASP A 62 10.47 -22.91 -0.12
C ASP A 62 10.17 -21.99 -1.27
N ASN A 63 10.82 -20.83 -1.30
CA ASN A 63 10.58 -19.86 -2.36
C ASN A 63 11.88 -19.38 -3.00
N ALA A 64 12.93 -20.22 -2.99
CA ALA A 64 14.20 -19.78 -3.56
C ALA A 64 14.11 -19.60 -5.07
N ARG A 65 13.35 -20.46 -5.75
CA ARG A 65 13.27 -20.46 -7.20
C ARG A 65 12.13 -19.62 -7.76
N GLY A 66 11.29 -19.05 -6.92
CA GLY A 66 10.19 -18.26 -7.40
C GLY A 66 9.01 -18.30 -6.47
N PRO A 67 7.90 -17.73 -6.93
CA PRO A 67 6.66 -17.78 -6.15
C PRO A 67 6.33 -19.22 -5.79
N MET A 68 5.74 -19.40 -4.61
CA MET A 68 5.42 -20.74 -4.19
C MET A 68 4.15 -21.21 -4.87
N LYS A 69 4.06 -22.52 -5.03
CA LYS A 69 3.02 -23.13 -5.85
C LYS A 69 2.56 -24.43 -5.19
N GLY A 70 1.25 -24.61 -5.09
CA GLY A 70 0.70 -25.87 -4.65
C GLY A 70 -0.77 -25.78 -4.31
N GLY A 71 -1.45 -26.91 -4.32
CA GLY A 71 -2.90 -26.93 -4.21
C GLY A 71 -3.43 -26.81 -2.79
N ILE A 72 -4.76 -26.82 -2.72
CA ILE A 72 -5.52 -26.76 -1.49
C ILE A 72 -6.38 -28.02 -1.41
N ARG A 73 -6.14 -28.81 -0.37
CA ARG A 73 -6.87 -30.05 -0.14
C ARG A 73 -7.97 -29.87 0.92
N TYR A 74 -9.19 -30.28 0.55
CA TYR A 74 -10.31 -30.42 1.49
C TYR A 74 -10.52 -31.91 1.71
N HIS A 75 -10.05 -32.42 2.86
CA HIS A 75 -10.15 -33.84 3.11
C HIS A 75 -10.06 -34.04 4.61
N PRO A 76 -10.78 -35.03 5.18
CA PRO A 76 -10.79 -35.16 6.65
C PRO A 76 -9.44 -35.50 7.27
N GLU A 77 -8.49 -36.04 6.52
CA GLU A 77 -7.19 -36.42 7.07
C GLU A 77 -6.14 -35.32 6.92
N VAL A 78 -6.51 -34.15 6.40
CA VAL A 78 -5.59 -33.02 6.37
C VAL A 78 -5.14 -32.68 7.79
N ASP A 79 -3.83 -32.60 7.99
CA ASP A 79 -3.23 -32.21 9.25
C ASP A 79 -1.85 -31.64 8.96
N PRO A 80 -1.19 -31.04 9.95
CA PRO A 80 0.08 -30.36 9.65
C PRO A 80 1.14 -31.25 9.02
N ASP A 81 1.28 -32.50 9.47
CA ASP A 81 2.31 -33.36 8.89
C ASP A 81 2.03 -33.60 7.40
N GLU A 82 0.76 -33.83 7.05
CA GLU A 82 0.44 -34.08 5.64
C GLU A 82 0.69 -32.84 4.80
N VAL A 83 0.23 -31.68 5.27
CA VAL A 83 0.42 -30.48 4.46
C VAL A 83 1.89 -30.14 4.34
N ASN A 84 2.67 -30.34 5.43
CA ASN A 84 4.10 -30.12 5.33
C ASN A 84 4.79 -31.06 4.34
N ALA A 85 4.38 -32.33 4.32
CA ALA A 85 4.97 -33.26 3.36
C ALA A 85 4.62 -32.86 1.92
N LEU A 86 3.34 -32.56 1.68
CA LEU A 86 2.93 -32.17 0.34
C LEU A 86 3.64 -30.90 -0.11
N ALA A 87 3.81 -29.93 0.79
CA ALA A 87 4.45 -28.68 0.42
C ALA A 87 5.92 -28.90 0.04
N GLN A 88 6.62 -29.72 0.83
CA GLN A 88 8.01 -30.00 0.51
C GLN A 88 8.12 -30.70 -0.85
N LEU A 89 7.21 -31.64 -1.12
CA LEU A 89 7.21 -32.30 -2.42
C LEU A 89 6.96 -31.31 -3.56
N MET A 90 6.12 -30.29 -3.35
CA MET A 90 5.94 -29.26 -4.38
C MET A 90 7.24 -28.55 -4.70
N THR A 91 8.07 -28.28 -3.67
CA THR A 91 9.34 -27.61 -3.93
C THR A 91 10.22 -28.44 -4.85
N TRP A 92 10.31 -29.75 -4.60
CA TRP A 92 11.13 -30.61 -5.46
C TRP A 92 10.49 -30.76 -6.83
N LYS A 93 9.16 -30.91 -6.86
CA LYS A 93 8.45 -31.15 -8.13
C LYS A 93 8.59 -29.96 -9.07
N THR A 94 8.40 -28.73 -8.56
CA THR A 94 8.54 -27.56 -9.41
C THR A 94 9.96 -27.47 -9.96
N ALA A 95 10.96 -27.81 -9.13
CA ALA A 95 12.33 -27.80 -9.60
C ALA A 95 12.59 -28.88 -10.64
N VAL A 96 12.05 -30.10 -10.45
CA VAL A 96 12.21 -31.17 -11.44
C VAL A 96 11.63 -30.74 -12.79
N ALA A 97 10.46 -30.09 -12.74
CA ALA A 97 9.81 -29.62 -13.95
C ALA A 97 10.54 -28.45 -14.59
N ASP A 98 11.40 -27.78 -13.83
CA ASP A 98 12.10 -26.57 -14.28
C ASP A 98 11.11 -25.45 -14.59
N ILE A 99 10.12 -25.30 -13.71
CA ILE A 99 9.25 -24.14 -13.75
C ILE A 99 9.68 -23.20 -12.63
N PRO A 100 9.51 -21.87 -12.81
CA PRO A 100 10.09 -20.87 -11.87
C PRO A 100 9.20 -20.63 -10.66
N TYR A 101 9.03 -21.69 -9.89
CA TYR A 101 8.22 -21.71 -8.69
C TYR A 101 8.96 -22.44 -7.58
N GLY A 102 8.61 -22.07 -6.35
CA GLY A 102 8.87 -22.87 -5.17
C GLY A 102 7.63 -23.66 -4.78
N GLY A 103 7.66 -24.21 -3.57
CA GLY A 103 6.63 -25.15 -3.12
C GLY A 103 5.84 -24.66 -1.91
N ALA A 104 4.54 -24.96 -1.92
CA ALA A 104 3.60 -24.66 -0.84
C ALA A 104 2.44 -25.64 -0.94
N LYS A 105 1.66 -25.74 0.13
CA LYS A 105 0.46 -26.55 0.09
C LYS A 105 -0.48 -26.06 1.17
N GLY A 106 -1.78 -26.20 0.94
CA GLY A 106 -2.76 -25.83 1.93
C GLY A 106 -3.87 -26.86 2.05
N GLY A 107 -4.74 -26.64 3.02
CA GLY A 107 -5.84 -27.57 3.18
C GLY A 107 -6.69 -27.21 4.36
N ILE A 108 -7.86 -27.84 4.41
CA ILE A 108 -8.78 -27.77 5.53
C ILE A 108 -9.22 -29.19 5.84
N GLY A 109 -9.15 -29.57 7.10
CA GLY A 109 -9.62 -30.87 7.51
C GLY A 109 -11.13 -30.88 7.58
N CYS A 110 -11.75 -31.26 6.48
CA CYS A 110 -13.20 -31.25 6.38
C CYS A 110 -13.60 -32.34 5.40
N SER A 111 -14.89 -32.63 5.37
CA SER A 111 -15.47 -33.62 4.47
C SER A 111 -16.39 -32.87 3.51
N PRO A 112 -15.91 -32.48 2.33
CA PRO A 112 -16.73 -31.63 1.45
C PRO A 112 -18.08 -32.23 1.15
N ARG A 113 -18.18 -33.56 1.05
CA ARG A 113 -19.47 -34.17 0.75
C ARG A 113 -20.50 -33.90 1.85
N ASP A 114 -20.06 -33.52 3.05
CA ASP A 114 -20.95 -33.23 4.18
C ASP A 114 -21.39 -31.78 4.23
N LEU A 115 -20.87 -30.94 3.35
CA LEU A 115 -21.19 -29.52 3.31
C LEU A 115 -22.02 -29.25 2.07
N SER A 116 -22.93 -28.30 2.18
CA SER A 116 -23.66 -27.84 1.01
C SER A 116 -22.77 -26.97 0.15
N LEU A 117 -23.22 -26.69 -1.09
CA LEU A 117 -22.44 -25.80 -1.95
C LEU A 117 -22.28 -24.42 -1.34
N SER A 118 -23.34 -23.90 -0.69
CA SER A 118 -23.21 -22.58 -0.11
C SER A 118 -22.26 -22.60 1.09
N GLU A 119 -22.31 -23.65 1.90
CA GLU A 119 -21.33 -23.79 2.98
C GLU A 119 -19.90 -23.92 2.45
N LEU A 120 -19.70 -24.72 1.41
CA LEU A 120 -18.34 -24.83 0.85
C LEU A 120 -17.84 -23.49 0.34
N GLU A 121 -18.73 -22.70 -0.27
CA GLU A 121 -18.33 -21.38 -0.75
C GLU A 121 -17.99 -20.45 0.41
N ARG A 122 -18.82 -20.43 1.45
CA ARG A 122 -18.48 -19.60 2.61
C ARG A 122 -17.17 -20.03 3.23
N LEU A 123 -16.93 -21.34 3.37
CA LEU A 123 -15.69 -21.84 3.94
C LEU A 123 -14.50 -21.41 3.11
N THR A 124 -14.63 -21.52 1.77
CA THR A 124 -13.56 -21.12 0.86
C THR A 124 -13.28 -19.62 0.95
N ARG A 125 -14.34 -18.81 0.98
CA ARG A 125 -14.13 -17.37 1.09
C ARG A 125 -13.53 -16.98 2.45
N VAL A 126 -13.95 -17.61 3.55
CA VAL A 126 -13.35 -17.27 4.84
C VAL A 126 -11.88 -17.70 4.88
N PHE A 127 -11.57 -18.90 4.38
CA PHE A 127 -10.18 -19.30 4.31
C PHE A 127 -9.36 -18.30 3.51
N THR A 128 -9.92 -17.81 2.41
CA THR A 128 -9.22 -16.81 1.62
C THR A 128 -9.03 -15.52 2.41
N GLN A 129 -10.06 -15.09 3.15
CA GLN A 129 -9.92 -13.91 4.00
C GLN A 129 -8.80 -14.09 5.00
N LYS A 130 -8.62 -15.32 5.49
CA LYS A 130 -7.61 -15.57 6.51
C LYS A 130 -6.19 -15.71 5.95
N ILE A 131 -6.01 -15.97 4.65
CA ILE A 131 -4.68 -16.12 4.08
C ILE A 131 -4.37 -15.12 2.98
N HIS A 132 -5.26 -14.17 2.69
CA HIS A 132 -5.03 -13.33 1.52
C HIS A 132 -3.72 -12.58 1.60
N ASP A 133 -3.30 -12.20 2.83
CA ASP A 133 -2.08 -11.43 3.02
C ASP A 133 -0.82 -12.26 2.88
N LEU A 134 -0.97 -13.58 2.74
CA LEU A 134 0.15 -14.50 2.66
C LEU A 134 0.37 -15.04 1.26
N ILE A 135 -0.60 -14.87 0.38
CA ILE A 135 -0.52 -15.40 -0.97
C ILE A 135 -0.44 -14.21 -1.91
N GLY A 136 -0.29 -14.50 -3.19
CA GLY A 136 -0.19 -13.46 -4.19
C GLY A 136 0.46 -13.96 -5.43
N ILE A 137 0.28 -13.18 -6.50
CA ILE A 137 0.68 -13.58 -7.85
C ILE A 137 2.17 -13.91 -7.88
N HIS A 138 2.99 -13.13 -7.17
CA HIS A 138 4.43 -13.37 -7.14
C HIS A 138 4.93 -13.84 -5.77
N THR A 139 4.03 -14.40 -4.97
CA THR A 139 4.36 -14.86 -3.62
C THR A 139 3.99 -16.32 -3.41
N ASP A 140 2.74 -16.66 -3.65
CA ASP A 140 2.24 -18.01 -3.39
C ASP A 140 0.90 -18.17 -4.10
N VAL A 141 0.82 -19.12 -5.03
CA VAL A 141 -0.27 -19.23 -6.00
C VAL A 141 -0.94 -20.58 -5.81
N PRO A 142 -2.12 -20.63 -5.17
CA PRO A 142 -2.77 -21.92 -4.97
C PRO A 142 -3.40 -22.50 -6.23
N ALA A 143 -4.07 -23.61 -6.02
CA ALA A 143 -4.63 -24.45 -7.07
C ALA A 143 -5.50 -25.54 -6.43
N PRO A 144 -6.15 -26.39 -7.20
CA PRO A 144 -6.94 -27.47 -6.61
C PRO A 144 -6.04 -28.60 -6.10
N ASP A 145 -6.66 -29.49 -5.34
CA ASP A 145 -6.11 -30.77 -4.94
C ASP A 145 -7.32 -31.63 -4.57
N MET A 146 -7.13 -32.67 -3.74
CA MET A 146 -8.28 -33.50 -3.41
C MET A 146 -9.33 -32.64 -2.75
N GLY A 147 -10.58 -32.85 -3.15
CA GLY A 147 -11.69 -32.17 -2.52
C GLY A 147 -11.94 -30.76 -2.98
N THR A 148 -11.12 -30.21 -3.88
CA THR A 148 -11.35 -28.89 -4.44
C THR A 148 -11.29 -28.98 -5.95
N ASN A 149 -11.81 -27.95 -6.62
CA ASN A 149 -11.89 -27.98 -8.07
C ASN A 149 -11.92 -26.56 -8.61
N ALA A 150 -12.20 -26.44 -9.92
CA ALA A 150 -12.14 -25.11 -10.54
C ALA A 150 -13.15 -24.14 -9.91
N GLN A 151 -14.31 -24.65 -9.49
CA GLN A 151 -15.28 -23.78 -8.82
C GLN A 151 -14.72 -23.25 -7.50
N THR A 152 -14.04 -24.09 -6.73
CA THR A 152 -13.36 -23.61 -5.53
C THR A 152 -12.42 -22.45 -5.86
N MET A 153 -11.65 -22.59 -6.94
CA MET A 153 -10.65 -21.60 -7.28
C MET A 153 -11.32 -20.29 -7.69
N ALA A 154 -12.48 -20.39 -8.37
CA ALA A 154 -13.27 -19.20 -8.70
C ALA A 154 -13.59 -18.40 -7.45
N TRP A 155 -13.97 -19.10 -6.37
CA TRP A 155 -14.34 -18.39 -5.14
C TRP A 155 -13.12 -17.76 -4.49
N ILE A 156 -11.97 -18.43 -4.54
CA ILE A 156 -10.74 -17.84 -4.02
C ILE A 156 -10.40 -16.59 -4.81
N LEU A 157 -10.45 -16.68 -6.14
CA LEU A 157 -10.17 -15.52 -6.98
C LEU A 157 -11.10 -14.37 -6.61
N ASP A 158 -12.39 -14.66 -6.52
CA ASP A 158 -13.38 -13.60 -6.31
C ASP A 158 -13.16 -12.93 -4.96
N GLU A 159 -12.91 -13.72 -3.91
CA GLU A 159 -12.73 -13.15 -2.58
C GLU A 159 -11.38 -12.43 -2.47
N TYR A 160 -10.33 -13.02 -3.03
CA TYR A 160 -9.02 -12.40 -2.97
C TYR A 160 -9.06 -11.04 -3.64
N SER A 161 -9.81 -10.94 -4.75
CA SER A 161 -9.80 -9.72 -5.53
C SER A 161 -10.50 -8.58 -4.79
N LYS A 162 -11.30 -8.89 -3.78
CA LYS A 162 -11.86 -7.81 -2.95
C LYS A 162 -10.78 -7.10 -2.17
N PHE A 163 -9.75 -7.81 -1.73
CA PHE A 163 -8.66 -7.28 -0.95
C PHE A 163 -7.56 -6.67 -1.79
N HIS A 164 -7.30 -7.21 -3.00
CA HIS A 164 -6.13 -6.77 -3.74
C HIS A 164 -6.43 -6.37 -5.17
N GLY A 165 -7.69 -6.28 -5.55
CA GLY A 165 -8.06 -6.01 -6.92
C GLY A 165 -8.02 -7.30 -7.73
N HIS A 166 -8.59 -7.22 -8.90
CA HIS A 166 -8.70 -8.37 -9.79
C HIS A 166 -7.31 -8.98 -10.06
N SER A 167 -7.14 -10.24 -9.68
CA SER A 167 -5.82 -10.88 -9.65
C SER A 167 -5.94 -12.29 -10.22
N PRO A 168 -6.20 -12.42 -11.52
CA PRO A 168 -6.43 -13.76 -12.10
C PRO A 168 -5.30 -14.73 -11.86
N ALA A 169 -4.05 -14.26 -11.87
CA ALA A 169 -2.93 -15.17 -11.68
C ALA A 169 -2.69 -15.54 -10.20
N VAL A 170 -3.52 -15.13 -9.25
CA VAL A 170 -3.30 -15.52 -7.86
C VAL A 170 -3.64 -16.99 -7.62
N VAL A 171 -4.41 -17.62 -8.49
CA VAL A 171 -4.78 -19.01 -8.33
C VAL A 171 -4.84 -19.63 -9.72
N THR A 172 -4.51 -20.92 -9.80
CA THR A 172 -4.63 -21.65 -11.05
C THR A 172 -5.63 -22.79 -10.90
N GLY A 173 -5.88 -23.49 -12.00
CA GLY A 173 -7.01 -24.40 -12.08
C GLY A 173 -8.35 -23.69 -12.14
N LYS A 174 -8.37 -22.45 -12.62
CA LYS A 174 -9.59 -21.67 -12.69
C LYS A 174 -10.50 -22.17 -13.82
N PRO A 175 -11.80 -21.88 -13.74
CA PRO A 175 -12.67 -22.10 -14.91
C PRO A 175 -12.19 -21.28 -16.08
N ILE A 176 -12.37 -21.83 -17.28
CA ILE A 176 -11.95 -21.11 -18.49
C ILE A 176 -12.55 -19.72 -18.53
N ASP A 177 -13.81 -19.57 -18.12
CA ASP A 177 -14.44 -18.26 -18.25
C ASP A 177 -13.91 -17.23 -17.27
N LEU A 178 -13.16 -17.64 -16.25
CA LEU A 178 -12.50 -16.69 -15.36
C LEU A 178 -10.99 -16.71 -15.52
N GLY A 179 -10.51 -17.03 -16.71
CA GLY A 179 -9.10 -16.96 -16.99
C GLY A 179 -8.35 -18.25 -16.81
N GLY A 180 -9.03 -19.37 -16.67
CA GLY A 180 -8.35 -20.64 -16.65
C GLY A 180 -7.72 -20.95 -17.99
N SER A 181 -6.82 -21.92 -17.96
CA SER A 181 -6.14 -22.40 -19.16
C SER A 181 -6.84 -23.62 -19.73
N LEU A 182 -7.05 -23.60 -21.04
CA LEU A 182 -7.35 -24.84 -21.73
C LEU A 182 -6.26 -25.85 -21.41
N GLY A 183 -6.67 -27.10 -21.23
CA GLY A 183 -5.75 -28.17 -20.89
C GLY A 183 -5.49 -28.37 -19.40
N ARG A 184 -5.84 -27.40 -18.54
CA ARG A 184 -5.47 -27.57 -17.14
C ARG A 184 -6.32 -28.66 -16.46
N GLU A 185 -7.60 -28.77 -16.81
CA GLU A 185 -8.41 -29.79 -16.16
C GLU A 185 -7.82 -31.18 -16.36
N ALA A 186 -7.42 -31.49 -17.57
CA ALA A 186 -6.86 -32.80 -17.92
C ALA A 186 -5.37 -32.92 -17.66
N ALA A 187 -4.71 -31.87 -17.14
CA ALA A 187 -3.24 -31.80 -17.27
C ALA A 187 -2.54 -32.85 -16.44
N THR A 188 -3.02 -33.13 -15.23
CA THR A 188 -2.28 -34.12 -14.44
C THR A 188 -2.39 -35.50 -15.07
N GLY A 189 -3.62 -35.92 -15.44
CA GLY A 189 -3.77 -37.17 -16.15
C GLY A 189 -3.00 -37.22 -17.46
N ARG A 190 -3.00 -36.12 -18.22
N ARG A 190 -3.02 -36.12 -18.22
CA ARG A 190 -2.26 -36.14 -19.47
CA ARG A 190 -2.27 -36.10 -19.47
C ARG A 190 -0.76 -36.22 -19.22
C ARG A 190 -0.77 -36.22 -19.22
N GLY A 191 -0.26 -35.49 -18.23
CA GLY A 191 1.14 -35.63 -17.87
C GLY A 191 1.50 -37.03 -17.42
N VAL A 192 0.60 -37.69 -16.71
CA VAL A 192 0.82 -39.08 -16.31
C VAL A 192 0.97 -39.96 -17.55
N VAL A 193 0.18 -39.69 -18.59
CA VAL A 193 0.33 -40.43 -19.83
C VAL A 193 1.69 -40.16 -20.47
N PHE A 194 2.09 -38.89 -20.57
CA PHE A 194 3.39 -38.60 -21.16
C PHE A 194 4.52 -39.25 -20.35
N ALA A 195 4.41 -39.18 -19.01
CA ALA A 195 5.41 -39.79 -18.14
C ALA A 195 5.49 -41.28 -18.34
N THR A 196 4.32 -41.92 -18.40
CA THR A 196 4.25 -43.37 -18.62
C THR A 196 4.84 -43.74 -19.97
N GLU A 197 4.51 -42.96 -21.02
CA GLU A 197 5.09 -43.22 -22.34
C GLU A 197 6.61 -43.13 -22.31
N ALA A 198 7.15 -42.12 -21.64
CA ALA A 198 8.60 -41.94 -21.55
C ALA A 198 9.26 -43.14 -20.86
N LEU A 199 8.70 -43.55 -19.73
CA LEU A 199 9.24 -44.71 -19.02
C LEU A 199 9.15 -45.97 -19.88
N LEU A 200 7.96 -46.23 -20.44
CA LEU A 200 7.78 -47.46 -21.22
C LEU A 200 8.71 -47.51 -22.43
N ALA A 201 8.94 -46.39 -23.10
CA ALA A 201 9.80 -46.38 -24.27
C ALA A 201 11.24 -46.80 -23.95
N GLU A 202 11.68 -46.65 -22.69
CA GLU A 202 13.01 -47.17 -22.33
C GLU A 202 13.11 -48.67 -22.50
N TYR A 203 11.98 -49.37 -22.50
CA TYR A 203 11.90 -50.81 -22.68
C TYR A 203 11.37 -51.18 -24.06
N GLY A 204 11.18 -50.20 -24.93
CA GLY A 204 10.64 -50.48 -26.25
C GLY A 204 9.15 -50.67 -26.23
N LYS A 205 8.49 -50.35 -25.13
CA LYS A 205 7.08 -50.59 -24.94
C LYS A 205 6.28 -49.31 -25.14
N SER A 206 4.99 -49.50 -25.37
N SER A 206 4.98 -49.47 -25.35
CA SER A 206 4.00 -48.44 -25.49
CA SER A 206 4.08 -48.32 -25.34
C SER A 206 2.81 -48.73 -24.56
C SER A 206 2.80 -48.72 -24.61
N ILE A 207 1.97 -47.72 -24.36
CA ILE A 207 0.73 -47.95 -23.61
C ILE A 207 -0.14 -48.98 -24.30
N GLN A 208 -0.24 -48.91 -25.64
CA GLN A 208 -1.05 -49.79 -26.46
C GLN A 208 -0.90 -51.25 -26.05
N GLY A 209 -1.99 -51.83 -25.54
CA GLY A 209 -2.07 -53.23 -25.21
C GLY A 209 -1.68 -53.60 -23.79
N LEU A 210 -1.10 -52.68 -23.02
CA LEU A 210 -0.73 -53.04 -21.65
C LEU A 210 -1.94 -52.89 -20.74
N THR A 211 -1.87 -53.53 -19.59
CA THR A 211 -2.95 -53.46 -18.61
C THR A 211 -2.61 -52.49 -17.49
N PHE A 212 -3.63 -51.76 -17.02
CA PHE A 212 -3.47 -50.69 -16.05
C PHE A 212 -4.50 -50.84 -14.93
N VAL A 213 -4.08 -50.54 -13.70
CA VAL A 213 -4.95 -50.51 -12.54
C VAL A 213 -4.86 -49.11 -11.93
N ILE A 214 -6.02 -48.52 -11.65
N ILE A 214 -6.01 -48.52 -11.61
CA ILE A 214 -6.11 -47.13 -11.19
CA ILE A 214 -6.08 -47.13 -11.20
C ILE A 214 -6.80 -47.11 -9.84
C ILE A 214 -6.83 -47.01 -9.88
N GLN A 215 -6.20 -46.43 -8.88
CA GLN A 215 -6.83 -46.21 -7.58
C GLN A 215 -7.24 -44.75 -7.51
N GLY A 216 -8.54 -44.51 -7.38
CA GLY A 216 -9.07 -43.17 -7.38
C GLY A 216 -9.63 -42.81 -8.76
N PHE A 217 -10.70 -42.02 -8.76
CA PHE A 217 -11.41 -41.72 -10.00
C PHE A 217 -11.93 -40.29 -9.95
N GLY A 218 -11.07 -39.37 -9.55
CA GLY A 218 -11.39 -37.96 -9.49
C GLY A 218 -10.75 -37.19 -10.63
N ASN A 219 -10.27 -35.98 -10.35
CA ASN A 219 -9.67 -35.19 -11.41
C ASN A 219 -8.51 -35.93 -12.04
N VAL A 220 -7.67 -36.53 -11.22
CA VAL A 220 -6.50 -37.22 -11.74
C VAL A 220 -6.88 -38.57 -12.32
N GLY A 221 -7.58 -39.40 -11.54
CA GLY A 221 -7.86 -40.75 -11.98
C GLY A 221 -8.76 -40.83 -13.21
N THR A 222 -9.76 -39.95 -13.31
CA THR A 222 -10.62 -40.03 -14.51
C THR A 222 -9.83 -39.70 -15.76
N TRP A 223 -9.05 -38.62 -15.73
CA TRP A 223 -8.31 -38.22 -16.93
C TRP A 223 -7.17 -39.20 -17.23
N ALA A 224 -6.46 -39.71 -16.22
CA ALA A 224 -5.47 -40.76 -16.48
C ALA A 224 -6.11 -41.97 -17.14
N ALA A 225 -7.24 -42.42 -16.61
CA ALA A 225 -7.89 -43.62 -17.15
C ALA A 225 -8.40 -43.37 -18.55
N LYS A 226 -9.00 -42.21 -18.76
CA LYS A 226 -9.55 -41.89 -20.07
C LYS A 226 -8.45 -41.79 -21.12
N LEU A 227 -7.38 -41.08 -20.81
CA LEU A 227 -6.34 -40.85 -21.80
C LEU A 227 -5.49 -42.09 -22.01
N ILE A 228 -5.34 -42.91 -20.98
CA ILE A 228 -4.70 -44.22 -21.17
C ILE A 228 -5.56 -45.09 -22.07
N HIS A 229 -6.84 -45.16 -21.77
CA HIS A 229 -7.75 -45.92 -22.62
C HIS A 229 -7.68 -45.46 -24.07
N GLU A 230 -7.62 -44.16 -24.29
CA GLU A 230 -7.61 -43.65 -25.66
C GLU A 230 -6.27 -43.89 -26.36
N LYS A 231 -5.22 -44.16 -25.60
CA LYS A 231 -3.95 -44.62 -26.15
C LYS A 231 -3.88 -46.13 -26.29
N GLY A 232 -4.99 -46.83 -26.10
CA GLY A 232 -5.04 -48.26 -26.31
C GLY A 232 -4.69 -49.08 -25.10
N GLY A 233 -4.51 -48.47 -23.94
CA GLY A 233 -4.28 -49.24 -22.74
C GLY A 233 -5.57 -49.89 -22.27
N LYS A 234 -5.42 -51.03 -21.60
CA LYS A 234 -6.54 -51.79 -21.05
C LYS A 234 -6.60 -51.47 -19.55
N VAL A 235 -7.57 -50.68 -19.15
CA VAL A 235 -7.74 -50.36 -17.74
C VAL A 235 -8.61 -51.47 -17.15
N VAL A 236 -7.98 -52.36 -16.39
CA VAL A 236 -8.64 -53.57 -15.93
C VAL A 236 -9.24 -53.45 -14.55
N ALA A 237 -8.89 -52.45 -13.77
CA ALA A 237 -9.57 -52.25 -12.50
C ALA A 237 -9.47 -50.80 -12.11
N VAL A 238 -10.54 -50.31 -11.50
CA VAL A 238 -10.63 -48.93 -11.03
C VAL A 238 -11.34 -48.92 -9.69
N SER A 239 -10.88 -48.07 -8.76
CA SER A 239 -11.63 -47.88 -7.52
C SER A 239 -11.78 -46.40 -7.20
N ASP A 240 -12.70 -46.14 -6.29
CA ASP A 240 -12.78 -44.83 -5.65
C ASP A 240 -13.33 -45.08 -4.26
N ILE A 241 -13.74 -43.99 -3.58
CA ILE A 241 -14.18 -44.14 -2.21
C ILE A 241 -15.41 -45.02 -2.10
N THR A 242 -16.19 -45.15 -3.18
CA THR A 242 -17.43 -45.91 -3.13
C THR A 242 -17.27 -47.41 -3.38
N GLY A 243 -16.17 -47.83 -3.97
CA GLY A 243 -16.04 -49.22 -4.36
C GLY A 243 -15.06 -49.39 -5.51
N ALA A 244 -15.05 -50.62 -6.05
CA ALA A 244 -14.08 -50.97 -7.07
C ALA A 244 -14.74 -51.90 -8.09
N ILE A 245 -14.23 -51.84 -9.31
CA ILE A 245 -14.79 -52.54 -10.46
C ILE A 245 -13.62 -53.10 -11.25
N ARG A 246 -13.79 -54.29 -11.84
CA ARG A 246 -12.73 -54.86 -12.65
C ARG A 246 -13.32 -55.50 -13.91
N ASN A 247 -12.50 -55.52 -14.95
CA ASN A 247 -12.82 -56.25 -16.17
C ASN A 247 -11.48 -56.58 -16.82
N PRO A 248 -11.10 -57.86 -16.89
CA PRO A 248 -9.76 -58.19 -17.41
C PRO A 248 -9.62 -57.98 -18.90
N GLU A 249 -10.73 -57.80 -19.60
CA GLU A 249 -10.73 -57.37 -21.00
C GLU A 249 -10.50 -55.88 -21.16
N GLY A 250 -10.54 -55.11 -20.08
CA GLY A 250 -10.53 -53.66 -20.17
C GLY A 250 -11.88 -53.06 -19.92
N ILE A 251 -11.94 -52.06 -19.05
CA ILE A 251 -13.17 -51.33 -18.76
C ILE A 251 -13.36 -50.24 -19.80
N ASP A 252 -14.59 -50.11 -20.31
CA ASP A 252 -14.94 -48.95 -21.12
C ASP A 252 -14.97 -47.72 -20.22
N ILE A 253 -13.88 -46.97 -20.18
CA ILE A 253 -13.75 -45.84 -19.23
C ILE A 253 -14.77 -44.76 -19.54
N ASN A 254 -15.01 -44.47 -20.82
CA ASN A 254 -16.00 -43.43 -21.10
C ASN A 254 -17.37 -43.85 -20.61
N ALA A 255 -17.74 -45.12 -20.81
CA ALA A 255 -18.98 -45.59 -20.21
C ALA A 255 -18.94 -45.49 -18.70
N LEU A 256 -17.81 -45.86 -18.07
CA LEU A 256 -17.71 -45.79 -16.61
C LEU A 256 -17.88 -44.36 -16.12
N ILE A 257 -17.30 -43.39 -16.83
CA ILE A 257 -17.45 -41.99 -16.42
C ILE A 257 -18.92 -41.61 -16.45
N LYS A 258 -19.62 -41.97 -17.52
CA LYS A 258 -21.04 -41.67 -17.62
C LYS A 258 -21.81 -42.31 -16.46
N HIS A 259 -21.51 -43.57 -16.16
CA HIS A 259 -22.23 -44.28 -15.11
C HIS A 259 -21.96 -43.65 -13.75
N LYS A 260 -20.70 -43.33 -13.47
CA LYS A 260 -20.36 -42.70 -12.21
C LYS A 260 -21.11 -41.38 -12.03
N ASP A 261 -21.15 -40.56 -13.09
CA ASP A 261 -21.85 -39.29 -13.02
C ASP A 261 -23.34 -39.49 -12.81
N ALA A 262 -23.92 -40.52 -13.44
CA ALA A 262 -25.36 -40.74 -13.34
C ALA A 262 -25.75 -41.26 -11.97
N THR A 263 -24.94 -42.15 -11.39
CA THR A 263 -25.34 -42.87 -10.19
C THR A 263 -24.55 -42.47 -8.96
N GLY A 264 -23.37 -41.89 -9.14
CA GLY A 264 -22.46 -41.62 -8.04
C GLY A 264 -21.67 -42.82 -7.52
N SER A 265 -21.78 -43.99 -8.13
CA SER A 265 -21.06 -45.16 -7.67
C SER A 265 -20.38 -45.86 -8.84
N LEU A 266 -19.46 -46.78 -8.53
CA LEU A 266 -18.71 -47.54 -9.53
C LEU A 266 -19.16 -48.99 -9.69
N ASN A 267 -19.40 -49.71 -8.59
CA ASN A 267 -19.33 -51.18 -8.64
C ASN A 267 -20.60 -51.85 -9.15
N ASP A 268 -21.65 -51.09 -9.46
CA ASP A 268 -22.85 -51.59 -10.14
C ASP A 268 -22.79 -51.34 -11.64
N PHE A 269 -21.62 -50.98 -12.16
CA PHE A 269 -21.43 -50.74 -13.57
C PHE A 269 -21.67 -52.01 -14.37
N ASN A 270 -22.37 -51.88 -15.50
CA ASN A 270 -22.68 -53.05 -16.33
C ASN A 270 -21.43 -53.63 -16.98
N GLY A 271 -20.44 -52.80 -17.28
CA GLY A 271 -19.27 -53.24 -18.03
C GLY A 271 -18.11 -53.77 -17.20
N GLY A 272 -18.39 -54.22 -15.97
CA GLY A 272 -17.36 -54.78 -15.12
C GLY A 272 -17.99 -55.57 -13.99
N ASP A 273 -17.14 -56.14 -13.15
CA ASP A 273 -17.55 -56.88 -11.97
C ASP A 273 -17.11 -56.14 -10.72
N ALA A 274 -17.97 -56.06 -9.73
CA ALA A 274 -17.54 -55.52 -8.45
C ALA A 274 -16.37 -56.34 -7.93
N MET A 275 -15.46 -55.66 -7.23
CA MET A 275 -14.35 -56.30 -6.54
C MET A 275 -14.14 -55.59 -5.22
N ASN A 276 -13.51 -56.29 -4.30
N ASN A 276 -13.53 -56.29 -4.29
CA ASN A 276 -13.15 -55.70 -3.01
CA ASN A 276 -13.18 -55.68 -3.01
C ASN A 276 -12.13 -54.59 -3.22
C ASN A 276 -12.14 -54.59 -3.24
N SER A 277 -12.43 -53.39 -2.72
CA SER A 277 -11.53 -52.25 -2.91
C SER A 277 -10.15 -52.49 -2.33
N ASP A 278 -10.04 -53.37 -1.33
CA ASP A 278 -8.78 -53.54 -0.61
C ASP A 278 -7.85 -54.52 -1.30
N GLU A 279 -8.26 -55.13 -2.41
CA GLU A 279 -7.33 -55.85 -3.26
C GLU A 279 -7.13 -55.17 -4.62
N LEU A 280 -7.48 -53.89 -4.74
CA LEU A 280 -7.19 -53.19 -5.98
C LEU A 280 -5.68 -53.01 -6.17
N LEU A 281 -4.97 -52.55 -5.14
CA LEU A 281 -3.57 -52.20 -5.34
C LEU A 281 -2.71 -53.43 -5.64
N ILE A 282 -3.18 -54.63 -5.28
CA ILE A 282 -2.40 -55.84 -5.48
C ILE A 282 -2.89 -56.63 -6.70
N HIS A 283 -3.78 -56.04 -7.50
CA HIS A 283 -4.30 -56.65 -8.72
C HIS A 283 -3.19 -56.82 -9.76
N GLU A 284 -3.30 -57.89 -10.53
CA GLU A 284 -2.36 -58.11 -11.62
C GLU A 284 -2.49 -57.01 -12.68
N CYS A 285 -1.34 -56.50 -13.14
CA CYS A 285 -1.33 -55.51 -14.20
C CYS A 285 0.12 -55.29 -14.64
N ASP A 286 0.26 -54.66 -15.80
CA ASP A 286 1.56 -54.11 -16.20
C ASP A 286 1.88 -52.87 -15.38
N VAL A 287 0.93 -51.94 -15.27
CA VAL A 287 1.18 -50.64 -14.67
C VAL A 287 0.12 -50.35 -13.62
N LEU A 288 0.56 -50.05 -12.40
CA LEU A 288 -0.30 -49.64 -11.31
C LEU A 288 -0.16 -48.13 -11.14
N ILE A 289 -1.28 -47.41 -11.12
CA ILE A 289 -1.29 -45.96 -11.02
C ILE A 289 -2.16 -45.54 -9.85
N PRO A 290 -1.58 -45.31 -8.67
CA PRO A 290 -2.36 -44.75 -7.56
C PRO A 290 -2.68 -43.29 -7.84
N CYS A 291 -3.95 -42.93 -7.67
CA CYS A 291 -4.48 -41.61 -8.01
C CYS A 291 -5.35 -41.05 -6.90
N ALA A 292 -5.10 -41.47 -5.66
CA ALA A 292 -5.93 -41.07 -4.53
C ALA A 292 -5.04 -40.62 -3.40
N LEU A 293 -5.07 -41.30 -2.25
CA LEU A 293 -4.34 -40.81 -1.09
C LEU A 293 -2.87 -41.23 -1.12
N GLY A 294 -2.09 -40.59 -0.26
CA GLY A 294 -0.72 -41.00 -0.07
C GLY A 294 -0.58 -42.15 0.90
N GLY A 295 0.60 -42.79 0.87
CA GLY A 295 0.96 -43.82 1.84
C GLY A 295 0.22 -45.12 1.68
N VAL A 296 -0.42 -45.34 0.52
CA VAL A 296 -1.26 -46.51 0.34
C VAL A 296 -0.45 -47.75 -0.03
N LEU A 297 0.76 -47.59 -0.53
CA LEU A 297 1.70 -48.69 -0.74
C LEU A 297 2.71 -48.61 0.40
N ASN A 298 2.70 -49.61 1.27
CA ASN A 298 3.42 -49.53 2.54
C ASN A 298 3.94 -50.93 2.88
N LYS A 299 4.48 -51.07 4.09
CA LYS A 299 5.12 -52.34 4.44
C LYS A 299 4.12 -53.49 4.53
N GLU A 300 2.84 -53.19 4.74
CA GLU A 300 1.88 -54.29 4.89
C GLU A 300 1.48 -54.91 3.54
N ASN A 301 1.40 -54.13 2.46
CA ASN A 301 0.88 -54.67 1.20
C ASN A 301 1.90 -54.69 0.06
N ALA A 302 3.05 -54.04 0.21
CA ALA A 302 3.97 -53.91 -0.92
C ALA A 302 4.40 -55.27 -1.43
N GLY A 303 4.61 -56.23 -0.53
CA GLY A 303 5.05 -57.56 -0.92
C GLY A 303 4.08 -58.28 -1.83
N ASP A 304 2.81 -57.85 -1.83
CA ASP A 304 1.78 -58.49 -2.65
C ASP A 304 1.51 -57.76 -3.96
N VAL A 305 2.14 -56.61 -4.20
CA VAL A 305 1.95 -55.89 -5.46
C VAL A 305 2.41 -56.77 -6.63
N LYS A 306 1.59 -56.81 -7.68
CA LYS A 306 1.85 -57.66 -8.83
C LYS A 306 2.25 -56.87 -10.08
N ALA A 307 2.15 -55.55 -10.03
CA ALA A 307 2.47 -54.70 -11.16
C ALA A 307 3.95 -54.75 -11.49
N LYS A 308 4.29 -54.52 -12.76
CA LYS A 308 5.70 -54.42 -13.15
C LYS A 308 6.22 -53.00 -12.97
N PHE A 309 5.35 -52.03 -13.15
CA PHE A 309 5.65 -50.62 -13.04
C PHE A 309 4.61 -49.95 -12.15
N ILE A 310 5.06 -49.00 -11.35
CA ILE A 310 4.17 -48.11 -10.60
C ILE A 310 4.43 -46.71 -11.11
N VAL A 311 3.36 -46.00 -11.50
CA VAL A 311 3.46 -44.61 -11.91
C VAL A 311 2.67 -43.81 -10.88
N GLU A 312 3.36 -42.95 -10.14
CA GLU A 312 2.77 -42.25 -9.00
C GLU A 312 2.04 -41.00 -9.44
N ALA A 313 0.72 -41.10 -9.59
CA ALA A 313 -0.08 -39.94 -9.95
C ALA A 313 -0.50 -39.16 -8.70
N ALA A 314 -0.93 -39.89 -7.69
CA ALA A 314 -1.10 -39.34 -6.35
C ALA A 314 0.21 -38.77 -5.85
N ASN A 315 0.11 -37.84 -4.90
CA ASN A 315 1.29 -37.45 -4.14
C ASN A 315 1.60 -38.50 -3.09
N HIS A 316 2.89 -38.81 -2.98
CA HIS A 316 3.50 -39.80 -2.07
C HIS A 316 2.65 -41.04 -1.79
N PRO A 317 2.26 -41.79 -2.84
CA PRO A 317 1.51 -43.03 -2.63
C PRO A 317 2.34 -44.17 -2.08
N THR A 318 3.66 -44.14 -2.24
CA THR A 318 4.55 -45.24 -1.84
C THR A 318 5.51 -44.74 -0.75
N ASP A 319 5.52 -45.40 0.38
CA ASP A 319 6.48 -44.97 1.40
C ASP A 319 7.81 -45.67 1.23
N PRO A 320 8.84 -45.19 1.90
CA PRO A 320 10.18 -45.76 1.70
C PRO A 320 10.30 -47.23 2.07
N ASP A 321 9.53 -47.73 3.05
CA ASP A 321 9.49 -49.17 3.31
C ASP A 321 9.04 -49.93 2.08
N ALA A 322 7.94 -49.46 1.49
CA ALA A 322 7.43 -50.08 0.26
C ALA A 322 8.44 -49.98 -0.87
N ASP A 323 9.11 -48.84 -1.01
CA ASP A 323 10.12 -48.68 -2.05
C ASP A 323 11.15 -49.80 -1.98
N GLU A 324 11.62 -50.09 -0.76
CA GLU A 324 12.66 -51.11 -0.58
C GLU A 324 12.12 -52.49 -0.94
N ILE A 325 10.92 -52.82 -0.47
CA ILE A 325 10.31 -54.11 -0.75
C ILE A 325 10.09 -54.28 -2.25
N LEU A 326 9.58 -53.23 -2.90
CA LEU A 326 9.26 -53.29 -4.33
C LEU A 326 10.52 -53.35 -5.18
N SER A 327 11.58 -52.65 -4.75
CA SER A 327 12.85 -52.74 -5.45
C SER A 327 13.35 -54.17 -5.51
N LYS A 328 13.27 -54.90 -4.40
CA LYS A 328 13.78 -56.27 -4.40
C LYS A 328 12.94 -57.19 -5.26
N LYS A 329 11.68 -56.85 -5.48
CA LYS A 329 10.79 -57.58 -6.36
C LYS A 329 10.97 -57.21 -7.83
N GLY A 330 11.83 -56.24 -8.15
CA GLY A 330 12.05 -55.80 -9.50
C GLY A 330 11.04 -54.80 -10.02
N VAL A 331 10.22 -54.22 -9.15
CA VAL A 331 9.22 -53.26 -9.58
C VAL A 331 9.89 -51.91 -9.79
N ILE A 332 9.57 -51.26 -10.90
CA ILE A 332 10.14 -49.97 -11.26
C ILE A 332 9.10 -48.90 -10.95
N ILE A 333 9.51 -47.86 -10.21
CA ILE A 333 8.58 -46.85 -9.68
C ILE A 333 8.94 -45.49 -10.24
N LEU A 334 8.01 -44.91 -11.02
CA LEU A 334 8.18 -43.59 -11.56
C LEU A 334 7.63 -42.59 -10.55
N PRO A 335 8.46 -41.71 -10.00
CA PRO A 335 8.08 -40.98 -8.78
C PRO A 335 7.11 -39.84 -9.04
N ASP A 336 6.24 -39.64 -8.04
CA ASP A 336 5.28 -38.54 -8.00
C ASP A 336 5.83 -37.21 -8.49
N ILE A 337 6.98 -36.79 -7.95
CA ILE A 337 7.50 -35.46 -8.24
C ILE A 337 7.93 -35.29 -9.69
N TYR A 338 7.94 -36.37 -10.48
CA TYR A 338 7.98 -36.26 -11.93
C TYR A 338 6.62 -36.57 -12.55
N ALA A 339 6.05 -37.74 -12.21
CA ALA A 339 4.96 -38.26 -13.03
C ALA A 339 3.70 -37.41 -12.92
N ASN A 340 3.44 -36.80 -11.77
CA ASN A 340 2.19 -36.04 -11.61
C ASN A 340 2.39 -34.55 -11.85
N ALA A 341 3.57 -34.15 -12.32
CA ALA A 341 3.93 -32.73 -12.47
C ALA A 341 3.22 -32.04 -13.63
N GLY A 342 2.39 -32.78 -14.38
CA GLY A 342 1.63 -32.12 -15.44
C GLY A 342 0.70 -31.04 -14.91
N GLY A 343 0.12 -31.28 -13.75
CA GLY A 343 -0.79 -30.30 -13.18
C GLY A 343 -0.09 -28.99 -12.90
N VAL A 344 1.02 -29.04 -12.15
CA VAL A 344 1.69 -27.79 -11.79
C VAL A 344 2.37 -27.17 -12.99
N THR A 345 2.78 -28.00 -13.97
CA THR A 345 3.38 -27.42 -15.16
C THR A 345 2.34 -26.64 -15.97
N VAL A 346 1.13 -27.18 -16.13
CA VAL A 346 0.13 -26.42 -16.86
C VAL A 346 -0.39 -25.29 -16.00
N SER A 347 -0.37 -25.42 -14.67
CA SER A 347 -0.66 -24.26 -13.84
C SER A 347 0.33 -23.13 -14.12
N TYR A 348 1.61 -23.45 -14.28
CA TYR A 348 2.56 -22.43 -14.67
C TYR A 348 2.12 -21.77 -15.97
N PHE A 349 1.72 -22.57 -16.97
CA PHE A 349 1.29 -21.98 -18.23
C PHE A 349 0.06 -21.07 -18.03
N GLU A 350 -0.87 -21.48 -17.17
CA GLU A 350 -2.05 -20.66 -16.88
C GLU A 350 -1.65 -19.32 -16.29
N TRP A 351 -0.74 -19.36 -15.33
CA TRP A 351 -0.22 -18.18 -14.66
C TRP A 351 0.48 -17.28 -15.67
N VAL A 352 1.30 -17.86 -16.56
CA VAL A 352 1.92 -17.10 -17.64
C VAL A 352 0.86 -16.41 -18.50
N GLN A 353 -0.14 -17.18 -18.94
CA GLN A 353 -1.18 -16.60 -19.80
C GLN A 353 -1.89 -15.44 -19.10
N ASN A 354 -2.15 -15.59 -17.81
CA ASN A 354 -2.82 -14.52 -17.05
C ASN A 354 -1.93 -13.27 -16.96
N ILE A 355 -0.66 -13.44 -16.61
CA ILE A 355 0.17 -12.25 -16.49
C ILE A 355 0.45 -11.65 -17.85
N GLN A 356 0.44 -12.44 -18.94
CA GLN A 356 0.57 -11.94 -20.30
C GLN A 356 -0.71 -11.38 -20.85
N GLY A 357 -1.83 -11.60 -20.17
CA GLY A 357 -3.08 -11.02 -20.61
C GLY A 357 -3.71 -11.66 -21.82
N PHE A 358 -3.27 -12.86 -22.20
CA PHE A 358 -3.64 -13.40 -23.50
C PHE A 358 -3.56 -14.92 -23.42
N MET A 359 -4.65 -15.60 -23.76
CA MET A 359 -4.72 -17.04 -23.55
C MET A 359 -4.21 -17.80 -24.78
N TRP A 360 -3.69 -18.98 -24.52
CA TRP A 360 -3.17 -19.88 -25.54
C TRP A 360 -4.24 -20.86 -26.03
N GLU A 361 -4.02 -21.37 -27.24
CA GLU A 361 -4.77 -22.51 -27.74
C GLU A 361 -4.35 -23.79 -27.00
N GLU A 362 -5.30 -24.73 -26.88
CA GLU A 362 -5.01 -25.92 -26.09
C GLU A 362 -3.84 -26.70 -26.69
N GLU A 363 -3.71 -26.73 -28.00
CA GLU A 363 -2.65 -27.56 -28.57
C GLU A 363 -1.28 -27.01 -28.17
N LYS A 364 -1.15 -25.67 -28.07
CA LYS A 364 0.10 -25.10 -27.58
C LYS A 364 0.37 -25.51 -26.13
N VAL A 365 -0.66 -25.43 -25.26
CA VAL A 365 -0.51 -25.86 -23.87
C VAL A 365 0.01 -27.29 -23.80
N ASN A 366 -0.62 -28.19 -24.55
CA ASN A 366 -0.25 -29.60 -24.45
C ASN A 366 1.09 -29.93 -25.11
N LEU A 367 1.46 -29.21 -26.17
CA LEU A 367 2.79 -29.40 -26.75
C LEU A 367 3.85 -28.90 -25.80
N GLU A 368 3.59 -27.78 -25.12
CA GLU A 368 4.54 -27.33 -24.12
C GLU A 368 4.62 -28.30 -22.96
N LEU A 369 3.50 -28.83 -22.52
CA LEU A 369 3.54 -29.81 -21.46
C LEU A 369 4.42 -31.00 -21.86
N GLN A 370 4.19 -31.53 -23.05
N GLN A 370 4.24 -31.50 -23.07
CA GLN A 370 5.02 -32.65 -23.51
CA GLN A 370 5.01 -32.66 -23.50
C GLN A 370 6.50 -32.29 -23.48
C GLN A 370 6.50 -32.35 -23.64
N LYS A 371 6.84 -31.13 -24.04
CA LYS A 371 8.23 -30.71 -24.07
C LYS A 371 8.85 -30.69 -22.68
N TYR A 372 8.11 -30.14 -21.70
CA TYR A 372 8.64 -30.07 -20.34
C TYR A 372 8.82 -31.46 -19.75
N MET A 373 7.87 -32.36 -20.02
CA MET A 373 7.91 -33.69 -19.42
C MET A 373 9.04 -34.54 -20.03
N THR A 374 9.27 -34.38 -21.33
CA THR A 374 10.36 -35.09 -22.02
C THR A 374 11.70 -34.59 -21.51
N ARG A 375 11.83 -33.28 -21.30
N ARG A 375 11.83 -33.27 -21.37
CA ARG A 375 13.10 -32.74 -20.83
CA ARG A 375 13.04 -32.67 -20.81
C ARG A 375 13.36 -33.15 -19.39
C ARG A 375 13.32 -33.23 -19.43
N ALA A 376 12.33 -33.14 -18.54
CA ALA A 376 12.50 -33.55 -17.15
C ALA A 376 12.88 -35.01 -17.06
N PHE A 377 12.24 -35.89 -17.85
CA PHE A 377 12.63 -37.29 -17.78
C PHE A 377 14.10 -37.48 -18.15
N HIS A 378 14.56 -36.76 -19.16
CA HIS A 378 15.95 -36.88 -19.57
C HIS A 378 16.88 -36.43 -18.46
N ASN A 379 16.51 -35.35 -17.78
CA ASN A 379 17.36 -34.85 -16.70
C ASN A 379 17.37 -35.80 -15.51
N ILE A 380 16.24 -36.45 -15.24
CA ILE A 380 16.21 -37.48 -14.20
C ILE A 380 17.14 -38.63 -14.57
N LYS A 381 17.09 -39.08 -15.81
CA LYS A 381 17.94 -40.18 -16.24
C LYS A 381 19.41 -39.81 -16.11
N THR A 382 19.77 -38.56 -16.44
CA THR A 382 21.15 -38.10 -16.26
C THR A 382 21.60 -38.19 -14.81
N MET A 383 20.75 -37.73 -13.88
CA MET A 383 21.07 -37.84 -12.45
C MET A 383 21.17 -39.31 -12.03
N CYS A 384 20.28 -40.15 -12.53
CA CYS A 384 20.35 -41.58 -12.21
C CYS A 384 21.69 -42.17 -12.64
N HIS A 385 22.16 -41.80 -13.83
CA HIS A 385 23.42 -42.32 -14.33
C HIS A 385 24.61 -41.74 -13.55
N THR A 386 24.57 -40.45 -13.27
CA THR A 386 25.68 -39.82 -12.55
C THR A 386 25.85 -40.45 -11.17
N HIS A 387 24.74 -40.64 -10.47
CA HIS A 387 24.75 -41.02 -9.07
C HIS A 387 24.42 -42.49 -8.86
N SER A 388 24.28 -43.27 -9.93
CA SER A 388 23.93 -44.69 -9.86
C SER A 388 22.76 -44.94 -8.90
N CYS A 389 21.65 -44.23 -9.11
CA CYS A 389 20.51 -44.28 -8.21
C CYS A 389 19.22 -44.51 -8.99
N ASN A 390 18.16 -44.85 -8.25
CA ASN A 390 16.90 -45.22 -8.86
C ASN A 390 16.13 -43.97 -9.31
N LEU A 391 14.98 -44.16 -9.97
CA LEU A 391 14.28 -43.03 -10.56
C LEU A 391 13.85 -42.03 -9.50
N ARG A 392 13.34 -42.50 -8.35
CA ARG A 392 12.93 -41.55 -7.34
C ARG A 392 14.09 -40.66 -6.92
N MET A 393 15.26 -41.24 -6.69
CA MET A 393 16.42 -40.44 -6.25
C MET A 393 16.98 -39.60 -7.39
N GLY A 394 16.85 -40.03 -8.64
CA GLY A 394 17.21 -39.15 -9.75
C GLY A 394 16.37 -37.88 -9.75
N ALA A 395 15.06 -38.02 -9.53
CA ALA A 395 14.19 -36.85 -9.49
C ALA A 395 14.44 -36.02 -8.24
N PHE A 396 14.57 -36.68 -7.09
CA PHE A 396 14.78 -35.95 -5.85
C PHE A 396 16.09 -35.18 -5.89
N THR A 397 17.17 -35.80 -6.39
CA THR A 397 18.45 -35.08 -6.42
C THR A 397 18.42 -33.95 -7.44
N LEU A 398 17.72 -34.15 -8.57
CA LEU A 398 17.60 -33.07 -9.54
C LEU A 398 16.92 -31.85 -8.89
N GLY A 399 15.81 -32.10 -8.21
CA GLY A 399 15.07 -30.99 -7.61
C GLY A 399 15.83 -30.31 -6.49
N VAL A 400 16.35 -31.10 -5.55
CA VAL A 400 17.09 -30.54 -4.41
C VAL A 400 18.29 -29.73 -4.87
N ASN A 401 19.03 -30.25 -5.85
CA ASN A 401 20.21 -29.55 -6.34
C ASN A 401 19.84 -28.18 -6.91
N ARG A 402 18.77 -28.13 -7.69
CA ARG A 402 18.32 -26.87 -8.28
C ARG A 402 17.92 -25.89 -7.19
N VAL A 403 17.21 -26.37 -6.18
CA VAL A 403 16.79 -25.50 -5.07
C VAL A 403 18.01 -25.03 -4.29
N ALA A 404 18.95 -25.94 -4.01
CA ALA A 404 20.14 -25.54 -3.26
C ALA A 404 20.94 -24.49 -4.01
N ARG A 405 21.02 -24.62 -5.33
CA ARG A 405 21.78 -23.67 -6.12
C ARG A 405 21.16 -22.29 -6.06
N ALA A 406 19.84 -22.21 -6.23
CA ALA A 406 19.15 -20.92 -6.10
C ALA A 406 19.33 -20.31 -4.72
N THR A 407 19.20 -21.14 -3.67
CA THR A 407 19.41 -20.69 -2.29
C THR A 407 20.79 -20.08 -2.10
N GLN A 408 21.82 -20.76 -2.61
CA GLN A 408 23.18 -20.29 -2.40
C GLN A 408 23.45 -18.99 -3.13
N LEU A 409 22.85 -18.81 -4.31
CA LEU A 409 23.01 -17.56 -5.05
C LEU A 409 22.36 -16.41 -4.32
N ARG A 410 21.21 -16.65 -3.69
CA ARG A 410 20.54 -15.59 -2.93
C ARG A 410 21.31 -15.20 -1.69
N GLY A 411 21.97 -16.13 -1.04
CA GLY A 411 22.81 -15.78 0.08
C GLY A 411 22.03 -15.67 1.38
N TRP A 412 22.77 -15.34 2.44
CA TRP A 412 22.30 -15.52 3.79
C TRP A 412 22.44 -14.29 4.69
N GLU A 413 23.08 -13.22 4.23
CA GLU A 413 23.20 -12.05 5.09
C GLU A 413 21.84 -11.34 5.15
N ALA A 414 21.65 -10.57 6.23
CA ALA A 414 20.34 -9.96 6.48
C ALA A 414 20.05 -8.76 5.59
N ALA B 3 42.38 14.83 -17.93
CA ALA B 3 41.22 14.28 -17.14
C ALA B 3 40.13 15.35 -16.86
N MET B 4 39.24 15.56 -17.83
CA MET B 4 38.18 16.57 -17.75
C MET B 4 37.03 16.09 -16.86
N ASN B 5 36.33 17.04 -16.22
CA ASN B 5 35.18 16.65 -15.41
C ASN B 5 34.14 15.93 -16.27
N ALA B 6 33.69 14.76 -15.79
CA ALA B 6 32.84 13.88 -16.61
C ALA B 6 31.47 14.51 -16.89
N LEU B 7 30.90 15.22 -15.93
CA LEU B 7 29.60 15.85 -16.17
C LEU B 7 29.74 17.06 -17.09
N ALA B 8 30.79 17.86 -16.90
CA ALA B 8 31.08 18.95 -17.80
C ALA B 8 31.25 18.46 -19.23
N ALA B 9 31.96 17.35 -19.42
CA ALA B 9 32.17 16.81 -20.76
C ALA B 9 30.84 16.35 -21.36
N THR B 10 30.05 15.64 -20.57
CA THR B 10 28.77 15.15 -21.07
C THR B 10 27.80 16.30 -21.33
N ASN B 11 27.75 17.30 -20.44
CA ASN B 11 26.88 18.45 -20.72
C ASN B 11 27.33 19.23 -21.94
N ARG B 12 28.63 19.28 -22.21
CA ARG B 12 29.09 19.91 -23.44
C ARG B 12 28.52 19.20 -24.66
N ASN B 13 28.52 17.86 -24.63
CA ASN B 13 27.97 17.10 -25.75
C ASN B 13 26.46 17.29 -25.85
N PHE B 14 25.78 17.34 -24.71
CA PHE B 14 24.34 17.57 -24.72
C PHE B 14 24.00 18.96 -25.27
N ARG B 15 24.72 19.99 -24.83
N ARG B 15 24.70 19.99 -24.80
CA ARG B 15 24.43 21.32 -25.33
CA ARG B 15 24.48 21.32 -25.32
C ARG B 15 24.72 21.44 -26.82
C ARG B 15 24.66 21.35 -26.83
N HIS B 16 25.71 20.69 -27.33
CA HIS B 16 25.96 20.68 -28.76
C HIS B 16 24.80 20.02 -29.50
N ALA B 17 24.33 18.89 -28.99
CA ALA B 17 23.20 18.19 -29.61
C ALA B 17 21.94 19.05 -29.59
N SER B 18 21.70 19.72 -28.47
N SER B 18 21.70 19.73 -28.48
CA SER B 18 20.55 20.62 -28.36
CA SER B 18 20.54 20.60 -28.38
C SER B 18 20.60 21.72 -29.40
C SER B 18 20.60 21.73 -29.41
N ARG B 19 21.79 22.30 -29.62
CA ARG B 19 21.93 23.36 -30.62
C ARG B 19 21.70 22.83 -32.04
N ILE B 20 22.23 21.64 -32.35
CA ILE B 20 21.98 21.04 -33.66
C ILE B 20 20.49 20.87 -33.89
N LEU B 21 19.78 20.40 -32.87
CA LEU B 21 18.35 20.18 -32.99
C LEU B 21 17.56 21.48 -32.97
N GLY B 22 18.15 22.56 -32.48
CA GLY B 22 17.38 23.79 -32.32
C GLY B 22 16.44 23.74 -31.15
N LEU B 23 16.80 22.98 -30.10
CA LEU B 23 15.92 22.82 -28.94
C LEU B 23 15.59 24.15 -28.29
N ASP B 24 14.35 24.29 -27.86
CA ASP B 24 14.00 25.44 -27.04
C ASP B 24 14.82 25.42 -25.76
N SER B 25 15.26 26.59 -25.32
CA SER B 25 16.18 26.62 -24.19
C SER B 25 15.54 26.13 -22.88
N LYS B 26 14.22 26.29 -22.72
CA LYS B 26 13.59 25.82 -21.49
C LYS B 26 13.46 24.30 -21.48
N ILE B 27 13.19 23.71 -22.65
CA ILE B 27 13.19 22.26 -22.77
C ILE B 27 14.59 21.72 -22.55
N GLU B 28 15.60 22.36 -23.15
CA GLU B 28 16.97 21.96 -22.95
C GLU B 28 17.32 21.91 -21.47
N ARG B 29 16.99 22.97 -20.72
CA ARG B 29 17.33 23.00 -19.30
C ARG B 29 16.62 21.89 -18.55
N SER B 30 15.33 21.69 -18.84
CA SER B 30 14.62 20.60 -18.18
C SER B 30 15.28 19.26 -18.46
N LEU B 31 15.62 19.00 -19.72
CA LEU B 31 16.22 17.71 -20.04
C LEU B 31 17.57 17.52 -19.36
N MET B 32 18.33 18.59 -19.13
CA MET B 32 19.60 18.45 -18.43
C MET B 32 19.39 18.04 -16.98
N ILE B 33 18.47 18.70 -16.29
CA ILE B 33 18.24 18.50 -14.87
C ILE B 33 17.71 17.09 -14.60
N PRO B 34 18.38 16.31 -13.73
CA PRO B 34 17.83 15.00 -13.38
C PRO B 34 16.50 15.10 -12.66
N PHE B 35 15.64 14.13 -12.97
CA PHE B 35 14.40 13.92 -12.25
C PHE B 35 14.63 13.92 -10.75
N ARG B 36 15.58 13.11 -10.29
CA ARG B 36 15.86 12.96 -8.86
C ARG B 36 17.27 12.45 -8.63
N GLU B 37 18.02 13.09 -7.72
CA GLU B 37 19.32 12.61 -7.27
C GLU B 37 19.20 12.17 -5.82
N ILE B 38 19.72 10.99 -5.50
CA ILE B 38 19.62 10.41 -4.17
C ILE B 38 21.03 10.06 -3.72
N LYS B 39 21.38 10.49 -2.52
CA LYS B 39 22.61 10.09 -1.83
C LYS B 39 22.21 9.53 -0.49
N VAL B 40 22.66 8.31 -0.16
CA VAL B 40 22.28 7.64 1.09
C VAL B 40 23.50 7.12 1.84
N GLU B 41 23.45 7.20 3.17
CA GLU B 41 24.48 6.55 3.98
C GLU B 41 24.32 5.03 3.92
N CYS B 42 25.43 4.33 3.66
CA CYS B 42 25.48 2.88 3.69
C CYS B 42 26.57 2.45 4.66
N THR B 43 26.18 2.08 5.87
CA THR B 43 27.13 1.71 6.93
C THR B 43 26.92 0.25 7.27
N ILE B 44 28.00 -0.52 7.28
CA ILE B 44 27.92 -1.94 7.60
C ILE B 44 28.97 -2.27 8.65
N PRO B 45 28.74 -3.35 9.40
CA PRO B 45 29.85 -3.97 10.12
C PRO B 45 30.72 -4.79 9.18
N LYS B 46 32.02 -4.63 9.35
CA LYS B 46 32.97 -5.49 8.67
C LYS B 46 32.99 -6.88 9.35
N ASP B 47 33.68 -7.82 8.71
CA ASP B 47 33.72 -9.16 9.26
C ASP B 47 34.26 -9.17 10.69
N ASP B 48 35.13 -8.23 11.03
CA ASP B 48 35.68 -8.16 12.38
C ASP B 48 34.82 -7.32 13.31
N GLY B 49 33.64 -6.90 12.87
CA GLY B 49 32.69 -6.16 13.67
C GLY B 49 32.85 -4.65 13.63
N THR B 50 33.94 -4.13 13.07
CA THR B 50 34.13 -2.69 13.08
C THR B 50 33.28 -2.06 11.98
N LEU B 51 32.82 -0.84 12.24
CA LEU B 51 31.93 -0.18 11.28
C LEU B 51 32.72 0.48 10.17
N VAL B 52 32.12 0.50 9.00
CA VAL B 52 32.61 1.29 7.87
C VAL B 52 31.39 1.94 7.24
N SER B 53 31.53 3.20 6.85
CA SER B 53 30.44 3.98 6.27
C SER B 53 30.82 4.37 4.85
N TYR B 54 29.91 4.11 3.94
CA TYR B 54 30.02 4.54 2.56
C TYR B 54 28.84 5.41 2.21
N ILE B 55 28.98 6.13 1.11
CA ILE B 55 27.87 6.89 0.55
C ILE B 55 27.46 6.27 -0.77
N GLY B 56 26.20 5.90 -0.87
CA GLY B 56 25.63 5.36 -2.09
C GLY B 56 24.84 6.42 -2.84
N PHE B 57 24.82 6.26 -4.15
CA PHE B 57 24.21 7.21 -5.08
C PHE B 57 23.25 6.48 -6.01
N ARG B 58 22.10 7.11 -6.28
CA ARG B 58 21.29 6.70 -7.42
C ARG B 58 20.78 7.99 -8.04
N VAL B 59 21.25 8.29 -9.23
CA VAL B 59 20.76 9.43 -9.97
C VAL B 59 19.73 8.94 -10.97
N GLN B 60 18.52 9.44 -10.86
CA GLN B 60 17.42 9.10 -11.75
C GLN B 60 17.29 10.27 -12.71
N HIS B 61 17.86 10.12 -13.91
CA HIS B 61 17.99 11.31 -14.75
C HIS B 61 16.70 11.64 -15.50
N ASP B 62 16.10 10.69 -16.21
CA ASP B 62 14.93 11.02 -17.01
C ASP B 62 14.04 9.79 -17.15
N ASN B 63 12.72 9.98 -16.97
CA ASN B 63 11.78 8.87 -17.11
C ASN B 63 10.69 9.16 -18.11
N ALA B 64 10.90 10.06 -19.07
CA ALA B 64 9.83 10.38 -20.01
C ALA B 64 9.43 9.18 -20.86
N ARG B 65 10.39 8.32 -21.20
CA ARG B 65 10.16 7.24 -22.14
C ARG B 65 9.88 5.91 -21.45
N GLY B 66 9.99 5.85 -20.14
CA GLY B 66 9.64 4.64 -19.43
C GLY B 66 10.39 4.54 -18.14
N PRO B 67 10.34 3.37 -17.51
CA PRO B 67 11.15 3.13 -16.31
C PRO B 67 12.62 3.44 -16.55
N MET B 68 13.27 3.97 -15.53
CA MET B 68 14.65 4.32 -15.69
C MET B 68 15.51 3.07 -15.63
N LYS B 69 16.69 3.17 -16.24
CA LYS B 69 17.54 2.02 -16.47
C LYS B 69 19.01 2.44 -16.39
N GLY B 70 19.78 1.67 -15.65
CA GLY B 70 21.22 1.85 -15.64
C GLY B 70 21.85 1.11 -14.48
N GLY B 71 23.15 0.83 -14.62
CA GLY B 71 23.83 -0.04 -13.69
C GLY B 71 24.26 0.64 -12.41
N ILE B 72 24.89 -0.17 -11.57
CA ILE B 72 25.46 0.24 -10.29
C ILE B 72 26.95 -0.02 -10.33
N ARG B 73 27.76 1.01 -10.08
CA ARG B 73 29.20 0.92 -10.14
C ARG B 73 29.77 0.92 -8.73
N TYR B 74 30.59 -0.06 -8.41
CA TYR B 74 31.41 -0.05 -7.20
C TYR B 74 32.84 0.24 -7.64
N HIS B 75 33.30 1.47 -7.39
CA HIS B 75 34.62 1.89 -7.83
C HIS B 75 35.05 3.09 -7.01
N PRO B 76 36.32 3.21 -6.63
CA PRO B 76 36.71 4.28 -5.71
C PRO B 76 36.50 5.68 -6.24
N GLU B 77 36.39 5.86 -7.56
CA GLU B 77 36.22 7.20 -8.13
C GLU B 77 34.76 7.56 -8.32
N VAL B 78 33.82 6.69 -7.95
CA VAL B 78 32.40 7.05 -8.02
C VAL B 78 32.18 8.30 -7.18
N ASP B 79 31.54 9.30 -7.77
CA ASP B 79 31.17 10.53 -7.08
C ASP B 79 29.97 11.12 -7.81
N PRO B 80 29.36 12.16 -7.25
CA PRO B 80 28.12 12.64 -7.88
C PRO B 80 28.28 13.05 -9.33
N ASP B 81 29.38 13.70 -9.69
CA ASP B 81 29.54 14.13 -11.08
C ASP B 81 29.59 12.93 -12.02
N GLU B 82 30.32 11.87 -11.64
CA GLU B 82 30.39 10.69 -12.49
C GLU B 82 29.03 10.00 -12.62
N VAL B 83 28.33 9.81 -11.50
CA VAL B 83 27.04 9.15 -11.56
C VAL B 83 26.05 9.99 -12.37
N ASN B 84 26.08 11.31 -12.18
CA ASN B 84 25.20 12.17 -12.97
C ASN B 84 25.52 12.04 -14.46
N ALA B 85 26.80 12.03 -14.82
CA ALA B 85 27.16 11.92 -16.23
C ALA B 85 26.71 10.58 -16.83
N LEU B 86 26.93 9.50 -16.08
CA LEU B 86 26.53 8.17 -16.54
C LEU B 86 25.02 8.06 -16.67
N ALA B 87 24.28 8.66 -15.73
CA ALA B 87 22.82 8.59 -15.75
C ALA B 87 22.26 9.30 -16.97
N GLN B 88 22.82 10.48 -17.30
CA GLN B 88 22.37 11.23 -18.46
C GLN B 88 22.65 10.44 -19.72
N LEU B 89 23.82 9.84 -19.81
CA LEU B 89 24.13 9.03 -20.97
C LEU B 89 23.15 7.85 -21.12
N MET B 90 22.72 7.24 -20.00
CA MET B 90 21.73 6.17 -20.10
C MET B 90 20.44 6.65 -20.72
N THR B 91 20.05 7.90 -20.44
CA THR B 91 18.81 8.43 -21.04
C THR B 91 18.94 8.48 -22.54
N TRP B 92 20.08 8.94 -23.05
CA TRP B 92 20.23 9.04 -24.49
C TRP B 92 20.42 7.67 -25.12
N LYS B 93 21.11 6.77 -24.42
CA LYS B 93 21.42 5.43 -24.94
C LYS B 93 20.16 4.59 -25.09
N THR B 94 19.28 4.65 -24.09
CA THR B 94 18.02 3.90 -24.20
C THR B 94 17.17 4.44 -25.34
N ALA B 95 17.24 5.75 -25.56
CA ALA B 95 16.49 6.33 -26.66
C ALA B 95 17.07 5.94 -28.01
N VAL B 96 18.41 5.97 -28.14
CA VAL B 96 19.05 5.52 -29.37
C VAL B 96 18.69 4.08 -29.67
N ALA B 97 18.72 3.23 -28.65
CA ALA B 97 18.37 1.82 -28.82
C ALA B 97 16.89 1.63 -29.14
N ASP B 98 16.06 2.64 -28.89
CA ASP B 98 14.62 2.53 -29.08
C ASP B 98 14.04 1.45 -28.18
N ILE B 99 14.47 1.44 -26.91
CA ILE B 99 13.89 0.58 -25.89
C ILE B 99 13.11 1.49 -24.94
N PRO B 100 12.06 0.98 -24.31
CA PRO B 100 11.10 1.85 -23.61
C PRO B 100 11.54 2.10 -22.17
N TYR B 101 12.67 2.77 -22.03
CA TYR B 101 13.32 3.07 -20.76
C TYR B 101 13.81 4.51 -20.79
N GLY B 102 13.91 5.11 -19.60
CA GLY B 102 14.70 6.29 -19.37
C GLY B 102 16.05 5.92 -18.76
N GLY B 103 16.72 6.91 -18.18
CA GLY B 103 18.10 6.75 -17.75
C GLY B 103 18.27 7.00 -16.26
N ALA B 104 19.07 6.13 -15.63
CA ALA B 104 19.54 6.29 -14.26
C ALA B 104 20.90 5.62 -14.13
N LYS B 105 21.56 5.86 -12.99
CA LYS B 105 22.82 5.20 -12.68
C LYS B 105 23.02 5.29 -11.17
N GLY B 106 23.70 4.30 -10.60
CA GLY B 106 24.02 4.35 -9.19
C GLY B 106 25.43 3.88 -8.94
N GLY B 107 25.87 4.00 -7.69
CA GLY B 107 27.20 3.55 -7.38
C GLY B 107 27.52 3.79 -5.94
N ILE B 108 28.62 3.20 -5.53
CA ILE B 108 29.23 3.39 -4.22
C ILE B 108 30.71 3.59 -4.42
N GLY B 109 31.26 4.63 -3.82
CA GLY B 109 32.69 4.84 -3.81
C GLY B 109 33.36 3.87 -2.88
N CYS B 110 33.80 2.75 -3.42
CA CYS B 110 34.45 1.73 -2.63
C CYS B 110 35.37 0.95 -3.55
N SER B 111 36.24 0.16 -2.93
CA SER B 111 37.15 -0.75 -3.63
C SER B 111 36.72 -2.18 -3.37
N PRO B 112 35.98 -2.81 -4.27
CA PRO B 112 35.51 -4.17 -3.99
C PRO B 112 36.60 -5.13 -3.69
N ARG B 113 37.78 -4.97 -4.31
CA ARG B 113 38.86 -5.92 -4.07
C ARG B 113 39.31 -5.92 -2.62
N ASP B 114 39.03 -4.86 -1.87
CA ASP B 114 39.42 -4.73 -0.47
C ASP B 114 38.35 -5.24 0.49
N LEU B 115 37.19 -5.65 -0.01
CA LEU B 115 36.10 -6.14 0.84
C LEU B 115 35.94 -7.64 0.64
N SER B 116 35.56 -8.34 1.70
CA SER B 116 35.29 -9.76 1.59
C SER B 116 33.95 -9.97 0.90
N LEU B 117 33.69 -11.21 0.46
CA LEU B 117 32.40 -11.48 -0.17
C LEU B 117 31.25 -11.20 0.78
N SER B 118 31.39 -11.52 2.08
CA SER B 118 30.30 -11.25 3.01
C SER B 118 30.11 -9.74 3.23
N GLU B 119 31.21 -8.98 3.25
CA GLU B 119 31.11 -7.53 3.37
C GLU B 119 30.46 -6.91 2.14
N LEU B 120 30.82 -7.38 0.93
CA LEU B 120 30.16 -6.92 -0.29
C LEU B 120 28.68 -7.22 -0.27
N GLU B 121 28.30 -8.37 0.24
CA GLU B 121 26.90 -8.74 0.32
C GLU B 121 26.16 -7.84 1.32
N ARG B 122 26.72 -7.64 2.52
CA ARG B 122 26.08 -6.73 3.46
C ARG B 122 25.96 -5.34 2.87
N LEU B 123 27.01 -4.85 2.22
CA LEU B 123 26.97 -3.51 1.65
C LEU B 123 25.89 -3.39 0.58
N THR B 124 25.81 -4.40 -0.29
CA THR B 124 24.79 -4.42 -1.33
C THR B 124 23.38 -4.46 -0.73
N ARG B 125 23.19 -5.28 0.31
CA ARG B 125 21.87 -5.36 0.92
C ARG B 125 21.49 -4.06 1.61
N VAL B 126 22.44 -3.41 2.31
CA VAL B 126 22.11 -2.15 2.97
C VAL B 126 21.79 -1.07 1.94
N PHE B 127 22.58 -1.00 0.87
CA PHE B 127 22.29 -0.07 -0.21
C PHE B 127 20.88 -0.31 -0.76
N THR B 128 20.51 -1.59 -0.94
CA THR B 128 19.16 -1.92 -1.40
C THR B 128 18.10 -1.45 -0.39
N GLN B 129 18.32 -1.71 0.90
CA GLN B 129 17.42 -1.20 1.95
C GLN B 129 17.26 0.31 1.86
N LYS B 130 18.32 1.02 1.45
CA LYS B 130 18.25 2.47 1.47
C LYS B 130 17.63 3.04 0.20
N ILE B 131 17.52 2.27 -0.88
CA ILE B 131 16.94 2.79 -2.11
C ILE B 131 15.71 2.00 -2.57
N HIS B 132 15.27 0.99 -1.81
CA HIS B 132 14.21 0.13 -2.34
C HIS B 132 12.95 0.92 -2.64
N ASP B 133 12.66 1.95 -1.86
CA ASP B 133 11.42 2.69 -2.07
C ASP B 133 11.47 3.57 -3.29
N LEU B 134 12.64 3.75 -3.87
CA LEU B 134 12.81 4.67 -4.97
C LEU B 134 13.05 3.95 -6.29
N ILE B 135 13.20 2.62 -6.28
CA ILE B 135 13.38 1.85 -7.51
C ILE B 135 12.15 0.96 -7.68
N GLY B 136 12.11 0.18 -8.74
CA GLY B 136 10.97 -0.69 -8.97
C GLY B 136 10.88 -1.12 -10.41
N ILE B 137 10.11 -2.18 -10.62
CA ILE B 137 9.99 -2.80 -11.95
C ILE B 137 9.57 -1.77 -12.99
N HIS B 138 8.65 -0.86 -12.62
CA HIS B 138 8.17 0.14 -13.56
C HIS B 138 8.63 1.54 -13.23
N THR B 139 9.69 1.64 -12.44
CA THR B 139 10.18 2.93 -11.95
C THR B 139 11.66 3.12 -12.29
N ASP B 140 12.49 2.17 -11.86
CA ASP B 140 13.94 2.28 -12.02
C ASP B 140 14.54 0.90 -11.80
N VAL B 141 15.23 0.37 -12.81
CA VAL B 141 15.68 -1.01 -12.83
C VAL B 141 17.20 -1.07 -12.94
N PRO B 142 17.92 -1.40 -11.86
CA PRO B 142 19.38 -1.41 -11.97
C PRO B 142 19.93 -2.64 -12.66
N ALA B 143 21.25 -2.76 -12.64
CA ALA B 143 22.00 -3.75 -13.38
C ALA B 143 23.45 -3.63 -12.95
N PRO B 144 24.35 -4.48 -13.44
CA PRO B 144 25.76 -4.33 -13.10
C PRO B 144 26.41 -3.18 -13.85
N ASP B 145 27.59 -2.81 -13.38
CA ASP B 145 28.51 -1.90 -14.05
C ASP B 145 29.90 -2.26 -13.52
N MET B 146 30.85 -1.35 -13.58
CA MET B 146 32.17 -1.71 -13.07
C MET B 146 32.06 -2.07 -11.59
N GLY B 147 32.71 -3.16 -11.22
CA GLY B 147 32.78 -3.58 -9.83
C GLY B 147 31.60 -4.36 -9.31
N THR B 148 30.58 -4.59 -10.13
CA THR B 148 29.43 -5.40 -9.74
C THR B 148 29.18 -6.43 -10.85
N ASN B 149 28.39 -7.45 -10.54
CA ASN B 149 28.20 -8.58 -11.47
C ASN B 149 26.89 -9.26 -11.11
N ALA B 150 26.66 -10.43 -11.72
CA ALA B 150 25.36 -11.09 -11.53
C ALA B 150 25.12 -11.46 -10.07
N GLN B 151 26.18 -11.81 -9.35
CA GLN B 151 26.01 -12.12 -7.94
C GLN B 151 25.57 -10.89 -7.15
N THR B 152 26.10 -9.71 -7.48
CA THR B 152 25.62 -8.49 -6.82
C THR B 152 24.13 -8.33 -7.05
N MET B 153 23.68 -8.60 -8.27
CA MET B 153 22.27 -8.39 -8.60
C MET B 153 21.38 -9.39 -7.86
N ALA B 154 21.86 -10.61 -7.68
CA ALA B 154 21.13 -11.59 -6.88
C ALA B 154 20.85 -11.07 -5.47
N TRP B 155 21.84 -10.44 -4.84
CA TRP B 155 21.65 -9.88 -3.51
C TRP B 155 20.66 -8.70 -3.52
N ILE B 156 20.71 -7.85 -4.55
CA ILE B 156 19.73 -6.78 -4.67
C ILE B 156 18.32 -7.36 -4.80
N LEU B 157 18.15 -8.31 -5.72
CA LEU B 157 16.87 -8.97 -5.88
C LEU B 157 16.38 -9.56 -4.58
N ASP B 158 17.25 -10.29 -3.88
CA ASP B 158 16.83 -11.00 -2.67
C ASP B 158 16.40 -10.02 -1.58
N GLU B 159 17.16 -8.94 -1.41
CA GLU B 159 16.84 -7.98 -0.35
C GLU B 159 15.61 -7.16 -0.74
N TYR B 160 15.56 -6.70 -1.99
CA TYR B 160 14.41 -5.94 -2.46
C TYR B 160 13.13 -6.73 -2.29
N SER B 161 13.17 -8.02 -2.57
CA SER B 161 11.97 -8.84 -2.51
C SER B 161 11.44 -9.00 -1.09
N LYS B 162 12.26 -8.76 -0.07
CA LYS B 162 11.74 -8.74 1.29
C LYS B 162 10.75 -7.60 1.49
N PHE B 163 11.00 -6.46 0.84
CA PHE B 163 10.14 -5.29 0.97
C PHE B 163 8.96 -5.32 0.03
N HIS B 164 9.07 -6.00 -1.11
CA HIS B 164 8.04 -5.87 -2.14
C HIS B 164 7.56 -7.18 -2.71
N GLY B 165 7.92 -8.31 -2.13
CA GLY B 165 7.64 -9.59 -2.75
C GLY B 165 8.62 -9.87 -3.87
N HIS B 166 8.62 -11.12 -4.31
CA HIS B 166 9.49 -11.56 -5.39
C HIS B 166 9.29 -10.69 -6.62
N SER B 167 10.38 -10.07 -7.06
CA SER B 167 10.35 -9.03 -8.09
C SER B 167 11.52 -9.22 -9.05
N PRO B 168 11.52 -10.32 -9.82
CA PRO B 168 12.66 -10.58 -10.72
C PRO B 168 13.00 -9.43 -11.64
N ALA B 169 12.00 -8.71 -12.17
CA ALA B 169 12.28 -7.62 -13.10
C ALA B 169 12.80 -6.34 -12.44
N VAL B 170 13.01 -6.34 -11.13
CA VAL B 170 13.51 -5.12 -10.51
C VAL B 170 14.98 -4.86 -10.83
N VAL B 171 15.75 -5.88 -11.24
CA VAL B 171 17.16 -5.72 -11.60
C VAL B 171 17.41 -6.66 -12.76
N THR B 172 18.35 -6.26 -13.63
CA THR B 172 18.77 -7.12 -14.73
C THR B 172 20.25 -7.49 -14.58
N GLY B 173 20.76 -8.33 -15.49
CA GLY B 173 22.04 -8.95 -15.24
C GLY B 173 22.03 -10.01 -14.15
N LYS B 174 20.86 -10.58 -13.86
CA LYS B 174 20.78 -11.59 -12.83
C LYS B 174 21.46 -12.88 -13.29
N PRO B 175 21.84 -13.75 -12.34
CA PRO B 175 22.21 -15.11 -12.69
C PRO B 175 21.05 -15.82 -13.39
N ILE B 176 21.40 -16.71 -14.32
CA ILE B 176 20.37 -17.46 -15.05
C ILE B 176 19.45 -18.21 -14.10
N ASP B 177 20.02 -18.79 -13.04
CA ASP B 177 19.20 -19.51 -12.06
C ASP B 177 18.30 -18.63 -11.21
N LEU B 178 18.41 -17.30 -11.27
CA LEU B 178 17.44 -16.46 -10.60
C LEU B 178 16.68 -15.57 -11.57
N GLY B 179 16.45 -16.02 -12.80
CA GLY B 179 15.66 -15.25 -13.73
C GLY B 179 16.47 -14.38 -14.67
N GLY B 180 17.78 -14.58 -14.74
CA GLY B 180 18.57 -13.86 -15.70
C GLY B 180 18.29 -14.35 -17.10
N SER B 181 18.71 -13.55 -18.07
CA SER B 181 18.52 -13.87 -19.48
C SER B 181 19.78 -14.54 -20.03
N LEU B 182 19.58 -15.63 -20.77
CA LEU B 182 20.65 -16.12 -21.62
C LEU B 182 21.10 -14.97 -22.50
N GLY B 183 22.41 -14.89 -22.74
CA GLY B 183 22.94 -13.81 -23.53
C GLY B 183 23.32 -12.54 -22.80
N ARG B 184 22.82 -12.31 -21.57
CA ARG B 184 23.08 -11.00 -20.98
C ARG B 184 24.54 -10.84 -20.56
N GLU B 185 25.15 -11.91 -20.03
CA GLU B 185 26.56 -11.81 -19.63
C GLU B 185 27.44 -11.32 -20.79
N ALA B 186 27.25 -11.87 -21.99
CA ALA B 186 28.07 -11.48 -23.14
C ALA B 186 27.54 -10.28 -23.91
N ALA B 187 26.41 -9.68 -23.50
CA ALA B 187 25.68 -8.80 -24.41
C ALA B 187 26.46 -7.55 -24.78
N THR B 188 27.17 -6.93 -23.83
CA THR B 188 27.79 -5.67 -24.19
C THR B 188 28.94 -5.90 -25.17
N GLY B 189 29.76 -6.91 -24.91
CA GLY B 189 30.82 -7.27 -25.87
C GLY B 189 30.26 -7.73 -27.22
N ARG B 190 29.19 -8.53 -27.20
N ARG B 190 29.21 -8.54 -27.20
CA ARG B 190 28.58 -8.96 -28.45
CA ARG B 190 28.58 -8.95 -28.44
C ARG B 190 27.98 -7.78 -29.21
C ARG B 190 28.02 -7.76 -29.20
N GLY B 191 27.34 -6.85 -28.49
CA GLY B 191 26.87 -5.64 -29.13
C GLY B 191 27.98 -4.79 -29.71
N VAL B 192 29.11 -4.72 -29.01
CA VAL B 192 30.28 -4.02 -29.55
C VAL B 192 30.70 -4.63 -30.87
N VAL B 193 30.69 -5.94 -30.96
CA VAL B 193 31.02 -6.59 -32.22
C VAL B 193 30.02 -6.21 -33.30
N PHE B 194 28.72 -6.31 -32.99
CA PHE B 194 27.72 -5.92 -33.99
C PHE B 194 27.91 -4.47 -34.39
N ALA B 195 28.19 -3.59 -33.43
CA ALA B 195 28.34 -2.17 -33.73
C ALA B 195 29.54 -1.94 -34.62
N THR B 196 30.65 -2.60 -34.32
CA THR B 196 31.85 -2.51 -35.14
C THR B 196 31.60 -3.00 -36.56
N GLU B 197 30.88 -4.13 -36.69
CA GLU B 197 30.61 -4.68 -38.02
C GLU B 197 29.74 -3.73 -38.84
N ALA B 198 28.74 -3.11 -38.19
CA ALA B 198 27.92 -2.12 -38.87
C ALA B 198 28.77 -0.98 -39.40
N LEU B 199 29.63 -0.41 -38.55
CA LEU B 199 30.50 0.69 -38.96
C LEU B 199 31.45 0.28 -40.07
N LEU B 200 32.18 -0.82 -39.88
CA LEU B 200 33.16 -1.24 -40.87
C LEU B 200 32.53 -1.51 -42.22
N ALA B 201 31.29 -2.00 -42.22
CA ALA B 201 30.60 -2.28 -43.47
C ALA B 201 30.42 -1.02 -44.31
N GLU B 202 30.23 0.13 -43.67
CA GLU B 202 30.15 1.39 -44.42
C GLU B 202 31.42 1.64 -45.21
N TYR B 203 32.54 1.06 -44.80
CA TYR B 203 33.79 1.17 -45.52
C TYR B 203 34.14 -0.10 -46.29
N GLY B 204 33.15 -0.97 -46.51
CA GLY B 204 33.43 -2.23 -47.18
C GLY B 204 34.45 -3.07 -46.45
N LYS B 205 34.51 -2.97 -45.12
CA LYS B 205 35.46 -3.68 -44.29
C LYS B 205 34.72 -4.63 -43.35
N SER B 206 35.47 -5.57 -42.77
CA SER B 206 34.93 -6.47 -41.75
C SER B 206 36.00 -6.75 -40.72
N ILE B 207 35.63 -7.48 -39.67
CA ILE B 207 36.52 -7.66 -38.53
C ILE B 207 37.71 -8.52 -38.91
N GLN B 208 37.51 -9.56 -39.72
CA GLN B 208 38.56 -10.51 -40.07
C GLN B 208 39.82 -9.80 -40.54
N GLY B 209 40.93 -10.09 -39.87
CA GLY B 209 42.24 -9.61 -40.23
C GLY B 209 42.58 -8.21 -39.75
N LEU B 210 41.62 -7.46 -39.23
CA LEU B 210 41.95 -6.18 -38.63
C LEU B 210 42.56 -6.39 -37.24
N THR B 211 43.31 -5.39 -36.79
CA THR B 211 43.93 -5.42 -35.48
C THR B 211 43.16 -4.54 -34.52
N PHE B 212 43.10 -4.99 -33.27
CA PHE B 212 42.27 -4.39 -32.24
C PHE B 212 43.10 -4.22 -30.99
N VAL B 213 42.89 -3.11 -30.31
CA VAL B 213 43.48 -2.84 -29.00
C VAL B 213 42.34 -2.59 -28.02
N ILE B 214 42.42 -3.20 -26.85
CA ILE B 214 41.34 -3.22 -25.87
C ILE B 214 41.87 -2.79 -24.51
N GLN B 215 41.28 -1.75 -23.94
CA GLN B 215 41.63 -1.32 -22.58
C GLN B 215 40.55 -1.78 -21.60
N GLY B 216 40.95 -2.60 -20.64
CA GLY B 216 40.01 -3.21 -19.72
C GLY B 216 39.72 -4.65 -20.11
N PHE B 217 39.58 -5.53 -19.12
CA PHE B 217 39.41 -6.96 -19.39
C PHE B 217 38.44 -7.54 -18.38
N GLY B 218 37.28 -6.89 -18.22
CA GLY B 218 36.25 -7.39 -17.33
C GLY B 218 35.08 -7.92 -18.13
N ASN B 219 33.86 -7.64 -17.68
CA ASN B 219 32.70 -8.18 -18.36
C ASN B 219 32.66 -7.74 -19.82
N VAL B 220 32.93 -6.46 -20.07
CA VAL B 220 32.87 -5.92 -21.42
C VAL B 220 34.11 -6.32 -22.21
N GLY B 221 35.30 -6.06 -21.65
CA GLY B 221 36.54 -6.29 -22.38
C GLY B 221 36.80 -7.76 -22.73
N THR B 222 36.53 -8.67 -21.80
CA THR B 222 36.75 -10.08 -22.13
C THR B 222 35.84 -10.52 -23.26
N TRP B 223 34.54 -10.21 -23.18
CA TRP B 223 33.63 -10.67 -24.22
C TRP B 223 33.89 -9.98 -25.54
N ALA B 224 34.23 -8.70 -25.52
CA ALA B 224 34.59 -8.03 -26.77
C ALA B 224 35.80 -8.69 -27.41
N ALA B 225 36.87 -8.87 -26.63
CA ALA B 225 38.09 -9.50 -27.15
C ALA B 225 37.81 -10.92 -27.66
N LYS B 226 37.05 -11.70 -26.89
CA LYS B 226 36.80 -13.08 -27.25
C LYS B 226 36.01 -13.16 -28.55
N LEU B 227 34.96 -12.37 -28.68
CA LEU B 227 34.12 -12.47 -29.87
C LEU B 227 34.78 -11.81 -31.09
N ILE B 228 35.56 -10.75 -30.89
CA ILE B 228 36.35 -10.21 -32.00
C ILE B 228 37.34 -11.26 -32.49
N HIS B 229 38.08 -11.87 -31.57
CA HIS B 229 39.03 -12.94 -31.91
C HIS B 229 38.34 -14.04 -32.70
N GLU B 230 37.18 -14.48 -32.24
CA GLU B 230 36.46 -15.56 -32.91
C GLU B 230 35.89 -15.14 -34.25
N LYS B 231 35.80 -13.84 -34.52
CA LYS B 231 35.48 -13.34 -35.85
C LYS B 231 36.73 -13.10 -36.70
N GLY B 232 37.88 -13.60 -36.26
CA GLY B 232 39.12 -13.46 -37.00
C GLY B 232 39.87 -12.17 -36.75
N GLY B 233 39.42 -11.34 -35.83
CA GLY B 233 40.18 -10.15 -35.49
C GLY B 233 41.43 -10.50 -34.71
N LYS B 234 42.47 -9.70 -34.91
CA LYS B 234 43.73 -9.87 -34.19
C LYS B 234 43.77 -8.86 -33.05
N VAL B 235 43.63 -9.34 -31.82
CA VAL B 235 43.66 -8.49 -30.65
C VAL B 235 45.14 -8.39 -30.25
N VAL B 236 45.77 -7.26 -30.58
CA VAL B 236 47.21 -7.17 -30.43
C VAL B 236 47.65 -6.61 -29.09
N ALA B 237 46.74 -6.04 -28.31
CA ALA B 237 47.12 -5.56 -26.98
C ALA B 237 45.89 -5.43 -26.09
N VAL B 238 46.08 -5.75 -24.82
CA VAL B 238 45.03 -5.77 -23.81
C VAL B 238 45.63 -5.26 -22.50
N SER B 239 44.86 -4.45 -21.78
CA SER B 239 45.28 -4.07 -20.43
C SER B 239 44.11 -4.22 -19.45
N ASP B 240 44.46 -4.28 -18.18
CA ASP B 240 43.48 -4.06 -17.12
C ASP B 240 44.19 -3.35 -15.98
N ILE B 241 43.60 -3.41 -14.79
CA ILE B 241 44.18 -2.63 -13.70
C ILE B 241 45.55 -3.17 -13.32
N THR B 242 45.85 -4.43 -13.65
CA THR B 242 47.11 -5.06 -13.22
C THR B 242 48.26 -4.85 -14.19
N GLY B 243 48.02 -4.50 -15.43
CA GLY B 243 49.10 -4.37 -16.39
C GLY B 243 48.59 -4.49 -17.81
N ALA B 244 49.54 -4.61 -18.74
CA ALA B 244 49.19 -4.70 -20.15
C ALA B 244 50.07 -5.73 -20.83
N ILE B 245 49.52 -6.36 -21.86
CA ILE B 245 50.19 -7.40 -22.62
C ILE B 245 49.95 -7.13 -24.09
N ARG B 246 50.97 -7.42 -24.93
CA ARG B 246 50.82 -7.23 -26.37
C ARG B 246 51.37 -8.43 -27.13
N ASN B 247 50.84 -8.63 -28.32
CA ASN B 247 51.43 -9.58 -29.26
C ASN B 247 51.06 -9.08 -30.65
N PRO B 248 52.01 -8.58 -31.43
CA PRO B 248 51.66 -7.99 -32.74
C PRO B 248 51.11 -9.00 -33.72
N GLU B 249 51.26 -10.28 -33.44
CA GLU B 249 50.66 -11.33 -34.25
C GLU B 249 49.25 -11.69 -33.78
N GLY B 250 48.83 -11.14 -32.66
CA GLY B 250 47.53 -11.46 -32.11
C GLY B 250 47.67 -12.29 -30.86
N ILE B 251 46.92 -11.92 -29.86
CA ILE B 251 46.88 -12.64 -28.59
C ILE B 251 45.81 -13.72 -28.67
N ASP B 252 46.15 -14.92 -28.19
CA ASP B 252 45.18 -15.99 -27.98
C ASP B 252 44.30 -15.60 -26.79
N ILE B 253 43.13 -15.02 -27.07
CA ILE B 253 42.30 -14.45 -26.01
C ILE B 253 41.78 -15.54 -25.08
N ASN B 254 41.44 -16.70 -25.61
CA ASN B 254 40.94 -17.73 -24.71
C ASN B 254 42.02 -18.19 -23.75
N ALA B 255 43.26 -18.29 -24.22
CA ALA B 255 44.36 -18.62 -23.33
C ALA B 255 44.62 -17.50 -22.32
N LEU B 256 44.48 -16.25 -22.75
CA LEU B 256 44.64 -15.14 -21.82
C LEU B 256 43.57 -15.18 -20.73
N ILE B 257 42.33 -15.48 -21.11
CA ILE B 257 41.26 -15.56 -20.12
C ILE B 257 41.58 -16.64 -19.09
N LYS B 258 42.06 -17.80 -19.55
CA LYS B 258 42.44 -18.86 -18.63
C LYS B 258 43.56 -18.42 -17.71
N HIS B 259 44.55 -17.73 -18.27
CA HIS B 259 45.66 -17.27 -17.47
C HIS B 259 45.21 -16.25 -16.43
N LYS B 260 44.41 -15.27 -16.83
CA LYS B 260 43.95 -14.26 -15.88
C LYS B 260 43.16 -14.91 -14.75
N ASP B 261 42.28 -15.85 -15.09
CA ASP B 261 41.51 -16.51 -14.05
C ASP B 261 42.40 -17.33 -13.13
N ALA B 262 43.48 -17.91 -13.66
CA ALA B 262 44.38 -18.72 -12.87
C ALA B 262 45.28 -17.88 -11.97
N THR B 263 45.77 -16.75 -12.49
CA THR B 263 46.82 -16.00 -11.80
C THR B 263 46.37 -14.66 -11.25
N GLY B 264 45.24 -14.14 -11.74
CA GLY B 264 44.79 -12.81 -11.39
C GLY B 264 45.52 -11.67 -12.08
N SER B 265 46.41 -11.95 -13.03
CA SER B 265 47.15 -10.90 -13.70
C SER B 265 47.25 -11.20 -15.19
N LEU B 266 47.66 -10.18 -15.95
CA LEU B 266 47.86 -10.23 -17.39
C LEU B 266 49.32 -10.32 -17.83
N ASN B 267 50.22 -9.50 -17.30
CA ASN B 267 51.44 -9.23 -18.08
C ASN B 267 52.54 -10.27 -17.88
N ASP B 268 52.28 -11.37 -17.14
CA ASP B 268 53.15 -12.55 -17.13
C ASP B 268 52.64 -13.64 -18.07
N PHE B 269 51.70 -13.30 -18.95
CA PHE B 269 51.17 -14.26 -19.91
C PHE B 269 52.29 -14.76 -20.81
N ASN B 270 52.36 -16.09 -20.99
CA ASN B 270 53.40 -16.64 -21.83
C ASN B 270 53.17 -16.38 -23.32
N GLY B 271 51.96 -15.97 -23.69
CA GLY B 271 51.63 -15.81 -25.08
C GLY B 271 51.71 -14.37 -25.55
N GLY B 272 52.37 -13.53 -24.76
CA GLY B 272 52.56 -12.15 -25.16
C GLY B 272 53.69 -11.55 -24.36
N ASP B 273 53.88 -10.25 -24.56
CA ASP B 273 54.97 -9.48 -23.94
C ASP B 273 54.36 -8.34 -23.13
N ALA B 274 54.88 -8.13 -21.93
CA ALA B 274 54.44 -6.98 -21.13
C ALA B 274 54.73 -5.67 -21.85
N MET B 275 53.82 -4.71 -21.71
CA MET B 275 54.03 -3.36 -22.21
C MET B 275 53.51 -2.39 -21.15
N ASN B 276 54.00 -1.15 -21.22
CA ASN B 276 53.53 -0.03 -20.40
C ASN B 276 52.04 0.22 -20.62
N SER B 277 51.23 -0.03 -19.60
CA SER B 277 49.79 0.16 -19.75
C SER B 277 49.42 1.62 -20.06
N ASP B 278 50.33 2.58 -19.79
CA ASP B 278 50.09 3.99 -20.09
C ASP B 278 50.18 4.31 -21.57
N GLU B 279 50.73 3.39 -22.37
CA GLU B 279 50.83 3.54 -23.81
C GLU B 279 49.82 2.69 -24.57
N LEU B 280 48.95 1.95 -23.85
CA LEU B 280 47.96 1.10 -24.49
C LEU B 280 47.10 1.90 -25.48
N LEU B 281 46.57 3.04 -25.05
CA LEU B 281 45.57 3.73 -25.87
C LEU B 281 46.15 4.28 -27.16
N ILE B 282 47.47 4.49 -27.23
CA ILE B 282 48.08 5.04 -28.44
C ILE B 282 48.71 3.96 -29.30
N HIS B 283 48.47 2.69 -29.00
CA HIS B 283 49.05 1.56 -29.72
C HIS B 283 48.52 1.53 -31.17
N GLU B 284 49.38 1.08 -32.09
CA GLU B 284 48.97 0.98 -33.49
C GLU B 284 47.86 -0.07 -33.61
N CYS B 285 46.84 0.23 -34.42
CA CYS B 285 45.76 -0.72 -34.67
C CYS B 285 44.81 -0.14 -35.71
N ASP B 286 43.93 -1.00 -36.21
CA ASP B 286 42.81 -0.51 -36.99
C ASP B 286 41.74 0.07 -36.07
N VAL B 287 41.42 -0.64 -34.99
CA VAL B 287 40.30 -0.29 -34.13
C VAL B 287 40.74 -0.30 -32.66
N LEU B 288 40.51 0.81 -31.99
CA LEU B 288 40.75 0.95 -30.55
C LEU B 288 39.43 0.86 -29.81
N ILE B 289 39.37 -0.01 -28.81
CA ILE B 289 38.14 -0.21 -28.05
C ILE B 289 38.41 0.00 -26.55
N PRO B 290 38.18 1.20 -26.02
CA PRO B 290 38.24 1.38 -24.56
C PRO B 290 37.09 0.65 -23.87
N CYS B 291 37.43 -0.14 -22.85
CA CYS B 291 36.48 -1.00 -22.13
C CYS B 291 36.63 -0.85 -20.61
N ALA B 292 37.15 0.29 -20.13
CA ALA B 292 37.36 0.53 -18.71
C ALA B 292 36.77 1.87 -18.29
N LEU B 293 37.61 2.79 -17.83
CA LEU B 293 37.12 4.04 -17.28
C LEU B 293 36.79 5.05 -18.38
N GLY B 294 36.02 6.09 -17.99
CA GLY B 294 35.76 7.20 -18.87
C GLY B 294 36.83 8.26 -18.87
N GLY B 295 36.77 9.13 -19.88
CA GLY B 295 37.65 10.29 -19.91
C GLY B 295 39.10 9.98 -20.22
N VAL B 296 39.39 8.76 -20.66
CA VAL B 296 40.78 8.35 -20.84
C VAL B 296 41.42 8.84 -22.15
N LEU B 297 40.60 9.17 -23.14
CA LEU B 297 41.07 9.88 -24.33
C LEU B 297 40.73 11.37 -24.15
N ASN B 298 41.76 12.20 -24.10
CA ASN B 298 41.61 13.58 -23.65
C ASN B 298 42.61 14.43 -24.42
N LYS B 299 42.68 15.72 -24.07
CA LYS B 299 43.53 16.63 -24.83
C LYS B 299 45.01 16.25 -24.79
N GLU B 300 45.43 15.48 -23.79
CA GLU B 300 46.86 15.20 -23.65
C GLU B 300 47.33 14.04 -24.54
N ASN B 301 46.49 13.04 -24.79
CA ASN B 301 46.91 11.89 -25.59
C ASN B 301 46.21 11.75 -26.94
N ALA B 302 45.09 12.45 -27.17
CA ALA B 302 44.35 12.20 -28.41
C ALA B 302 45.24 12.38 -29.64
N GLY B 303 46.16 13.33 -29.58
CA GLY B 303 47.01 13.59 -30.73
C GLY B 303 47.92 12.43 -31.08
N ASP B 304 48.14 11.51 -30.16
CA ASP B 304 49.03 10.38 -30.37
C ASP B 304 48.30 9.10 -30.77
N VAL B 305 46.97 9.11 -30.79
CA VAL B 305 46.23 7.90 -31.11
C VAL B 305 46.58 7.46 -32.52
N LYS B 306 46.75 6.16 -32.70
CA LYS B 306 47.11 5.61 -33.99
C LYS B 306 45.99 4.81 -34.63
N ALA B 307 44.92 4.57 -33.90
CA ALA B 307 43.79 3.85 -34.47
C ALA B 307 43.14 4.64 -35.60
N LYS B 308 42.56 3.90 -36.53
CA LYS B 308 41.73 4.52 -37.55
C LYS B 308 40.29 4.67 -37.10
N PHE B 309 39.82 3.73 -36.29
CA PHE B 309 38.47 3.74 -35.72
C PHE B 309 38.59 3.59 -34.21
N ILE B 310 37.75 4.32 -33.49
CA ILE B 310 37.56 4.11 -32.06
C ILE B 310 36.12 3.68 -31.84
N VAL B 311 35.95 2.57 -31.14
CA VAL B 311 34.63 2.06 -30.77
C VAL B 311 34.51 2.13 -29.25
N GLU B 312 33.56 2.94 -28.76
CA GLU B 312 33.47 3.23 -27.32
C GLU B 312 32.63 2.17 -26.63
N ALA B 313 33.31 1.19 -26.04
CA ALA B 313 32.61 0.19 -25.22
C ALA B 313 32.42 0.70 -23.80
N ALA B 314 33.45 1.31 -23.24
CA ALA B 314 33.32 2.05 -22.00
C ALA B 314 32.32 3.19 -22.16
N ASN B 315 31.76 3.62 -21.03
CA ASN B 315 31.00 4.86 -21.02
C ASN B 315 31.94 6.06 -21.02
N HIS B 316 31.61 7.03 -21.87
CA HIS B 316 32.35 8.28 -22.09
C HIS B 316 33.87 8.20 -22.00
N PRO B 317 34.51 7.32 -22.80
CA PRO B 317 35.97 7.26 -22.79
C PRO B 317 36.65 8.43 -23.47
N THR B 318 35.95 9.13 -24.36
CA THR B 318 36.54 10.22 -25.13
C THR B 318 35.87 11.52 -24.75
N ASP B 319 36.65 12.50 -24.35
CA ASP B 319 36.09 13.79 -24.00
C ASP B 319 36.04 14.68 -25.23
N PRO B 320 35.33 15.80 -25.14
CA PRO B 320 35.12 16.62 -26.34
C PRO B 320 36.37 17.25 -26.90
N ASP B 321 37.39 17.54 -26.09
CA ASP B 321 38.65 18.01 -26.65
C ASP B 321 39.24 16.96 -27.57
N ALA B 322 39.32 15.73 -27.07
CA ALA B 322 39.86 14.63 -27.86
C ALA B 322 39.05 14.41 -29.13
N ASP B 323 37.72 14.53 -29.04
CA ASP B 323 36.86 14.39 -30.23
C ASP B 323 37.32 15.30 -31.36
N GLU B 324 37.58 16.58 -31.05
CA GLU B 324 37.98 17.53 -32.08
C GLU B 324 39.37 17.19 -32.61
N ILE B 325 40.32 16.92 -31.71
CA ILE B 325 41.65 16.51 -32.15
C ILE B 325 41.53 15.32 -33.10
N LEU B 326 40.81 14.29 -32.68
CA LEU B 326 40.73 13.06 -33.45
C LEU B 326 40.02 13.26 -34.77
N SER B 327 39.02 14.13 -34.79
CA SER B 327 38.36 14.42 -36.07
C SER B 327 39.32 15.05 -37.05
N LYS B 328 40.19 15.94 -36.56
CA LYS B 328 41.19 16.56 -37.43
C LYS B 328 42.13 15.51 -38.00
N LYS B 329 42.40 14.46 -37.25
CA LYS B 329 43.27 13.37 -37.71
C LYS B 329 42.54 12.35 -38.56
N GLY B 330 41.24 12.50 -38.77
CA GLY B 330 40.53 11.56 -39.60
C GLY B 330 40.12 10.29 -38.91
N VAL B 331 40.19 10.26 -37.57
CA VAL B 331 39.77 9.10 -36.79
C VAL B 331 38.26 9.11 -36.66
N ILE B 332 37.63 7.97 -36.92
CA ILE B 332 36.18 7.79 -36.84
C ILE B 332 35.85 7.20 -35.48
N ILE B 333 34.90 7.82 -34.77
CA ILE B 333 34.57 7.41 -33.40
C ILE B 333 33.12 6.99 -33.34
N LEU B 334 32.91 5.71 -33.06
CA LEU B 334 31.58 5.17 -32.85
C LEU B 334 31.20 5.37 -31.39
N PRO B 335 30.16 6.16 -31.10
CA PRO B 335 29.95 6.63 -29.74
C PRO B 335 29.40 5.58 -28.79
N ASP B 336 29.79 5.74 -27.52
CA ASP B 336 29.33 4.91 -26.42
C ASP B 336 27.83 4.68 -26.44
N ILE B 337 27.04 5.75 -26.61
CA ILE B 337 25.61 5.58 -26.48
C ILE B 337 24.98 4.79 -27.61
N TYR B 338 25.75 4.44 -28.65
CA TYR B 338 25.33 3.37 -29.55
C TYR B 338 26.12 2.09 -29.31
N ALA B 339 27.46 2.18 -29.29
CA ALA B 339 28.26 0.97 -29.42
C ALA B 339 28.16 0.05 -28.21
N ASN B 340 27.93 0.59 -27.01
CA ASN B 340 27.88 -0.25 -25.83
C ASN B 340 26.45 -0.58 -25.41
N ALA B 341 25.48 -0.24 -26.25
CA ALA B 341 24.06 -0.39 -25.88
C ALA B 341 23.58 -1.83 -25.93
N GLY B 342 24.40 -2.79 -26.36
CA GLY B 342 23.97 -4.17 -26.29
C GLY B 342 23.63 -4.63 -24.89
N GLY B 343 24.33 -4.10 -23.87
CA GLY B 343 24.04 -4.49 -22.53
C GLY B 343 22.64 -4.06 -22.11
N VAL B 344 22.33 -2.77 -22.28
CA VAL B 344 21.00 -2.31 -21.83
C VAL B 344 19.91 -2.89 -22.72
N THR B 345 20.21 -3.16 -23.98
CA THR B 345 19.22 -3.77 -24.87
C THR B 345 18.89 -5.18 -24.41
N VAL B 346 19.90 -5.99 -24.06
CA VAL B 346 19.55 -7.32 -23.60
C VAL B 346 18.97 -7.28 -22.17
N SER B 347 19.33 -6.25 -21.38
CA SER B 347 18.63 -6.01 -20.12
C SER B 347 17.14 -5.79 -20.34
N TYR B 348 16.79 -5.01 -21.36
CA TYR B 348 15.37 -4.85 -21.71
C TYR B 348 14.75 -6.21 -22.00
N PHE B 349 15.44 -7.04 -22.78
CA PHE B 349 14.91 -8.37 -23.07
C PHE B 349 14.74 -9.19 -21.80
N GLU B 350 15.69 -9.06 -20.85
CA GLU B 350 15.58 -9.82 -19.61
C GLU B 350 14.35 -9.39 -18.84
N TRP B 351 14.18 -8.08 -18.75
CA TRP B 351 13.03 -7.48 -18.09
C TRP B 351 11.72 -7.94 -18.73
N VAL B 352 11.65 -7.90 -20.06
CA VAL B 352 10.49 -8.43 -20.79
C VAL B 352 10.23 -9.89 -20.41
N GLN B 353 11.27 -10.73 -20.44
CA GLN B 353 11.08 -12.12 -20.07
C GLN B 353 10.53 -12.27 -18.66
N ASN B 354 11.08 -11.50 -17.71
CA ASN B 354 10.61 -11.56 -16.33
C ASN B 354 9.16 -11.11 -16.21
N ILE B 355 8.81 -9.98 -16.83
CA ILE B 355 7.42 -9.54 -16.66
C ILE B 355 6.44 -10.43 -17.41
N GLN B 356 6.88 -11.13 -18.46
CA GLN B 356 6.06 -12.11 -19.15
C GLN B 356 6.08 -13.48 -18.48
N GLY B 357 6.90 -13.66 -17.46
CA GLY B 357 6.99 -14.90 -16.72
C GLY B 357 7.55 -16.07 -17.49
N PHE B 358 8.27 -15.83 -18.59
CA PHE B 358 8.65 -16.90 -19.51
C PHE B 358 9.94 -16.53 -20.24
N MET B 359 10.96 -17.38 -20.17
CA MET B 359 12.27 -17.02 -20.66
C MET B 359 12.46 -17.44 -22.12
N TRP B 360 13.38 -16.74 -22.81
CA TRP B 360 13.75 -16.98 -24.20
C TRP B 360 14.97 -17.87 -24.31
N GLU B 361 15.08 -18.53 -25.45
CA GLU B 361 16.32 -19.14 -25.89
C GLU B 361 17.37 -18.10 -26.25
N GLU B 362 18.65 -18.47 -26.11
CA GLU B 362 19.71 -17.49 -26.37
C GLU B 362 19.70 -17.04 -27.81
N GLU B 363 19.39 -17.94 -28.75
CA GLU B 363 19.39 -17.57 -30.16
C GLU B 363 18.44 -16.41 -30.41
N LYS B 364 17.26 -16.44 -29.77
CA LYS B 364 16.31 -15.34 -29.93
C LYS B 364 16.87 -14.04 -29.35
N VAL B 365 17.44 -14.11 -28.14
CA VAL B 365 18.06 -12.94 -27.52
C VAL B 365 19.05 -12.30 -28.48
N ASN B 366 19.96 -13.12 -29.04
CA ASN B 366 21.05 -12.55 -29.83
C ASN B 366 20.56 -12.11 -31.21
N LEU B 367 19.56 -12.78 -31.77
CA LEU B 367 18.99 -12.29 -33.03
C LEU B 367 18.30 -10.94 -32.84
N GLU B 368 17.54 -10.79 -31.75
CA GLU B 368 16.91 -9.51 -31.46
C GLU B 368 17.95 -8.44 -31.18
N LEU B 369 19.02 -8.79 -30.46
CA LEU B 369 20.10 -7.84 -30.23
C LEU B 369 20.63 -7.34 -31.56
N GLN B 370 20.93 -8.26 -32.49
CA GLN B 370 21.42 -7.87 -33.80
C GLN B 370 20.44 -6.93 -34.50
N LYS B 371 19.14 -7.25 -34.47
CA LYS B 371 18.15 -6.39 -35.13
C LYS B 371 18.14 -4.99 -34.54
N TYR B 372 18.12 -4.90 -33.21
CA TYR B 372 18.09 -3.59 -32.56
C TYR B 372 19.34 -2.77 -32.90
N MET B 373 20.51 -3.43 -32.89
CA MET B 373 21.74 -2.70 -33.17
C MET B 373 21.80 -2.25 -34.62
N THR B 374 21.28 -3.05 -35.54
CA THR B 374 21.25 -2.64 -36.94
C THR B 374 20.32 -1.45 -37.14
N ARG B 375 19.13 -1.52 -36.56
CA ARG B 375 18.16 -0.44 -36.75
C ARG B 375 18.67 0.84 -36.14
N ALA B 376 19.31 0.73 -34.97
CA ALA B 376 19.82 1.94 -34.32
C ALA B 376 20.88 2.60 -35.18
N PHE B 377 21.78 1.81 -35.77
CA PHE B 377 22.82 2.40 -36.61
C PHE B 377 22.21 3.08 -37.83
N HIS B 378 21.16 2.48 -38.41
CA HIS B 378 20.48 3.08 -39.55
C HIS B 378 19.88 4.43 -39.17
N ASN B 379 19.27 4.51 -37.99
CA ASN B 379 18.70 5.79 -37.55
C ASN B 379 19.78 6.81 -37.24
N ILE B 380 20.94 6.37 -36.73
CA ILE B 380 22.03 7.30 -36.49
C ILE B 380 22.51 7.90 -37.80
N LYS B 381 22.71 7.06 -38.81
CA LYS B 381 23.14 7.55 -40.12
C LYS B 381 22.14 8.54 -40.69
N THR B 382 20.85 8.28 -40.50
CA THR B 382 19.84 9.22 -40.96
C THR B 382 20.03 10.60 -40.32
N MET B 383 20.23 10.63 -39.00
CA MET B 383 20.46 11.91 -38.32
C MET B 383 21.75 12.56 -38.78
N CYS B 384 22.82 11.76 -38.97
CA CYS B 384 24.06 12.32 -39.48
C CYS B 384 23.85 12.99 -40.82
N HIS B 385 23.04 12.36 -41.68
CA HIS B 385 22.78 12.96 -42.99
C HIS B 385 21.90 14.21 -42.85
N THR B 386 20.83 14.11 -42.06
CA THR B 386 19.93 15.25 -41.90
C THR B 386 20.66 16.48 -41.39
N HIS B 387 21.51 16.30 -40.38
CA HIS B 387 22.14 17.42 -39.71
C HIS B 387 23.60 17.59 -40.06
N SER B 388 24.10 16.88 -41.07
CA SER B 388 25.50 16.97 -41.51
C SER B 388 26.45 17.03 -40.30
N CYS B 389 26.36 16.00 -39.45
CA CYS B 389 27.13 15.92 -38.21
C CYS B 389 27.81 14.55 -38.11
N ASN B 390 28.68 14.39 -37.11
CA ASN B 390 29.44 13.16 -36.99
C ASN B 390 28.64 12.09 -36.23
N LEU B 391 29.21 10.88 -36.13
CA LEU B 391 28.48 9.77 -35.54
C LEU B 391 28.02 10.08 -34.13
N ARG B 392 28.88 10.69 -33.32
CA ARG B 392 28.46 10.94 -31.94
C ARG B 392 27.26 11.86 -31.92
N MET B 393 27.29 12.94 -32.68
CA MET B 393 26.16 13.86 -32.67
C MET B 393 24.93 13.24 -33.33
N GLY B 394 25.14 12.33 -34.27
CA GLY B 394 23.99 11.65 -34.84
C GLY B 394 23.27 10.84 -33.79
N ALA B 395 24.02 10.13 -32.96
CA ALA B 395 23.38 9.36 -31.90
C ALA B 395 22.84 10.29 -30.81
N PHE B 396 23.60 11.32 -30.46
CA PHE B 396 23.18 12.19 -29.35
C PHE B 396 21.91 12.96 -29.72
N THR B 397 21.84 13.46 -30.95
CA THR B 397 20.64 14.17 -31.39
C THR B 397 19.46 13.21 -31.53
N LEU B 398 19.71 12.00 -32.02
CA LEU B 398 18.67 10.99 -32.05
C LEU B 398 18.08 10.77 -30.66
N GLY B 399 18.93 10.59 -29.65
CA GLY B 399 18.43 10.31 -28.33
C GLY B 399 17.73 11.51 -27.71
N VAL B 400 18.33 12.69 -27.85
CA VAL B 400 17.74 13.89 -27.25
C VAL B 400 16.40 14.21 -27.91
N ASN B 401 16.32 14.02 -29.23
CA ASN B 401 15.07 14.32 -29.91
C ASN B 401 13.95 13.37 -29.47
N ARG B 402 14.25 12.10 -29.31
CA ARG B 402 13.22 11.14 -28.85
C ARG B 402 12.74 11.45 -27.44
N VAL B 403 13.65 11.79 -26.54
CA VAL B 403 13.26 12.14 -25.17
C VAL B 403 12.46 13.42 -25.16
N ALA B 404 12.86 14.41 -25.97
CA ALA B 404 12.14 15.68 -26.02
C ALA B 404 10.71 15.47 -26.52
N ARG B 405 10.54 14.58 -27.50
CA ARG B 405 9.22 14.30 -28.03
C ARG B 405 8.32 13.68 -26.97
N ALA B 406 8.83 12.67 -26.24
CA ALA B 406 8.05 12.02 -25.20
C ALA B 406 7.70 13.01 -24.09
N THR B 407 8.66 13.88 -23.76
CA THR B 407 8.44 14.91 -22.75
C THR B 407 7.33 15.87 -23.15
N GLN B 408 7.35 16.33 -24.42
CA GLN B 408 6.35 17.26 -24.91
C GLN B 408 4.96 16.65 -24.92
N LEU B 409 4.87 15.37 -25.24
CA LEU B 409 3.57 14.68 -25.23
C LEU B 409 3.00 14.57 -23.83
N ARG B 410 3.85 14.30 -22.85
CA ARG B 410 3.36 14.18 -21.48
C ARG B 410 2.89 15.52 -20.92
N GLY B 411 3.51 16.63 -21.30
CA GLY B 411 3.04 17.92 -20.87
C GLY B 411 3.60 18.35 -19.53
N TRP B 412 3.15 19.54 -19.13
CA TRP B 412 3.82 20.30 -18.07
C TRP B 412 2.90 20.77 -16.96
N GLU B 413 1.59 20.69 -17.13
CA GLU B 413 0.69 21.15 -16.08
C GLU B 413 0.74 20.15 -14.93
N ALA B 414 0.32 20.58 -13.74
CA ALA B 414 0.52 19.75 -12.55
C ALA B 414 -0.57 18.71 -12.29
N ASN C 2 -36.44 14.50 -29.31
CA ASN C 2 -37.12 13.41 -30.10
C ASN C 2 -36.59 12.03 -29.74
N ALA C 3 -35.55 12.00 -28.94
CA ALA C 3 -34.84 10.78 -28.60
C ALA C 3 -35.40 10.19 -27.32
N MET C 4 -35.44 8.86 -27.26
CA MET C 4 -35.66 8.20 -25.98
C MET C 4 -34.51 8.53 -25.04
N ASN C 5 -34.81 8.45 -23.76
CA ASN C 5 -33.74 8.47 -22.77
C ASN C 5 -32.77 7.33 -23.06
N ALA C 6 -31.47 7.64 -23.05
CA ALA C 6 -30.46 6.69 -23.50
C ALA C 6 -30.43 5.46 -22.61
N LEU C 7 -30.56 5.65 -21.30
CA LEU C 7 -30.55 4.52 -20.40
C LEU C 7 -31.86 3.71 -20.51
N ALA C 8 -33.00 4.39 -20.65
CA ALA C 8 -34.25 3.65 -20.85
C ALA C 8 -34.18 2.84 -22.13
N ALA C 9 -33.60 3.42 -23.17
CA ALA C 9 -33.47 2.72 -24.45
C ALA C 9 -32.58 1.48 -24.31
N THR C 10 -31.43 1.65 -23.66
CA THR C 10 -30.51 0.55 -23.51
C THR C 10 -31.08 -0.52 -22.58
N ASN C 11 -31.77 -0.12 -21.50
CA ASN C 11 -32.39 -1.11 -20.62
C ASN C 11 -33.50 -1.88 -21.34
N ARG C 12 -34.19 -1.24 -22.28
CA ARG C 12 -35.23 -1.95 -23.02
C ARG C 12 -34.64 -3.06 -23.88
N ASN C 13 -33.52 -2.77 -24.54
CA ASN C 13 -32.80 -3.83 -25.26
C ASN C 13 -32.31 -4.93 -24.30
N PHE C 14 -31.72 -4.53 -23.17
CA PHE C 14 -31.26 -5.52 -22.20
C PHE C 14 -32.38 -6.43 -21.71
N ARG C 15 -33.52 -5.84 -21.35
N ARG C 15 -33.52 -5.84 -21.36
CA ARG C 15 -34.65 -6.65 -20.88
CA ARG C 15 -34.64 -6.65 -20.87
C ARG C 15 -35.10 -7.62 -21.94
C ARG C 15 -35.13 -7.63 -21.94
N HIS C 16 -35.18 -7.18 -23.19
CA HIS C 16 -35.55 -8.08 -24.27
C HIS C 16 -34.56 -9.23 -24.40
N ALA C 17 -33.27 -8.92 -24.34
CA ALA C 17 -32.26 -9.98 -24.41
C ALA C 17 -32.38 -10.95 -23.24
N SER C 18 -32.65 -10.41 -22.06
N SER C 18 -32.68 -10.42 -22.05
CA SER C 18 -32.87 -11.21 -20.87
CA SER C 18 -32.84 -11.28 -20.88
C SER C 18 -34.04 -12.16 -21.07
C SER C 18 -34.07 -12.19 -21.04
N ARG C 19 -35.12 -11.67 -21.67
CA ARG C 19 -36.30 -12.49 -21.92
C ARG C 19 -35.99 -13.58 -22.94
N ILE C 20 -35.27 -13.25 -24.00
CA ILE C 20 -34.87 -14.26 -24.98
C ILE C 20 -34.06 -15.38 -24.30
N LEU C 21 -33.13 -15.01 -23.44
CA LEU C 21 -32.30 -15.99 -22.75
C LEU C 21 -33.03 -16.72 -21.64
N GLY C 22 -34.15 -16.19 -21.16
CA GLY C 22 -34.79 -16.81 -20.01
C GLY C 22 -34.04 -16.57 -18.73
N LEU C 23 -33.34 -15.44 -18.60
CA LEU C 23 -32.60 -15.14 -17.37
C LEU C 23 -33.51 -15.11 -16.15
N ASP C 24 -33.02 -15.63 -15.04
CA ASP C 24 -33.72 -15.47 -13.79
C ASP C 24 -33.82 -13.98 -13.46
N SER C 25 -34.93 -13.59 -12.83
CA SER C 25 -35.21 -12.19 -12.61
C SER C 25 -34.18 -11.56 -11.65
N LYS C 26 -33.65 -12.33 -10.69
CA LYS C 26 -32.67 -11.76 -9.76
C LYS C 26 -31.35 -11.48 -10.45
N ILE C 27 -30.95 -12.38 -11.36
CA ILE C 27 -29.73 -12.16 -12.14
C ILE C 27 -29.92 -11.00 -13.09
N GLU C 28 -31.08 -10.93 -13.72
CA GLU C 28 -31.39 -9.81 -14.59
C GLU C 28 -31.19 -8.50 -13.84
N ARG C 29 -31.74 -8.41 -12.63
CA ARG C 29 -31.65 -7.15 -11.89
C ARG C 29 -30.20 -6.84 -11.52
N SER C 30 -29.45 -7.85 -11.08
CA SER C 30 -28.05 -7.61 -10.72
C SER C 30 -27.26 -7.14 -11.93
N LEU C 31 -27.46 -7.77 -13.08
CA LEU C 31 -26.71 -7.35 -14.26
C LEU C 31 -27.05 -5.94 -14.69
N MET C 32 -28.26 -5.44 -14.38
N MET C 32 -28.25 -5.45 -14.39
CA MET C 32 -28.59 -4.06 -14.72
CA MET C 32 -28.56 -4.06 -14.73
C MET C 32 -27.86 -3.08 -13.82
C MET C 32 -27.81 -3.10 -13.82
N ILE C 33 -27.80 -3.37 -12.52
CA ILE C 33 -27.26 -2.43 -11.54
C ILE C 33 -25.75 -2.33 -11.75
N PRO C 34 -25.22 -1.14 -11.98
CA PRO C 34 -23.76 -1.02 -12.08
C PRO C 34 -23.06 -1.40 -10.78
N PHE C 35 -21.88 -1.98 -10.96
CA PHE C 35 -20.97 -2.23 -9.85
C PHE C 35 -20.78 -0.98 -9.01
N ARG C 36 -20.41 0.12 -9.65
N ARG C 36 -20.47 0.14 -9.64
CA ARG C 36 -20.10 1.35 -8.92
CA ARG C 36 -20.09 1.33 -8.87
C ARG C 36 -20.32 2.53 -9.85
C ARG C 36 -20.20 2.57 -9.76
N GLU C 37 -21.06 3.53 -9.38
CA GLU C 37 -21.17 4.79 -10.09
C GLU C 37 -20.46 5.85 -9.24
N ILE C 38 -19.65 6.69 -9.91
CA ILE C 38 -18.85 7.72 -9.25
C ILE C 38 -19.10 9.06 -9.94
N LYS C 39 -19.42 10.10 -9.16
CA LYS C 39 -19.51 11.47 -9.65
C LYS C 39 -18.56 12.32 -8.82
N VAL C 40 -17.68 13.09 -9.47
CA VAL C 40 -16.67 13.85 -8.73
C VAL C 40 -16.62 15.29 -9.20
N GLU C 41 -16.36 16.20 -8.26
CA GLU C 41 -16.13 17.59 -8.64
C GLU C 41 -14.79 17.72 -9.33
N CYS C 42 -14.77 18.44 -10.46
CA CYS C 42 -13.55 18.74 -11.20
C CYS C 42 -13.49 20.25 -11.40
N THR C 43 -12.75 20.94 -10.56
CA THR C 43 -12.64 22.39 -10.63
C THR C 43 -11.21 22.76 -10.99
N ILE C 44 -11.06 23.70 -11.92
CA ILE C 44 -9.74 24.14 -12.37
C ILE C 44 -9.72 25.65 -12.46
N PRO C 45 -8.54 26.25 -12.37
CA PRO C 45 -8.36 27.62 -12.83
C PRO C 45 -8.24 27.67 -14.33
N LYS C 46 -9.03 28.54 -14.94
CA LYS C 46 -8.84 28.92 -16.33
C LYS C 46 -7.53 29.67 -16.51
N ASP C 47 -7.16 29.86 -17.78
CA ASP C 47 -5.90 30.54 -18.07
C ASP C 47 -5.87 31.94 -17.46
N ASP C 48 -7.02 32.59 -17.33
CA ASP C 48 -7.06 33.92 -16.71
C ASP C 48 -7.18 33.84 -15.19
N GLY C 49 -7.10 32.62 -14.62
CA GLY C 49 -7.15 32.44 -13.19
C GLY C 49 -8.52 32.27 -12.59
N THR C 50 -9.59 32.47 -13.35
CA THR C 50 -10.92 32.33 -12.79
C THR C 50 -11.31 30.86 -12.74
N LEU C 51 -12.10 30.52 -11.73
CA LEU C 51 -12.43 29.12 -11.51
C LEU C 51 -13.57 28.70 -12.39
N VAL C 52 -13.53 27.45 -12.83
CA VAL C 52 -14.66 26.77 -13.44
C VAL C 52 -14.80 25.38 -12.85
N SER C 53 -16.04 24.99 -12.56
CA SER C 53 -16.35 23.70 -11.95
C SER C 53 -17.13 22.83 -12.91
N TYR C 54 -16.66 21.61 -13.07
CA TYR C 54 -17.32 20.58 -13.86
C TYR C 54 -17.60 19.37 -12.96
N ILE C 55 -18.46 18.50 -13.44
CA ILE C 55 -18.73 17.23 -12.78
C ILE C 55 -18.22 16.13 -13.69
N GLY C 56 -17.36 15.29 -13.15
CA GLY C 56 -16.84 14.15 -13.87
C GLY C 56 -17.55 12.89 -13.41
N PHE C 57 -17.71 11.96 -14.35
CA PHE C 57 -18.41 10.69 -14.11
C PHE C 57 -17.51 9.55 -14.49
N ARG C 58 -17.54 8.48 -13.69
CA ARG C 58 -17.07 7.17 -14.13
C ARG C 58 -18.05 6.14 -13.61
N VAL C 59 -18.75 5.49 -14.52
CA VAL C 59 -19.67 4.41 -14.21
C VAL C 59 -18.94 3.12 -14.54
N GLN C 60 -18.77 2.29 -13.52
CA GLN C 60 -18.10 0.99 -13.62
C GLN C 60 -19.26 0.00 -13.60
N HIS C 61 -19.70 -0.41 -14.81
CA HIS C 61 -20.94 -1.17 -14.87
C HIS C 61 -20.76 -2.61 -14.44
N ASP C 62 -19.77 -3.33 -14.98
CA ASP C 62 -19.67 -4.76 -14.69
C ASP C 62 -18.24 -5.24 -14.85
N ASN C 63 -17.75 -6.02 -13.88
CA ASN C 63 -16.38 -6.51 -13.93
C ASN C 63 -16.30 -8.03 -13.79
N ALA C 64 -17.38 -8.76 -14.13
CA ALA C 64 -17.36 -10.20 -13.92
C ALA C 64 -16.33 -10.86 -14.81
N ARG C 65 -16.15 -10.34 -16.04
CA ARG C 65 -15.27 -10.99 -17.02
C ARG C 65 -13.86 -10.42 -17.03
N GLY C 66 -13.58 -9.36 -16.27
CA GLY C 66 -12.24 -8.85 -16.17
C GLY C 66 -12.21 -7.38 -15.84
N PRO C 67 -11.04 -6.77 -15.95
CA PRO C 67 -10.93 -5.32 -15.81
C PRO C 67 -11.95 -4.61 -16.67
N MET C 68 -12.53 -3.54 -16.12
CA MET C 68 -13.52 -2.79 -16.87
C MET C 68 -12.84 -1.94 -17.92
N LYS C 69 -13.59 -1.65 -18.98
CA LYS C 69 -13.03 -1.00 -20.14
C LYS C 69 -14.06 -0.05 -20.75
N GLY C 70 -13.60 1.13 -21.14
CA GLY C 70 -14.44 2.07 -21.84
C GLY C 70 -13.88 3.48 -21.80
N GLY C 71 -14.30 4.27 -22.77
CA GLY C 71 -13.71 5.56 -23.02
C GLY C 71 -14.21 6.66 -22.10
N ILE C 72 -13.65 7.85 -22.33
CA ILE C 72 -14.00 9.07 -21.61
C ILE C 72 -14.48 10.10 -22.62
N ARG C 73 -15.71 10.57 -22.43
CA ARG C 73 -16.35 11.51 -23.34
C ARG C 73 -16.31 12.92 -22.76
N TYR C 74 -15.80 13.87 -23.53
CA TYR C 74 -15.95 15.29 -23.21
C TYR C 74 -16.98 15.89 -24.18
N HIS C 75 -18.19 16.16 -23.66
CA HIS C 75 -19.24 16.62 -24.53
C HIS C 75 -20.30 17.29 -23.68
N PRO C 76 -20.96 18.35 -24.15
CA PRO C 76 -21.93 19.08 -23.29
C PRO C 76 -23.11 18.24 -22.82
N GLU C 77 -23.45 17.18 -23.53
CA GLU C 77 -24.63 16.38 -23.19
C GLU C 77 -24.30 15.19 -22.30
N VAL C 78 -23.03 15.06 -21.87
CA VAL C 78 -22.68 14.04 -20.87
C VAL C 78 -23.51 14.24 -19.61
N ASP C 79 -24.21 13.20 -19.19
CA ASP C 79 -24.93 13.20 -17.92
C ASP C 79 -24.98 11.77 -17.40
N PRO C 80 -25.52 11.54 -16.19
CA PRO C 80 -25.46 10.18 -15.64
C PRO C 80 -26.17 9.14 -16.50
N ASP C 81 -27.33 9.48 -17.06
CA ASP C 81 -28.03 8.49 -17.89
C ASP C 81 -27.20 8.09 -19.10
N GLU C 82 -26.58 9.06 -19.78
CA GLU C 82 -25.77 8.72 -20.93
C GLU C 82 -24.57 7.86 -20.52
N VAL C 83 -23.87 8.25 -19.46
CA VAL C 83 -22.67 7.51 -19.07
C VAL C 83 -23.07 6.10 -18.62
N ASN C 84 -24.19 5.97 -17.89
CA ASN C 84 -24.65 4.64 -17.52
C ASN C 84 -24.99 3.78 -18.74
N ALA C 85 -25.63 4.38 -19.76
CA ALA C 85 -26.00 3.60 -20.93
C ALA C 85 -24.76 3.12 -21.66
N LEU C 86 -23.80 4.04 -21.85
CA LEU C 86 -22.56 3.71 -22.55
C LEU C 86 -21.78 2.65 -21.79
N ALA C 87 -21.74 2.74 -20.45
CA ALA C 87 -21.01 1.77 -19.66
C ALA C 87 -21.63 0.38 -19.77
N GLN C 88 -22.96 0.31 -19.73
CA GLN C 88 -23.62 -0.97 -19.89
C GLN C 88 -23.33 -1.54 -21.27
N LEU C 89 -23.38 -0.72 -22.33
CA LEU C 89 -23.03 -1.21 -23.64
C LEU C 89 -21.59 -1.74 -23.74
N MET C 90 -20.64 -1.14 -23.00
CA MET C 90 -19.27 -1.66 -22.98
C MET C 90 -19.21 -3.07 -22.41
N THR C 91 -20.05 -3.35 -21.41
CA THR C 91 -20.05 -4.70 -20.84
C THR C 91 -20.47 -5.73 -21.88
N TRP C 92 -21.51 -5.44 -22.65
CA TRP C 92 -21.95 -6.41 -23.65
C TRP C 92 -20.98 -6.45 -24.83
N LYS C 93 -20.45 -5.29 -25.24
CA LYS C 93 -19.53 -5.23 -26.36
C LYS C 93 -18.25 -6.01 -26.09
N THR C 94 -17.69 -5.86 -24.88
CA THR C 94 -16.46 -6.60 -24.60
C THR C 94 -16.74 -8.10 -24.60
N ALA C 95 -17.93 -8.49 -24.13
CA ALA C 95 -18.31 -9.89 -24.14
C ALA C 95 -18.56 -10.41 -25.56
N VAL C 96 -19.20 -9.61 -26.42
CA VAL C 96 -19.39 -9.99 -27.82
C VAL C 96 -18.04 -10.19 -28.51
N ALA C 97 -17.09 -9.31 -28.24
CA ALA C 97 -15.78 -9.42 -28.87
C ALA C 97 -14.97 -10.56 -28.30
N ASP C 98 -15.37 -11.10 -27.16
CA ASP C 98 -14.63 -12.15 -26.47
C ASP C 98 -13.24 -11.65 -26.09
N ILE C 99 -13.20 -10.46 -25.53
CA ILE C 99 -11.99 -9.94 -24.88
C ILE C 99 -12.20 -9.95 -23.38
N PRO C 100 -11.16 -10.16 -22.58
CA PRO C 100 -11.31 -10.38 -21.13
C PRO C 100 -11.44 -9.09 -20.35
N TYR C 101 -12.52 -8.36 -20.62
CA TYR C 101 -12.85 -7.09 -19.98
C TYR C 101 -14.33 -7.05 -19.62
N GLY C 102 -14.64 -6.26 -18.61
CA GLY C 102 -15.98 -5.76 -18.35
C GLY C 102 -16.16 -4.37 -18.90
N GLY C 103 -17.21 -3.69 -18.45
CA GLY C 103 -17.65 -2.45 -19.05
C GLY C 103 -17.67 -1.30 -18.06
N ALA C 104 -17.18 -0.14 -18.51
CA ALA C 104 -17.21 1.12 -17.79
C ALA C 104 -17.25 2.26 -18.81
N LYS C 105 -17.58 3.45 -18.35
CA LYS C 105 -17.50 4.62 -19.21
C LYS C 105 -17.37 5.84 -18.30
N GLY C 106 -16.75 6.89 -18.82
CA GLY C 106 -16.65 8.13 -18.07
C GLY C 106 -16.86 9.34 -18.96
N GLY C 107 -16.91 10.51 -18.33
CA GLY C 107 -17.09 11.70 -19.11
C GLY C 107 -17.16 12.93 -18.25
N ILE C 108 -17.03 14.06 -18.93
CA ILE C 108 -17.22 15.39 -18.34
C ILE C 108 -18.14 16.18 -19.25
N GLY C 109 -19.17 16.79 -18.66
CA GLY C 109 -20.04 17.66 -19.39
C GLY C 109 -19.37 19.00 -19.60
N CYS C 110 -18.68 19.11 -20.73
CA CYS C 110 -17.96 20.33 -21.09
C CYS C 110 -17.98 20.41 -22.61
N SER C 111 -17.60 21.59 -23.13
CA SER C 111 -17.42 21.81 -24.56
C SER C 111 -15.94 21.99 -24.83
N PRO C 112 -15.22 20.95 -25.24
CA PRO C 112 -13.75 21.08 -25.37
C PRO C 112 -13.32 22.16 -26.31
N ARG C 113 -14.08 22.41 -27.38
CA ARG C 113 -13.74 23.48 -28.29
C ARG C 113 -13.66 24.82 -27.56
N ASP C 114 -14.36 24.98 -26.43
CA ASP C 114 -14.40 26.23 -25.68
C ASP C 114 -13.29 26.34 -24.63
N LEU C 115 -12.42 25.37 -24.52
CA LEU C 115 -11.31 25.38 -23.58
C LEU C 115 -10.00 25.45 -24.36
N SER C 116 -9.02 26.14 -23.78
CA SER C 116 -7.68 26.12 -24.33
C SER C 116 -7.03 24.76 -24.09
N LEU C 117 -5.93 24.50 -24.79
CA LEU C 117 -5.21 23.26 -24.57
C LEU C 117 -4.71 23.15 -23.15
N SER C 118 -4.21 24.24 -22.58
CA SER C 118 -3.77 24.18 -21.19
C SER C 118 -4.93 23.92 -20.25
N GLU C 119 -6.09 24.55 -20.49
CA GLU C 119 -7.28 24.25 -19.67
C GLU C 119 -7.72 22.80 -19.83
N LEU C 120 -7.71 22.28 -21.06
CA LEU C 120 -8.07 20.88 -21.26
C LEU C 120 -7.12 19.96 -20.51
N GLU C 121 -5.82 20.30 -20.51
CA GLU C 121 -4.85 19.48 -19.80
C GLU C 121 -5.08 19.52 -18.30
N ARG C 122 -5.32 20.71 -17.75
CA ARG C 122 -5.59 20.78 -16.33
C ARG C 122 -6.84 20.00 -15.98
N LEU C 123 -7.91 20.16 -16.76
CA LEU C 123 -9.14 19.45 -16.47
C LEU C 123 -8.92 17.94 -16.46
N THR C 124 -8.18 17.45 -17.47
CA THR C 124 -7.89 16.03 -17.59
C THR C 124 -7.08 15.53 -16.39
N ARG C 125 -6.07 16.32 -15.97
CA ARG C 125 -5.25 15.91 -14.83
C ARG C 125 -6.04 15.92 -13.53
N VAL C 126 -6.91 16.91 -13.33
CA VAL C 126 -7.73 16.95 -12.12
C VAL C 126 -8.72 15.80 -12.12
N PHE C 127 -9.36 15.52 -13.25
CA PHE C 127 -10.24 14.36 -13.32
C PHE C 127 -9.46 13.08 -12.96
N THR C 128 -8.25 12.93 -13.48
CA THR C 128 -7.44 11.78 -13.12
C THR C 128 -7.13 11.75 -11.63
N GLN C 129 -6.81 12.91 -11.04
CA GLN C 129 -6.57 12.94 -9.60
C GLN C 129 -7.79 12.47 -8.84
N LYS C 130 -8.98 12.75 -9.36
CA LYS C 130 -10.19 12.43 -8.62
C LYS C 130 -10.61 10.98 -8.79
N ILE C 131 -10.09 10.25 -9.77
CA ILE C 131 -10.52 8.88 -9.99
C ILE C 131 -9.35 7.90 -10.00
N HIS C 132 -8.14 8.37 -9.69
CA HIS C 132 -7.00 7.47 -9.85
C HIS C 132 -7.13 6.25 -8.95
N ASP C 133 -7.74 6.41 -7.77
CA ASP C 133 -7.91 5.30 -6.84
C ASP C 133 -8.99 4.32 -7.28
N LEU C 134 -9.74 4.65 -8.34
CA LEU C 134 -10.85 3.86 -8.81
C LEU C 134 -10.52 3.04 -10.04
N ILE C 135 -9.46 3.42 -10.75
CA ILE C 135 -9.11 2.81 -12.01
C ILE C 135 -7.79 2.09 -11.84
N GLY C 136 -7.30 1.47 -12.88
CA GLY C 136 -6.07 0.71 -12.75
C GLY C 136 -6.00 -0.37 -13.81
N ILE C 137 -4.78 -0.84 -14.02
CA ILE C 137 -4.47 -1.75 -15.13
C ILE C 137 -5.34 -3.00 -15.11
N HIS C 138 -5.64 -3.54 -13.92
CA HIS C 138 -6.46 -4.74 -13.80
C HIS C 138 -7.80 -4.42 -13.14
N THR C 139 -8.20 -3.16 -13.14
CA THR C 139 -9.44 -2.71 -12.50
C THR C 139 -10.35 -2.00 -13.49
N ASP C 140 -9.87 -0.93 -14.15
CA ASP C 140 -10.68 -0.11 -15.04
C ASP C 140 -9.74 0.70 -15.91
N VAL C 141 -9.80 0.50 -17.22
CA VAL C 141 -8.83 1.02 -18.17
C VAL C 141 -9.54 1.94 -19.15
N PRO C 142 -9.41 3.27 -19.00
CA PRO C 142 -10.09 4.16 -19.95
C PRO C 142 -9.42 4.27 -21.31
N ALA C 143 -9.95 5.16 -22.11
CA ALA C 143 -9.65 5.27 -23.52
C ALA C 143 -10.32 6.54 -24.01
N PRO C 144 -10.10 6.95 -25.26
CA PRO C 144 -10.82 8.10 -25.79
C PRO C 144 -12.26 7.76 -26.13
N ASP C 145 -13.01 8.85 -26.35
CA ASP C 145 -14.35 8.80 -26.92
C ASP C 145 -14.60 10.17 -27.55
N MET C 146 -15.87 10.57 -27.65
CA MET C 146 -16.11 11.86 -28.26
C MET C 146 -15.43 12.94 -27.45
N GLY C 147 -14.76 13.87 -28.12
CA GLY C 147 -14.18 14.99 -27.45
C GLY C 147 -12.84 14.72 -26.79
N THR C 148 -12.33 13.49 -26.87
CA THR C 148 -11.01 13.18 -26.33
C THR C 148 -10.21 12.43 -27.39
N ASN C 149 -8.89 12.42 -27.20
CA ASN C 149 -8.04 11.80 -28.19
C ASN C 149 -6.76 11.29 -27.53
N ALA C 150 -5.78 10.94 -28.37
CA ALA C 150 -4.55 10.35 -27.83
C ALA C 150 -3.81 11.30 -26.91
N GLN C 151 -3.81 12.60 -27.22
CA GLN C 151 -3.17 13.57 -26.33
C GLN C 151 -3.86 13.60 -24.96
N THR C 152 -5.19 13.49 -24.94
CA THR C 152 -5.93 13.37 -23.68
C THR C 152 -5.42 12.20 -22.87
N MET C 153 -5.26 11.04 -23.52
CA MET C 153 -4.80 9.86 -22.81
C MET C 153 -3.38 10.04 -22.28
N ALA C 154 -2.52 10.73 -23.05
CA ALA C 154 -1.17 11.00 -22.57
C ALA C 154 -1.19 11.74 -21.24
N TRP C 155 -2.10 12.69 -21.08
CA TRP C 155 -2.21 13.43 -19.81
C TRP C 155 -2.74 12.54 -18.70
N ILE C 156 -3.71 11.67 -18.99
CA ILE C 156 -4.17 10.72 -17.98
C ILE C 156 -3.02 9.82 -17.54
N LEU C 157 -2.32 9.24 -18.51
CA LEU C 157 -1.17 8.39 -18.15
C LEU C 157 -0.19 9.13 -17.27
N ASP C 158 0.17 10.35 -17.68
CA ASP C 158 1.20 11.09 -16.97
C ASP C 158 0.77 11.40 -15.54
N GLU C 159 -0.48 11.84 -15.36
CA GLU C 159 -0.94 12.18 -14.02
C GLU C 159 -1.14 10.93 -13.16
N TYR C 160 -1.68 9.87 -13.75
CA TYR C 160 -1.90 8.63 -13.01
C TYR C 160 -0.58 8.06 -12.52
N SER C 161 0.45 8.15 -13.35
CA SER C 161 1.75 7.58 -13.02
C SER C 161 2.45 8.31 -11.87
N LYS C 162 2.05 9.56 -11.58
CA LYS C 162 2.55 10.21 -10.37
C LYS C 162 2.10 9.47 -9.11
N PHE C 163 0.89 8.93 -9.14
CA PHE C 163 0.31 8.24 -7.99
C PHE C 163 0.73 6.79 -7.91
N HIS C 164 1.02 6.16 -9.05
CA HIS C 164 1.17 4.70 -9.08
C HIS C 164 2.41 4.22 -9.82
N GLY C 165 3.33 5.11 -10.19
CA GLY C 165 4.44 4.75 -11.04
C GLY C 165 3.99 4.54 -12.47
N HIS C 166 4.97 4.47 -13.38
CA HIS C 166 4.71 4.34 -14.81
C HIS C 166 3.74 3.18 -15.06
N SER C 167 2.61 3.48 -15.67
CA SER C 167 1.50 2.52 -15.79
C SER C 167 0.90 2.62 -17.20
N PRO C 168 1.70 2.28 -18.22
CA PRO C 168 1.22 2.46 -19.61
C PRO C 168 -0.10 1.81 -19.89
N ALA C 169 -0.38 0.64 -19.30
CA ALA C 169 -1.62 -0.09 -19.58
C ALA C 169 -2.82 0.46 -18.83
N VAL C 170 -2.68 1.54 -18.06
CA VAL C 170 -3.85 2.05 -17.36
C VAL C 170 -4.82 2.74 -18.30
N VAL C 171 -4.36 3.15 -19.48
CA VAL C 171 -5.20 3.82 -20.47
C VAL C 171 -4.79 3.35 -21.86
N THR C 172 -5.75 3.25 -22.79
CA THR C 172 -5.44 2.89 -24.17
C THR C 172 -5.82 4.05 -25.10
N GLY C 173 -5.57 3.89 -26.40
CA GLY C 173 -5.58 5.01 -27.32
C GLY C 173 -4.45 6.00 -27.13
N LYS C 174 -3.34 5.58 -26.52
CA LYS C 174 -2.23 6.47 -26.27
C LYS C 174 -1.51 6.85 -27.57
N PRO C 175 -0.74 7.93 -27.55
CA PRO C 175 0.16 8.21 -28.67
C PRO C 175 1.14 7.06 -28.87
N ILE C 176 1.47 6.78 -30.13
CA ILE C 176 2.45 5.73 -30.39
C ILE C 176 3.73 5.99 -29.60
N ASP C 177 4.17 7.25 -29.56
CA ASP C 177 5.43 7.56 -28.92
C ASP C 177 5.34 7.46 -27.40
N LEU C 178 4.16 7.14 -26.82
CA LEU C 178 4.05 6.89 -25.39
C LEU C 178 3.43 5.53 -25.08
N GLY C 179 3.67 4.53 -25.90
CA GLY C 179 3.16 3.20 -25.59
C GLY C 179 1.87 2.84 -26.27
N GLY C 180 1.38 3.67 -27.19
CA GLY C 180 0.19 3.36 -27.95
C GLY C 180 0.45 2.25 -28.92
N SER C 181 -0.64 1.70 -29.46
CA SER C 181 -0.55 0.60 -30.41
C SER C 181 -0.68 1.12 -31.81
N LEU C 182 0.18 0.63 -32.70
CA LEU C 182 -0.09 0.82 -34.11
C LEU C 182 -1.47 0.27 -34.39
N GLY C 183 -2.19 0.92 -35.30
CA GLY C 183 -3.52 0.51 -35.64
C GLY C 183 -4.64 1.02 -34.76
N ARG C 184 -4.36 1.55 -33.55
CA ARG C 184 -5.47 1.92 -32.69
C ARG C 184 -6.21 3.18 -33.21
N GLU C 185 -5.50 4.15 -33.76
CA GLU C 185 -6.20 5.35 -34.25
C GLU C 185 -7.28 4.96 -35.25
N ALA C 186 -6.94 4.06 -36.18
CA ALA C 186 -7.84 3.68 -37.25
C ALA C 186 -8.80 2.54 -36.88
N ALA C 187 -8.68 1.99 -35.67
CA ALA C 187 -9.26 0.68 -35.39
C ALA C 187 -10.77 0.67 -35.47
N THR C 188 -11.44 1.70 -34.94
CA THR C 188 -12.90 1.64 -34.94
C THR C 188 -13.44 1.72 -36.36
N GLY C 189 -12.93 2.66 -37.16
CA GLY C 189 -13.33 2.74 -38.55
C GLY C 189 -12.94 1.50 -39.34
N ARG C 190 -11.76 0.94 -39.08
N ARG C 190 -11.75 0.96 -39.09
CA ARG C 190 -11.36 -0.27 -39.79
CA ARG C 190 -11.34 -0.27 -39.76
C ARG C 190 -12.25 -1.44 -39.38
C ARG C 190 -12.27 -1.43 -39.38
N GLY C 191 -12.57 -1.56 -38.10
CA GLY C 191 -13.49 -2.61 -37.68
C GLY C 191 -14.88 -2.43 -38.27
N VAL C 192 -15.32 -1.19 -38.43
CA VAL C 192 -16.60 -0.92 -39.10
C VAL C 192 -16.58 -1.46 -40.52
N VAL C 193 -15.46 -1.30 -41.22
CA VAL C 193 -15.34 -1.89 -42.55
C VAL C 193 -15.40 -3.40 -42.48
N PHE C 194 -14.61 -4.01 -41.59
CA PHE C 194 -14.64 -5.46 -41.45
C PHE C 194 -16.06 -5.94 -41.15
N ALA C 195 -16.76 -5.24 -40.26
CA ALA C 195 -18.09 -5.66 -39.86
C ALA C 195 -19.04 -5.54 -41.04
N THR C 196 -18.93 -4.43 -41.77
CA THR C 196 -19.76 -4.22 -42.96
C THR C 196 -19.48 -5.29 -43.99
N GLU C 197 -18.21 -5.62 -44.19
CA GLU C 197 -17.88 -6.67 -45.16
C GLU C 197 -18.45 -8.01 -44.74
N ALA C 198 -18.40 -8.33 -43.44
CA ALA C 198 -18.98 -9.58 -42.94
C ALA C 198 -20.48 -9.65 -43.22
N LEU C 199 -21.20 -8.58 -42.90
CA LEU C 199 -22.64 -8.55 -43.12
C LEU C 199 -22.97 -8.63 -44.61
N LEU C 200 -22.34 -7.78 -45.42
CA LEU C 200 -22.63 -7.78 -46.84
C LEU C 200 -22.35 -9.14 -47.48
N ALA C 201 -21.30 -9.84 -47.02
CA ALA C 201 -20.97 -11.13 -47.61
C ALA C 201 -22.11 -12.12 -47.47
N GLU C 202 -22.93 -11.97 -46.41
CA GLU C 202 -24.06 -12.88 -46.22
C GLU C 202 -25.10 -12.70 -47.32
N TYR C 203 -25.09 -11.55 -47.98
CA TYR C 203 -25.99 -11.26 -49.07
C TYR C 203 -25.29 -11.34 -50.42
N GLY C 204 -24.08 -11.90 -50.46
CA GLY C 204 -23.34 -11.98 -51.70
C GLY C 204 -22.85 -10.65 -52.23
N LYS C 205 -22.70 -9.65 -51.36
CA LYS C 205 -22.29 -8.31 -51.75
C LYS C 205 -20.95 -7.95 -51.12
N SER C 206 -20.39 -6.83 -51.59
CA SER C 206 -19.20 -6.26 -50.99
C SER C 206 -19.31 -4.74 -51.10
N ILE C 207 -18.35 -4.06 -50.51
CA ILE C 207 -18.41 -2.61 -50.43
C ILE C 207 -18.34 -1.98 -51.81
N GLN C 208 -17.50 -2.53 -52.69
CA GLN C 208 -17.25 -1.92 -53.98
C GLN C 208 -18.55 -1.57 -54.68
N GLY C 209 -18.69 -0.30 -55.03
CA GLY C 209 -19.79 0.18 -55.83
C GLY C 209 -21.03 0.57 -55.05
N LEU C 210 -21.14 0.20 -53.78
CA LEU C 210 -22.31 0.58 -53.00
C LEU C 210 -22.15 2.01 -52.50
N THR C 211 -23.27 2.60 -52.09
CA THR C 211 -23.30 3.97 -51.60
C THR C 211 -23.46 4.01 -50.09
N PHE C 212 -22.77 4.96 -49.46
CA PHE C 212 -22.70 5.06 -48.02
C PHE C 212 -22.97 6.49 -47.59
N VAL C 213 -23.67 6.64 -46.48
CA VAL C 213 -23.89 7.92 -45.82
C VAL C 213 -23.28 7.84 -44.42
N ILE C 214 -22.52 8.87 -44.04
CA ILE C 214 -21.78 8.87 -42.78
C ILE C 214 -22.18 10.12 -41.98
N GLN C 215 -22.68 9.93 -40.77
CA GLN C 215 -22.95 11.05 -39.87
C GLN C 215 -21.82 11.15 -38.87
N GLY C 216 -21.08 12.24 -38.93
CA GLY C 216 -19.96 12.45 -38.01
C GLY C 216 -18.67 12.22 -38.77
N PHE C 217 -17.65 13.01 -38.44
CA PHE C 217 -16.42 13.01 -39.22
C PHE C 217 -15.24 13.25 -38.29
N GLY C 218 -15.21 12.49 -37.20
CA GLY C 218 -14.12 12.56 -36.23
C GLY C 218 -13.26 11.33 -36.33
N ASN C 219 -12.83 10.80 -35.18
CA ASN C 219 -11.96 9.61 -35.21
C ASN C 219 -12.62 8.47 -35.94
N VAL C 220 -13.91 8.23 -35.66
CA VAL C 220 -14.61 7.10 -36.24
C VAL C 220 -15.02 7.42 -37.68
N GLY C 221 -15.67 8.58 -37.88
CA GLY C 221 -16.23 8.89 -39.19
C GLY C 221 -15.17 9.08 -40.26
N THR C 222 -14.05 9.74 -39.92
CA THR C 222 -13.03 9.92 -40.95
C THR C 222 -12.44 8.60 -41.40
N TRP C 223 -12.11 7.71 -40.45
CA TRP C 223 -11.49 6.44 -40.84
C TRP C 223 -12.49 5.53 -41.53
N ALA C 224 -13.75 5.51 -41.08
CA ALA C 224 -14.72 4.70 -41.79
C ALA C 224 -14.85 5.19 -43.22
N ALA C 225 -14.97 6.51 -43.40
CA ALA C 225 -15.15 7.08 -44.74
C ALA C 225 -13.93 6.83 -45.61
N LYS C 226 -12.73 7.07 -45.07
CA LYS C 226 -11.51 6.85 -45.84
C LYS C 226 -11.36 5.39 -46.26
N LEU C 227 -11.57 4.47 -45.34
CA LEU C 227 -11.33 3.06 -45.65
C LEU C 227 -12.43 2.48 -46.54
N ILE C 228 -13.68 2.92 -46.37
CA ILE C 228 -14.74 2.52 -47.28
C ILE C 228 -14.43 3.01 -48.69
N HIS C 229 -14.04 4.28 -48.79
CA HIS C 229 -13.69 4.87 -50.07
C HIS C 229 -12.58 4.06 -50.74
N GLU C 230 -11.57 3.64 -49.98
CA GLU C 230 -10.45 2.91 -50.56
C GLU C 230 -10.82 1.49 -50.97
N LYS C 231 -11.91 0.93 -50.43
CA LYS C 231 -12.49 -0.32 -50.88
C LYS C 231 -13.50 -0.14 -52.01
N GLY C 232 -13.59 1.05 -52.60
CA GLY C 232 -14.45 1.31 -53.74
C GLY C 232 -15.86 1.74 -53.40
N GLY C 233 -16.19 1.92 -52.13
CA GLY C 233 -17.49 2.45 -51.78
C GLY C 233 -17.61 3.89 -52.19
N LYS C 234 -18.84 4.30 -52.49
CA LYS C 234 -19.14 5.69 -52.82
C LYS C 234 -19.77 6.34 -51.60
N VAL C 235 -19.04 7.23 -50.94
CA VAL C 235 -19.57 7.98 -49.81
C VAL C 235 -20.32 9.19 -50.36
N VAL C 236 -21.65 9.14 -50.33
CA VAL C 236 -22.46 10.13 -51.03
C VAL C 236 -22.95 11.25 -50.11
N ALA C 237 -22.83 11.11 -48.79
CA ALA C 237 -23.13 12.23 -47.92
C ALA C 237 -22.37 12.06 -46.61
N VAL C 238 -21.93 13.19 -46.06
CA VAL C 238 -21.15 13.26 -44.84
C VAL C 238 -21.61 14.50 -44.07
N SER C 239 -21.69 14.40 -42.76
CA SER C 239 -21.95 15.57 -41.94
C SER C 239 -21.04 15.53 -40.73
N ASP C 240 -20.86 16.71 -40.12
CA ASP C 240 -20.33 16.81 -38.77
C ASP C 240 -21.07 17.97 -38.11
N ILE C 241 -20.55 18.43 -36.96
CA ILE C 241 -21.27 19.47 -36.25
C ILE C 241 -21.35 20.77 -37.05
N THR C 242 -20.48 20.95 -38.05
CA THR C 242 -20.46 22.20 -38.81
C THR C 242 -21.44 22.22 -39.98
N GLY C 243 -21.91 21.09 -40.46
CA GLY C 243 -22.75 21.08 -41.64
C GLY C 243 -22.68 19.73 -42.32
N ALA C 244 -23.36 19.65 -43.47
CA ALA C 244 -23.49 18.40 -44.21
C ALA C 244 -23.28 18.68 -45.70
N ILE C 245 -22.65 17.72 -46.39
CA ILE C 245 -22.44 17.81 -47.82
C ILE C 245 -22.80 16.50 -48.48
N ARG C 246 -23.20 16.58 -49.75
CA ARG C 246 -23.58 15.42 -50.52
C ARG C 246 -22.98 15.49 -51.93
N ASN C 247 -22.76 14.33 -52.49
CA ASN C 247 -22.41 14.21 -53.89
C ASN C 247 -22.87 12.80 -54.30
N PRO C 248 -23.91 12.69 -55.13
CA PRO C 248 -24.48 11.38 -55.40
C PRO C 248 -23.58 10.50 -56.22
N GLU C 249 -22.50 11.05 -56.79
CA GLU C 249 -21.50 10.26 -57.47
C GLU C 249 -20.39 9.84 -56.55
N GLY C 250 -20.43 10.25 -55.28
CA GLY C 250 -19.38 9.94 -54.33
C GLY C 250 -18.46 11.12 -54.06
N ILE C 251 -18.18 11.33 -52.78
CA ILE C 251 -17.32 12.40 -52.32
C ILE C 251 -15.88 11.89 -52.29
N ASP C 252 -14.96 12.71 -52.80
CA ASP C 252 -13.53 12.47 -52.64
C ASP C 252 -13.16 12.68 -51.19
N ILE C 253 -13.12 11.58 -50.42
CA ILE C 253 -12.93 11.68 -48.96
C ILE C 253 -11.56 12.26 -48.61
N ASN C 254 -10.53 11.91 -49.36
CA ASN C 254 -9.22 12.48 -49.04
C ASN C 254 -9.22 13.98 -49.25
N ALA C 255 -9.87 14.47 -50.31
CA ALA C 255 -10.00 15.90 -50.53
C ALA C 255 -10.85 16.55 -49.43
N LEU C 256 -11.88 15.85 -48.96
CA LEU C 256 -12.71 16.44 -47.91
C LEU C 256 -11.92 16.55 -46.61
N ILE C 257 -11.10 15.55 -46.32
CA ILE C 257 -10.26 15.59 -45.12
C ILE C 257 -9.34 16.80 -45.18
N LYS C 258 -8.69 17.01 -46.32
CA LYS C 258 -7.81 18.17 -46.48
C LYS C 258 -8.57 19.47 -46.29
N HIS C 259 -9.77 19.56 -46.86
CA HIS C 259 -10.55 20.79 -46.75
C HIS C 259 -10.97 21.06 -45.32
N LYS C 260 -11.45 20.03 -44.62
CA LYS C 260 -11.86 20.22 -43.24
C LYS C 260 -10.67 20.61 -42.38
N ASP C 261 -9.50 19.99 -42.62
CA ASP C 261 -8.30 20.37 -41.87
C ASP C 261 -7.97 21.84 -42.08
N ALA C 262 -8.06 22.31 -43.33
CA ALA C 262 -7.61 23.65 -43.69
C ALA C 262 -8.57 24.75 -43.27
N THR C 263 -9.86 24.47 -43.27
CA THR C 263 -10.88 25.49 -43.05
C THR C 263 -11.61 25.29 -41.74
N GLY C 264 -11.53 24.09 -41.17
CA GLY C 264 -12.26 23.73 -40.00
C GLY C 264 -13.71 23.39 -40.26
N SER C 265 -14.16 23.41 -41.51
CA SER C 265 -15.55 23.22 -41.84
C SER C 265 -15.68 22.24 -43.00
N LEU C 266 -16.79 21.50 -43.02
CA LEU C 266 -17.16 20.77 -44.23
C LEU C 266 -17.82 21.67 -45.24
N ASN C 267 -18.35 22.81 -44.78
CA ASN C 267 -19.09 23.68 -45.65
C ASN C 267 -18.18 24.28 -46.71
N ASP C 268 -18.79 24.51 -47.86
CA ASP C 268 -18.17 25.13 -49.01
C ASP C 268 -17.04 24.26 -49.57
N PHE C 269 -17.10 22.95 -49.29
CA PHE C 269 -16.26 21.99 -50.01
C PHE C 269 -16.59 21.97 -51.49
N ASN C 270 -15.56 22.09 -52.33
CA ASN C 270 -15.79 22.26 -53.76
C ASN C 270 -16.33 20.99 -54.42
N GLY C 271 -16.13 19.83 -53.79
CA GLY C 271 -16.49 18.55 -54.38
C GLY C 271 -17.82 17.98 -53.95
N GLY C 272 -18.70 18.81 -53.38
CA GLY C 272 -20.02 18.35 -53.05
C GLY C 272 -20.93 19.54 -52.83
N ASP C 273 -22.14 19.25 -52.39
CA ASP C 273 -23.20 20.23 -52.29
C ASP C 273 -23.66 20.32 -50.85
N ALA C 274 -23.86 21.55 -50.37
CA ALA C 274 -24.46 21.73 -49.06
C ALA C 274 -25.84 21.09 -49.02
N MET C 275 -26.18 20.51 -47.88
CA MET C 275 -27.52 19.99 -47.65
C MET C 275 -27.90 20.27 -46.21
N ASN C 276 -29.20 20.16 -45.95
CA ASN C 276 -29.73 20.27 -44.59
C ASN C 276 -29.21 19.12 -43.72
N SER C 277 -28.54 19.47 -42.61
CA SER C 277 -27.94 18.44 -41.77
C SER C 277 -28.97 17.48 -41.19
N ASP C 278 -30.24 17.89 -41.09
CA ASP C 278 -31.26 17.02 -40.53
C ASP C 278 -31.92 16.13 -41.59
N GLU C 279 -31.50 16.23 -42.85
CA GLU C 279 -31.84 15.26 -43.89
C GLU C 279 -30.68 14.31 -44.22
N LEU C 280 -29.59 14.40 -43.49
CA LEU C 280 -28.46 13.52 -43.74
C LEU C 280 -28.83 12.05 -43.51
N LEU C 281 -29.45 11.75 -42.36
CA LEU C 281 -29.75 10.37 -41.98
C LEU C 281 -30.80 9.70 -42.87
N ILE C 282 -31.59 10.49 -43.59
CA ILE C 282 -32.63 9.96 -44.46
C ILE C 282 -32.22 10.02 -45.93
N HIS C 283 -30.93 10.27 -46.20
CA HIS C 283 -30.41 10.33 -47.55
C HIS C 283 -30.42 8.94 -48.18
N GLU C 284 -30.66 8.89 -49.49
CA GLU C 284 -30.60 7.63 -50.20
C GLU C 284 -29.19 7.04 -50.16
N CYS C 285 -29.11 5.73 -49.97
CA CYS C 285 -27.83 5.02 -49.90
C CYS C 285 -28.13 3.53 -49.73
N ASP C 286 -27.11 2.72 -49.95
CA ASP C 286 -27.20 1.32 -49.59
C ASP C 286 -26.99 1.14 -48.08
N VAL C 287 -26.01 1.83 -47.53
CA VAL C 287 -25.59 1.61 -46.16
C VAL C 287 -25.48 2.96 -45.45
N LEU C 288 -26.16 3.08 -44.32
CA LEU C 288 -26.11 4.26 -43.46
C LEU C 288 -25.25 3.95 -42.26
N ILE C 289 -24.25 4.79 -41.99
CA ILE C 289 -23.34 4.58 -40.87
C ILE C 289 -23.34 5.81 -39.97
N PRO C 290 -24.13 5.81 -38.91
CA PRO C 290 -24.00 6.89 -37.91
C PRO C 290 -22.70 6.76 -37.15
N CYS C 291 -21.95 7.87 -37.06
CA CYS C 291 -20.63 7.94 -36.44
C CYS C 291 -20.51 9.11 -35.47
N ALA C 292 -21.64 9.55 -34.91
CA ALA C 292 -21.63 10.71 -34.00
C ALA C 292 -22.39 10.39 -32.72
N LEU C 293 -23.45 11.15 -32.40
CA LEU C 293 -24.18 10.96 -31.16
C LEU C 293 -25.11 9.74 -31.21
N GLY C 294 -25.51 9.31 -30.01
CA GLY C 294 -26.54 8.30 -29.89
C GLY C 294 -27.95 8.85 -30.04
N GLY C 295 -28.89 7.92 -30.25
CA GLY C 295 -30.29 8.26 -30.29
C GLY C 295 -30.71 9.09 -31.48
N VAL C 296 -29.87 9.17 -32.53
CA VAL C 296 -30.18 10.03 -33.67
C VAL C 296 -31.17 9.40 -34.64
N LEU C 297 -31.38 8.09 -34.59
CA LEU C 297 -32.47 7.43 -35.31
C LEU C 297 -33.52 7.07 -34.27
N ASN C 298 -34.71 7.66 -34.41
CA ASN C 298 -35.67 7.64 -33.33
C ASN C 298 -37.07 7.65 -33.93
N LYS C 299 -38.07 7.81 -33.07
CA LYS C 299 -39.47 7.75 -33.51
C LYS C 299 -39.79 8.75 -34.62
N GLU C 300 -39.09 9.88 -34.67
CA GLU C 300 -39.50 10.97 -35.55
C GLU C 300 -38.92 10.85 -36.95
N ASN C 301 -37.76 10.22 -37.13
CA ASN C 301 -37.16 10.12 -38.45
C ASN C 301 -37.00 8.71 -39.00
N ALA C 302 -37.24 7.66 -38.22
CA ALA C 302 -36.90 6.32 -38.68
C ALA C 302 -37.71 5.90 -39.90
N GLY C 303 -38.97 6.32 -39.97
CA GLY C 303 -39.80 5.94 -41.11
C GLY C 303 -39.37 6.54 -42.42
N ASP C 304 -38.50 7.54 -42.40
CA ASP C 304 -38.01 8.17 -43.63
C ASP C 304 -36.63 7.64 -44.04
N VAL C 305 -36.05 6.73 -43.26
CA VAL C 305 -34.74 6.17 -43.62
C VAL C 305 -34.84 5.43 -44.94
N LYS C 306 -33.88 5.69 -45.84
CA LYS C 306 -33.84 5.06 -47.17
C LYS C 306 -32.82 3.93 -47.29
N ALA C 307 -31.88 3.83 -46.35
CA ALA C 307 -30.82 2.83 -46.40
C ALA C 307 -31.42 1.42 -46.34
N LYS C 308 -30.74 0.46 -46.97
CA LYS C 308 -31.08 -0.96 -46.83
C LYS C 308 -30.43 -1.56 -45.60
N PHE C 309 -29.24 -1.07 -45.26
CA PHE C 309 -28.45 -1.54 -44.13
C PHE C 309 -28.10 -0.34 -43.27
N ILE C 310 -28.09 -0.55 -41.96
CA ILE C 310 -27.52 0.41 -41.02
C ILE C 310 -26.39 -0.31 -40.30
N VAL C 311 -25.21 0.29 -40.31
CA VAL C 311 -24.07 -0.21 -39.55
C VAL C 311 -23.77 0.81 -38.44
N GLU C 312 -23.88 0.39 -37.20
CA GLU C 312 -23.83 1.31 -36.07
C GLU C 312 -22.39 1.51 -35.61
N ALA C 313 -21.74 2.57 -36.12
CA ALA C 313 -20.40 2.89 -35.65
C ALA C 313 -20.45 3.68 -34.35
N ALA C 314 -21.36 4.66 -34.27
CA ALA C 314 -21.61 5.36 -33.02
C ALA C 314 -22.13 4.39 -31.97
N ASN C 315 -21.99 4.74 -30.69
CA ASN C 315 -22.72 4.02 -29.67
C ASN C 315 -24.19 4.43 -29.67
N HIS C 316 -25.06 3.42 -29.55
CA HIS C 316 -26.52 3.47 -29.53
C HIS C 316 -27.13 4.56 -30.40
N PRO C 317 -26.84 4.57 -31.70
CA PRO C 317 -27.43 5.59 -32.57
C PRO C 317 -28.91 5.35 -32.86
N THR C 318 -29.40 4.14 -32.67
CA THR C 318 -30.77 3.78 -33.02
C THR C 318 -31.50 3.39 -31.75
N ASP C 319 -32.61 4.05 -31.46
CA ASP C 319 -33.34 3.62 -30.28
C ASP C 319 -34.35 2.55 -30.64
N PRO C 320 -34.91 1.88 -29.64
CA PRO C 320 -35.76 0.71 -29.91
C PRO C 320 -37.02 1.03 -30.66
N ASP C 321 -37.57 2.25 -30.55
CA ASP C 321 -38.70 2.65 -31.38
C ASP C 321 -38.32 2.60 -32.84
N ALA C 322 -37.16 3.17 -33.17
CA ALA C 322 -36.67 3.17 -34.54
C ALA C 322 -36.38 1.75 -35.02
N ASP C 323 -35.79 0.92 -34.16
CA ASP C 323 -35.55 -0.48 -34.52
C ASP C 323 -36.80 -1.13 -35.05
N GLU C 324 -37.91 -0.93 -34.34
CA GLU C 324 -39.17 -1.56 -34.70
C GLU C 324 -39.72 -0.99 -36.00
N ILE C 325 -39.65 0.34 -36.18
CA ILE C 325 -40.08 0.95 -37.43
C ILE C 325 -39.23 0.43 -38.59
N LEU C 326 -37.91 0.44 -38.40
CA LEU C 326 -36.98 0.03 -39.45
C LEU C 326 -37.15 -1.44 -39.80
N SER C 327 -37.43 -2.29 -38.80
N SER C 327 -37.44 -2.28 -38.81
CA SER C 327 -37.63 -3.71 -39.06
CA SER C 327 -37.63 -3.71 -39.08
C SER C 327 -38.79 -3.91 -40.03
C SER C 327 -38.80 -3.94 -40.02
N LYS C 328 -39.87 -3.16 -39.85
CA LYS C 328 -41.03 -3.31 -40.72
C LYS C 328 -40.71 -2.84 -42.14
N LYS C 329 -39.79 -1.90 -42.29
CA LYS C 329 -39.34 -1.42 -43.59
C LYS C 329 -38.34 -2.38 -44.24
N GLY C 330 -37.96 -3.45 -43.56
CA GLY C 330 -36.99 -4.39 -44.10
C GLY C 330 -35.54 -3.97 -43.95
N VAL C 331 -35.27 -2.94 -43.17
CA VAL C 331 -33.91 -2.46 -42.97
C VAL C 331 -33.20 -3.40 -42.00
N ILE C 332 -31.97 -3.78 -42.35
CA ILE C 332 -31.14 -4.67 -41.54
C ILE C 332 -30.12 -3.82 -40.80
N ILE C 333 -30.01 -4.03 -39.48
CA ILE C 333 -29.24 -3.16 -38.58
C ILE C 333 -28.16 -3.96 -37.90
N LEU C 334 -26.91 -3.63 -38.20
CA LEU C 334 -25.77 -4.28 -37.58
C LEU C 334 -25.45 -3.50 -36.29
N PRO C 335 -25.56 -4.12 -35.13
CA PRO C 335 -25.56 -3.36 -33.87
C PRO C 335 -24.19 -2.84 -33.44
N ASP C 336 -24.24 -1.70 -32.76
CA ASP C 336 -23.06 -1.04 -32.23
C ASP C 336 -22.16 -1.99 -31.46
N ILE C 337 -22.75 -2.82 -30.60
CA ILE C 337 -21.90 -3.64 -29.72
C ILE C 337 -21.14 -4.73 -30.46
N TYR C 338 -21.42 -4.91 -31.74
CA TYR C 338 -20.53 -5.62 -32.65
C TYR C 338 -19.76 -4.68 -33.54
N ALA C 339 -20.48 -3.84 -34.31
CA ALA C 339 -19.86 -3.20 -35.45
C ALA C 339 -18.76 -2.22 -35.06
N ASN C 340 -18.88 -1.59 -33.89
CA ASN C 340 -17.91 -0.57 -33.51
C ASN C 340 -16.86 -1.11 -32.56
N ALA C 341 -16.86 -2.42 -32.32
CA ALA C 341 -15.97 -3.03 -31.32
C ALA C 341 -14.51 -3.12 -31.78
N GLY C 342 -14.19 -2.64 -32.98
CA GLY C 342 -12.79 -2.62 -33.37
C GLY C 342 -11.94 -1.77 -32.46
N GLY C 343 -12.50 -0.67 -31.96
CA GLY C 343 -11.81 0.20 -31.03
C GLY C 343 -11.40 -0.52 -29.76
N VAL C 344 -12.37 -1.12 -29.07
CA VAL C 344 -12.03 -1.76 -27.79
C VAL C 344 -11.20 -3.01 -28.02
N THR C 345 -11.38 -3.68 -29.15
CA THR C 345 -10.57 -4.85 -29.47
C THR C 345 -9.11 -4.48 -29.63
N VAL C 346 -8.82 -3.42 -30.40
CA VAL C 346 -7.43 -3.01 -30.52
C VAL C 346 -6.93 -2.37 -29.22
N SER C 347 -7.82 -1.73 -28.44
CA SER C 347 -7.42 -1.32 -27.09
C SER C 347 -6.96 -2.52 -26.27
N TYR C 348 -7.69 -3.64 -26.34
CA TYR C 348 -7.21 -4.85 -25.68
C TYR C 348 -5.80 -5.20 -26.15
N PHE C 349 -5.57 -5.21 -27.47
CA PHE C 349 -4.22 -5.50 -27.96
C PHE C 349 -3.19 -4.53 -27.43
N GLU C 350 -3.53 -3.23 -27.35
CA GLU C 350 -2.61 -2.23 -26.81
C GLU C 350 -2.24 -2.54 -25.38
N TRP C 351 -3.24 -2.88 -24.57
CA TRP C 351 -3.07 -3.26 -23.18
C TRP C 351 -2.19 -4.50 -23.04
N VAL C 352 -2.44 -5.51 -23.86
CA VAL C 352 -1.59 -6.70 -23.90
C VAL C 352 -0.16 -6.30 -24.19
N GLN C 353 0.06 -5.49 -25.22
CA GLN C 353 1.41 -5.08 -25.58
C GLN C 353 2.11 -4.35 -24.43
N ASN C 354 1.36 -3.49 -23.73
CA ASN C 354 1.92 -2.74 -22.61
C ASN C 354 2.29 -3.66 -21.46
N ILE C 355 1.38 -4.55 -21.06
CA ILE C 355 1.72 -5.38 -19.90
C ILE C 355 2.80 -6.39 -20.23
N GLN C 356 2.92 -6.75 -21.51
CA GLN C 356 3.98 -7.62 -21.99
C GLN C 356 5.29 -6.89 -22.23
N GLY C 357 5.27 -5.57 -22.19
CA GLY C 357 6.47 -4.79 -22.37
C GLY C 357 7.02 -4.78 -23.78
N PHE C 358 6.19 -5.08 -24.78
CA PHE C 358 6.75 -5.33 -26.11
C PHE C 358 5.69 -5.07 -27.15
N MET C 359 5.97 -4.18 -28.10
CA MET C 359 4.93 -3.73 -29.02
C MET C 359 4.89 -4.60 -30.28
N TRP C 360 3.71 -4.60 -30.91
CA TRP C 360 3.46 -5.36 -32.13
C TRP C 360 3.58 -4.51 -33.39
N GLU C 361 3.85 -5.18 -34.51
CA GLU C 361 3.69 -4.57 -35.83
C GLU C 361 2.23 -4.31 -36.15
N GLU C 362 1.98 -3.32 -37.01
CA GLU C 362 0.60 -3.00 -37.37
C GLU C 362 -0.05 -4.14 -38.13
N GLU C 363 0.72 -4.85 -38.96
CA GLU C 363 0.13 -5.96 -39.69
C GLU C 363 -0.45 -6.98 -38.72
N LYS C 364 0.28 -7.28 -37.64
CA LYS C 364 -0.25 -8.22 -36.65
C LYS C 364 -1.52 -7.68 -35.99
N VAL C 365 -1.51 -6.40 -35.60
CA VAL C 365 -2.68 -5.80 -34.98
C VAL C 365 -3.90 -5.96 -35.88
N ASN C 366 -3.77 -5.57 -37.15
CA ASN C 366 -4.95 -5.55 -38.00
C ASN C 366 -5.39 -6.94 -38.42
N LEU C 367 -4.46 -7.90 -38.50
CA LEU C 367 -4.84 -9.28 -38.77
C LEU C 367 -5.59 -9.87 -37.59
N GLU C 368 -5.14 -9.59 -36.36
CA GLU C 368 -5.88 -10.03 -35.18
C GLU C 368 -7.24 -9.35 -35.11
N LEU C 369 -7.31 -8.07 -35.45
CA LEU C 369 -8.61 -7.37 -35.44
C LEU C 369 -9.59 -8.09 -36.38
N GLN C 370 -9.13 -8.42 -37.58
CA GLN C 370 -9.98 -9.12 -38.56
C GLN C 370 -10.42 -10.48 -38.03
N LYS C 371 -9.50 -11.26 -37.44
CA LYS C 371 -9.87 -12.54 -36.84
C LYS C 371 -10.96 -12.36 -35.77
N TYR C 372 -10.78 -11.39 -34.87
CA TYR C 372 -11.75 -11.20 -33.80
C TYR C 372 -13.11 -10.78 -34.35
N MET C 373 -13.12 -9.89 -35.34
CA MET C 373 -14.40 -9.43 -35.88
C MET C 373 -15.12 -10.55 -36.64
N THR C 374 -14.35 -11.39 -37.34
CA THR C 374 -14.96 -12.51 -38.04
C THR C 374 -15.53 -13.52 -37.06
N ARG C 375 -14.81 -13.84 -35.99
N ARG C 375 -14.79 -13.84 -35.98
CA ARG C 375 -15.30 -14.82 -35.04
CA ARG C 375 -15.29 -14.81 -35.02
C ARG C 375 -16.53 -14.28 -34.30
C ARG C 375 -16.51 -14.29 -34.28
N ALA C 376 -16.52 -13.01 -33.93
CA ALA C 376 -17.67 -12.45 -33.23
C ALA C 376 -18.91 -12.50 -34.10
N PHE C 377 -18.78 -12.15 -35.38
CA PHE C 377 -19.94 -12.23 -36.26
C PHE C 377 -20.46 -13.65 -36.37
N HIS C 378 -19.56 -14.63 -36.49
CA HIS C 378 -20.00 -16.01 -36.51
C HIS C 378 -20.81 -16.36 -35.27
N ASN C 379 -20.37 -15.88 -34.10
CA ASN C 379 -21.08 -16.24 -32.87
C ASN C 379 -22.42 -15.52 -32.79
N ILE C 380 -22.49 -14.28 -33.30
CA ILE C 380 -23.77 -13.58 -33.38
C ILE C 380 -24.73 -14.35 -34.27
N LYS C 381 -24.25 -14.80 -35.42
CA LYS C 381 -25.13 -15.55 -36.32
C LYS C 381 -25.65 -16.80 -35.65
N THR C 382 -24.79 -17.49 -34.88
CA THR C 382 -25.23 -18.67 -34.15
C THR C 382 -26.38 -18.34 -33.21
N MET C 383 -26.22 -17.29 -32.39
CA MET C 383 -27.29 -16.89 -31.47
C MET C 383 -28.55 -16.51 -32.23
N CYS C 384 -28.42 -15.78 -33.35
CA CYS C 384 -29.58 -15.44 -34.15
C CYS C 384 -30.32 -16.68 -34.58
N HIS C 385 -29.58 -17.72 -34.97
CA HIS C 385 -30.23 -18.92 -35.43
C HIS C 385 -30.85 -19.68 -34.27
N THR C 386 -30.12 -19.82 -33.17
CA THR C 386 -30.63 -20.51 -31.99
C THR C 386 -31.93 -19.86 -31.48
N HIS C 387 -31.96 -18.54 -31.41
CA HIS C 387 -33.07 -17.81 -30.80
C HIS C 387 -34.04 -17.18 -31.78
N SER C 388 -33.85 -17.40 -33.08
CA SER C 388 -34.70 -16.81 -34.11
C SER C 388 -34.89 -15.31 -33.91
N CYS C 389 -33.78 -14.58 -33.73
CA CYS C 389 -33.84 -13.17 -33.41
C CYS C 389 -32.99 -12.37 -34.39
N ASN C 390 -33.12 -11.03 -34.35
CA ASN C 390 -32.40 -10.17 -35.29
C ASN C 390 -30.97 -9.97 -34.82
N LEU C 391 -30.18 -9.25 -35.63
CA LEU C 391 -28.75 -9.11 -35.35
C LEU C 391 -28.50 -8.42 -34.01
N ARG C 392 -29.25 -7.36 -33.71
CA ARG C 392 -29.04 -6.69 -32.42
C ARG C 392 -29.22 -7.66 -31.26
N MET C 393 -30.29 -8.44 -31.30
CA MET C 393 -30.55 -9.36 -30.19
C MET C 393 -29.59 -10.54 -30.22
N GLY C 394 -29.11 -10.92 -31.39
CA GLY C 394 -28.07 -11.94 -31.45
C GLY C 394 -26.83 -11.52 -30.69
N ALA C 395 -26.40 -10.28 -30.90
CA ALA C 395 -25.23 -9.76 -30.18
C ALA C 395 -25.54 -9.53 -28.71
N PHE C 396 -26.70 -8.92 -28.41
CA PHE C 396 -27.04 -8.62 -27.03
C PHE C 396 -27.13 -9.92 -26.21
N THR C 397 -27.81 -10.95 -26.75
CA THR C 397 -27.91 -12.19 -25.98
C THR C 397 -26.56 -12.87 -25.85
N LEU C 398 -25.71 -12.78 -26.88
CA LEU C 398 -24.35 -13.33 -26.77
C LEU C 398 -23.61 -12.69 -25.61
N GLY C 399 -23.61 -11.36 -25.54
CA GLY C 399 -22.87 -10.68 -24.48
C GLY C 399 -23.46 -10.92 -23.11
N VAL C 400 -24.79 -10.79 -23.00
CA VAL C 400 -25.44 -10.97 -21.69
C VAL C 400 -25.21 -12.39 -21.19
N ASN C 401 -25.32 -13.37 -22.07
CA ASN C 401 -25.11 -14.76 -21.66
C ASN C 401 -23.68 -14.99 -21.14
N ARG C 402 -22.70 -14.43 -21.82
CA ARG C 402 -21.31 -14.58 -21.36
C ARG C 402 -21.08 -13.91 -20.00
N VAL C 403 -21.65 -12.71 -19.82
CA VAL C 403 -21.49 -12.03 -18.52
C VAL C 403 -22.22 -12.78 -17.41
N ALA C 404 -23.42 -13.29 -17.69
CA ALA C 404 -24.17 -14.05 -16.68
C ALA C 404 -23.41 -15.30 -16.25
N ARG C 405 -22.79 -15.99 -17.22
N ARG C 405 -22.82 -16.00 -17.22
CA ARG C 405 -22.06 -17.21 -16.91
CA ARG C 405 -22.06 -17.20 -16.91
C ARG C 405 -20.89 -16.91 -15.98
C ARG C 405 -20.91 -16.87 -15.95
N ALA C 406 -20.14 -15.85 -16.29
CA ALA C 406 -19.01 -15.46 -15.43
C ALA C 406 -19.49 -15.05 -14.04
N THR C 407 -20.60 -14.30 -13.98
CA THR C 407 -21.17 -13.88 -12.71
C THR C 407 -21.54 -15.08 -11.85
N GLN C 408 -22.19 -16.09 -12.46
CA GLN C 408 -22.63 -17.26 -11.70
C GLN C 408 -21.44 -18.05 -11.19
N LEU C 409 -20.37 -18.13 -11.99
CA LEU C 409 -19.19 -18.86 -11.53
C LEU C 409 -18.57 -18.17 -10.32
N ARG C 410 -18.58 -16.83 -10.32
CA ARG C 410 -17.98 -16.12 -9.19
C ARG C 410 -18.78 -16.30 -7.91
N GLY C 411 -20.09 -16.40 -8.01
CA GLY C 411 -20.91 -16.64 -6.84
C GLY C 411 -21.27 -15.37 -6.10
N TRP C 412 -21.99 -15.59 -5.01
CA TRP C 412 -22.71 -14.54 -4.34
C TRP C 412 -22.51 -14.48 -2.83
N GLU C 413 -21.85 -15.44 -2.22
CA GLU C 413 -21.60 -15.34 -0.79
C GLU C 413 -20.51 -14.29 -0.50
N ALA C 414 -20.52 -13.79 0.73
CA ALA C 414 -19.66 -12.66 1.09
C ALA C 414 -18.23 -13.04 1.38
N ALA D 3 -44.90 17.81 0.67
CA ALA D 3 -43.46 17.42 0.85
C ALA D 3 -42.61 17.81 -0.36
N MET D 4 -41.67 18.71 -0.12
CA MET D 4 -40.75 19.28 -1.10
C MET D 4 -39.53 18.38 -1.33
N ASN D 5 -38.87 18.54 -2.46
CA ASN D 5 -37.65 17.77 -2.70
C ASN D 5 -36.59 18.15 -1.66
N ALA D 6 -35.99 17.13 -1.01
CA ALA D 6 -35.08 17.38 0.10
C ALA D 6 -33.85 18.16 -0.36
N LEU D 7 -33.30 17.81 -1.52
CA LEU D 7 -32.10 18.51 -1.95
C LEU D 7 -32.45 19.90 -2.45
N ALA D 8 -33.59 20.05 -3.11
CA ALA D 8 -34.00 21.39 -3.50
C ALA D 8 -34.16 22.30 -2.27
N ALA D 9 -34.74 21.78 -1.19
CA ALA D 9 -34.95 22.57 0.02
C ALA D 9 -33.62 22.97 0.64
N THR D 10 -32.72 22.01 0.75
CA THR D 10 -31.42 22.27 1.37
C THR D 10 -30.60 23.24 0.50
N ASN D 11 -30.61 23.06 -0.82
CA ASN D 11 -29.92 24.01 -1.69
C ASN D 11 -30.48 25.42 -1.58
N ARG D 12 -31.80 25.56 -1.43
CA ARG D 12 -32.40 26.87 -1.24
C ARG D 12 -31.87 27.52 0.04
N ASN D 13 -31.78 26.76 1.13
CA ASN D 13 -31.18 27.30 2.35
C ASN D 13 -29.71 27.67 2.14
N PHE D 14 -28.95 26.81 1.45
CA PHE D 14 -27.53 27.11 1.19
C PHE D 14 -27.38 28.38 0.35
N ARG D 15 -28.15 28.50 -0.74
CA ARG D 15 -28.04 29.70 -1.55
C ARG D 15 -28.43 30.94 -0.77
N HIS D 16 -29.43 30.83 0.11
CA HIS D 16 -29.79 31.96 0.96
C HIS D 16 -28.61 32.37 1.85
N ALA D 17 -28.00 31.41 2.54
CA ALA D 17 -26.84 31.70 3.38
C ALA D 17 -25.68 32.31 2.57
N SER D 18 -25.41 31.75 1.39
N SER D 18 -25.41 31.74 1.40
CA SER D 18 -24.34 32.30 0.56
CA SER D 18 -24.37 32.28 0.52
C SER D 18 -24.61 33.76 0.16
C SER D 18 -24.62 33.75 0.20
N ARG D 19 -25.87 34.10 -0.15
CA ARG D 19 -26.16 35.50 -0.49
C ARG D 19 -26.01 36.41 0.72
N ILE D 20 -26.37 35.93 1.91
CA ILE D 20 -26.14 36.75 3.12
C ILE D 20 -24.65 37.04 3.28
N LEU D 21 -23.79 36.04 3.01
CA LEU D 21 -22.36 36.18 3.17
C LEU D 21 -21.69 36.98 2.05
N GLY D 22 -22.36 37.17 0.92
CA GLY D 22 -21.70 37.74 -0.24
C GLY D 22 -20.67 36.80 -0.82
N LEU D 23 -20.89 35.50 -0.65
CA LEU D 23 -19.93 34.52 -1.11
C LEU D 23 -19.71 34.64 -2.60
N ASP D 24 -18.46 34.49 -3.02
CA ASP D 24 -18.13 34.52 -4.44
C ASP D 24 -18.91 33.43 -5.17
N SER D 25 -19.41 33.74 -6.35
CA SER D 25 -20.32 32.82 -7.03
C SER D 25 -19.63 31.53 -7.44
N LYS D 26 -18.34 31.60 -7.77
CA LYS D 26 -17.60 30.38 -8.13
C LYS D 26 -17.37 29.50 -6.90
N ILE D 27 -17.02 30.11 -5.77
CA ILE D 27 -16.89 29.35 -4.54
C ILE D 27 -18.22 28.73 -4.17
N GLU D 28 -19.30 29.52 -4.27
CA GLU D 28 -20.63 29.02 -3.98
C GLU D 28 -20.91 27.76 -4.79
N ARG D 29 -20.63 27.79 -6.09
N ARG D 29 -20.64 27.79 -6.10
CA ARG D 29 -20.93 26.61 -6.91
CA ARG D 29 -20.93 26.60 -6.90
C ARG D 29 -20.10 25.42 -6.48
C ARG D 29 -20.10 25.42 -6.45
N SER D 30 -18.81 25.64 -6.20
CA SER D 30 -17.97 24.53 -5.73
C SER D 30 -18.50 23.94 -4.43
N LEU D 31 -18.91 24.80 -3.49
CA LEU D 31 -19.37 24.27 -2.20
C LEU D 31 -20.65 23.47 -2.36
N MET D 32 -21.46 23.76 -3.37
N MET D 32 -21.46 23.76 -3.38
CA MET D 32 -22.65 22.96 -3.58
CA MET D 32 -22.66 22.96 -3.60
C MET D 32 -22.30 21.57 -4.09
C MET D 32 -22.30 21.57 -4.09
N ILE D 33 -21.39 21.48 -5.05
CA ILE D 33 -21.04 20.21 -5.69
C ILE D 33 -20.35 19.29 -4.70
N PRO D 34 -20.87 18.09 -4.48
CA PRO D 34 -20.16 17.16 -3.58
C PRO D 34 -18.81 16.74 -4.14
N PHE D 35 -17.88 16.58 -3.22
CA PHE D 35 -16.58 16.02 -3.54
C PHE D 35 -16.72 14.73 -4.34
N ARG D 36 -17.55 13.79 -3.87
N ARG D 36 -17.56 13.81 -3.85
CA ARG D 36 -17.65 12.48 -4.51
CA ARG D 36 -17.71 12.50 -4.45
C ARG D 36 -18.96 11.78 -4.12
C ARG D 36 -19.11 11.99 -4.12
N GLU D 37 -19.77 11.41 -5.12
CA GLU D 37 -20.97 10.62 -4.92
C GLU D 37 -20.71 9.18 -5.40
N ILE D 38 -21.06 8.21 -4.56
CA ILE D 38 -20.84 6.78 -4.79
C ILE D 38 -22.16 6.06 -4.70
N LYS D 39 -22.46 5.21 -5.70
CA LYS D 39 -23.59 4.30 -5.65
C LYS D 39 -23.04 2.93 -6.00
N VAL D 40 -23.33 1.93 -5.17
CA VAL D 40 -22.75 0.60 -5.33
C VAL D 40 -23.85 -0.45 -5.25
N GLU D 41 -23.69 -1.53 -6.04
CA GLU D 41 -24.58 -2.67 -5.88
C GLU D 41 -24.27 -3.40 -4.57
N CYS D 42 -25.31 -3.74 -3.81
CA CYS D 42 -25.20 -4.55 -2.60
C CYS D 42 -26.16 -5.72 -2.75
N THR D 43 -25.65 -6.87 -3.22
CA THR D 43 -26.47 -8.06 -3.38
C THR D 43 -26.07 -9.10 -2.35
N ILE D 44 -27.07 -9.68 -1.70
CA ILE D 44 -26.81 -10.69 -0.69
C ILE D 44 -27.72 -11.88 -0.92
N PRO D 45 -27.33 -13.07 -0.47
CA PRO D 45 -28.30 -14.16 -0.30
C PRO D 45 -29.12 -13.95 0.95
N LYS D 46 -30.41 -14.20 0.80
CA LYS D 46 -31.29 -14.23 1.95
C LYS D 46 -31.08 -15.53 2.69
N ASP D 47 -31.72 -15.63 3.86
CA ASP D 47 -31.57 -16.83 4.68
C ASP D 47 -32.02 -18.08 3.93
N ASP D 48 -32.98 -17.96 3.01
CA ASP D 48 -33.43 -19.08 2.22
C ASP D 48 -32.57 -19.28 0.97
N GLY D 49 -31.53 -18.48 0.80
CA GLY D 49 -30.61 -18.62 -0.30
C GLY D 49 -30.95 -17.81 -1.53
N THR D 50 -32.14 -17.25 -1.62
CA THR D 50 -32.49 -16.45 -2.80
C THR D 50 -31.81 -15.09 -2.71
N LEU D 51 -31.54 -14.50 -3.87
CA LEU D 51 -30.78 -13.27 -3.91
C LEU D 51 -31.70 -12.07 -3.77
N VAL D 52 -31.19 -11.00 -3.17
CA VAL D 52 -31.84 -9.70 -3.21
C VAL D 52 -30.77 -8.66 -3.46
N SER D 53 -31.08 -7.67 -4.31
CA SER D 53 -30.14 -6.62 -4.66
C SER D 53 -30.65 -5.28 -4.15
N TYR D 54 -29.77 -4.53 -3.48
CA TYR D 54 -30.01 -3.16 -3.05
C TYR D 54 -28.97 -2.26 -3.68
N ILE D 55 -29.21 -0.96 -3.65
CA ILE D 55 -28.23 0.02 -4.07
C ILE D 55 -27.83 0.79 -2.82
N GLY D 56 -26.54 0.80 -2.56
CA GLY D 56 -25.98 1.53 -1.44
C GLY D 56 -25.38 2.85 -1.92
N PHE D 57 -25.53 3.88 -1.09
CA PHE D 57 -25.10 5.22 -1.42
C PHE D 57 -24.18 5.77 -0.36
N ARG D 58 -23.14 6.49 -0.79
CA ARG D 58 -22.33 7.30 0.12
C ARG D 58 -21.98 8.58 -0.63
N VAL D 59 -22.56 9.70 -0.21
CA VAL D 59 -22.25 11.00 -0.76
C VAL D 59 -21.24 11.63 0.18
N GLN D 60 -20.10 11.96 -0.35
CA GLN D 60 -19.03 12.61 0.36
C GLN D 60 -19.07 14.07 -0.07
N HIS D 61 -19.74 14.89 0.73
CA HIS D 61 -20.05 16.23 0.24
C HIS D 61 -18.85 17.16 0.29
N ASP D 62 -18.19 17.27 1.44
CA ASP D 62 -17.11 18.25 1.56
C ASP D 62 -16.10 17.79 2.60
N ASN D 63 -14.81 17.94 2.28
CA ASN D 63 -13.75 17.55 3.22
C ASN D 63 -12.71 18.65 3.44
N ALA D 64 -13.09 19.91 3.22
CA ALA D 64 -12.14 21.00 3.38
C ALA D 64 -11.64 21.09 4.82
N ARG D 65 -12.52 20.83 5.79
CA ARG D 65 -12.21 21.04 7.20
C ARG D 65 -11.74 19.78 7.91
N GLY D 66 -11.76 18.65 7.22
CA GLY D 66 -11.25 17.41 7.76
C GLY D 66 -11.95 16.19 7.23
N PRO D 67 -11.74 15.05 7.87
CA PRO D 67 -12.40 13.82 7.44
C PRO D 67 -13.91 14.02 7.41
N MET D 68 -14.54 13.35 6.45
CA MET D 68 -15.97 13.52 6.34
C MET D 68 -16.69 12.70 7.39
N LYS D 69 -17.89 13.14 7.71
CA LYS D 69 -18.59 12.54 8.83
C LYS D 69 -20.09 12.56 8.53
N GLY D 70 -20.74 11.45 8.85
CA GLY D 70 -22.18 11.37 8.77
C GLY D 70 -22.64 9.94 8.76
N GLY D 71 -23.91 9.76 9.12
CA GLY D 71 -24.45 8.44 9.39
C GLY D 71 -24.90 7.71 8.14
N ILE D 72 -25.36 6.48 8.37
CA ILE D 72 -25.89 5.58 7.36
C ILE D 72 -27.33 5.29 7.69
N ARG D 73 -28.23 5.59 6.76
CA ARG D 73 -29.66 5.38 6.94
C ARG D 73 -30.12 4.13 6.18
N TYR D 74 -30.79 3.22 6.87
CA TYR D 74 -31.50 2.09 6.24
C TYR D 74 -32.99 2.44 6.30
N HIS D 75 -33.55 2.85 5.15
CA HIS D 75 -34.91 3.31 5.18
C HIS D 75 -35.44 3.23 3.76
N PRO D 76 -36.69 2.86 3.55
CA PRO D 76 -37.18 2.68 2.17
C PRO D 76 -37.18 3.94 1.31
N GLU D 77 -37.21 5.12 1.91
CA GLU D 77 -37.23 6.36 1.16
C GLU D 77 -35.83 6.90 0.88
N VAL D 78 -34.78 6.21 1.32
CA VAL D 78 -33.42 6.59 0.93
C VAL D 78 -33.31 6.62 -0.58
N ASP D 79 -32.84 7.74 -1.12
CA ASP D 79 -32.54 7.88 -2.53
C ASP D 79 -31.43 8.92 -2.67
N PRO D 80 -30.89 9.09 -3.88
CA PRO D 80 -29.75 10.02 -4.02
C PRO D 80 -30.05 11.44 -3.55
N ASP D 81 -31.22 12.01 -3.86
CA ASP D 81 -31.50 13.36 -3.38
C ASP D 81 -31.45 13.44 -1.86
N GLU D 82 -32.07 12.48 -1.16
CA GLU D 82 -32.03 12.54 0.30
C GLU D 82 -30.60 12.42 0.82
N VAL D 83 -29.81 11.49 0.28
CA VAL D 83 -28.47 11.33 0.80
C VAL D 83 -27.63 12.56 0.52
N ASN D 84 -27.77 13.15 -0.68
CA ASN D 84 -27.06 14.38 -0.99
C ASN D 84 -27.45 15.50 -0.03
N ALA D 85 -28.74 15.60 0.26
CA ALA D 85 -29.20 16.66 1.16
C ALA D 85 -28.66 16.47 2.58
N LEU D 86 -28.76 15.25 3.12
CA LEU D 86 -28.21 14.98 4.44
C LEU D 86 -26.72 15.22 4.47
N ALA D 87 -26.01 14.90 3.39
CA ALA D 87 -24.56 15.05 3.40
C ALA D 87 -24.16 16.51 3.43
N GLN D 88 -24.85 17.35 2.67
CA GLN D 88 -24.55 18.77 2.69
C GLN D 88 -24.82 19.34 4.07
N LEU D 89 -25.90 18.89 4.70
CA LEU D 89 -26.19 19.36 6.04
C LEU D 89 -25.11 18.95 7.05
N MET D 90 -24.51 17.76 6.90
CA MET D 90 -23.40 17.36 7.80
C MET D 90 -22.24 18.34 7.67
N THR D 91 -21.99 18.84 6.45
CA THR D 91 -20.88 19.78 6.24
C THR D 91 -21.09 21.06 7.04
N TRP D 92 -22.29 21.62 7.00
CA TRP D 92 -22.51 22.86 7.74
C TRP D 92 -22.59 22.59 9.24
N LYS D 93 -23.16 21.45 9.63
CA LYS D 93 -23.33 21.11 11.05
C LYS D 93 -21.98 20.94 11.74
N THR D 94 -21.08 20.19 11.10
CA THR D 94 -19.75 20.01 11.68
C THR D 94 -19.05 21.35 11.84
N ALA D 95 -19.23 22.25 10.87
CA ALA D 95 -18.58 23.56 10.96
C ALA D 95 -19.21 24.42 12.05
N VAL D 96 -20.54 24.37 12.20
CA VAL D 96 -21.20 25.07 13.30
C VAL D 96 -20.69 24.56 14.64
N ALA D 97 -20.56 23.25 14.79
CA ALA D 97 -20.08 22.71 16.05
C ALA D 97 -18.61 22.98 16.28
N ASP D 98 -17.88 23.38 15.25
CA ASP D 98 -16.44 23.59 15.33
C ASP D 98 -15.71 22.30 15.71
N ILE D 99 -16.08 21.24 15.00
CA ILE D 99 -15.36 19.97 15.08
C ILE D 99 -14.66 19.77 13.74
N PRO D 100 -13.50 19.10 13.72
CA PRO D 100 -12.64 19.10 12.52
C PRO D 100 -13.02 18.01 11.55
N TYR D 101 -14.22 18.13 11.00
CA TYR D 101 -14.82 17.20 10.07
C TYR D 101 -15.47 17.97 8.95
N GLY D 102 -15.59 17.31 7.83
CA GLY D 102 -16.51 17.67 6.79
C GLY D 102 -17.74 16.78 6.86
N GLY D 103 -18.50 16.78 5.78
CA GLY D 103 -19.81 16.17 5.75
C GLY D 103 -19.92 15.05 4.72
N ALA D 104 -20.62 13.99 5.09
CA ALA D 104 -20.94 12.88 4.20
C ALA D 104 -22.19 12.23 4.77
N LYS D 105 -22.79 11.35 3.98
CA LYS D 105 -23.92 10.57 4.45
C LYS D 105 -24.00 9.34 3.56
N GLY D 106 -24.64 8.30 4.07
CA GLY D 106 -24.86 7.12 3.26
C GLY D 106 -26.21 6.50 3.58
N GLY D 107 -26.55 5.49 2.80
CA GLY D 107 -27.72 4.72 3.15
C GLY D 107 -28.00 3.65 2.13
N ILE D 108 -28.96 2.81 2.48
CA ILE D 108 -29.49 1.78 1.62
C ILE D 108 -31.01 1.88 1.66
N GLY D 109 -31.64 1.89 0.49
CA GLY D 109 -33.08 1.89 0.41
C GLY D 109 -33.58 0.49 0.70
N CYS D 110 -33.92 0.26 1.96
CA CYS D 110 -34.40 -1.04 2.39
C CYS D 110 -35.28 -0.81 3.60
N SER D 111 -36.04 -1.85 3.95
CA SER D 111 -36.88 -1.84 5.14
C SER D 111 -36.29 -2.82 6.15
N PRO D 112 -35.48 -2.35 7.10
CA PRO D 112 -34.78 -3.29 8.00
C PRO D 112 -35.68 -4.22 8.73
N ARG D 113 -36.92 -3.82 9.00
CA ARG D 113 -37.79 -4.70 9.75
C ARG D 113 -38.24 -5.89 8.91
N ASP D 114 -38.08 -5.82 7.60
CA ASP D 114 -38.39 -6.93 6.71
C ASP D 114 -37.22 -7.90 6.52
N LEU D 115 -36.08 -7.64 7.16
CA LEU D 115 -34.88 -8.45 7.02
C LEU D 115 -34.57 -9.10 8.35
N SER D 116 -34.04 -10.31 8.28
CA SER D 116 -33.59 -10.95 9.51
C SER D 116 -32.30 -10.31 9.99
N LEU D 117 -31.89 -10.63 11.22
CA LEU D 117 -30.64 -10.10 11.73
C LEU D 117 -29.46 -10.60 10.92
N SER D 118 -29.49 -11.86 10.49
CA SER D 118 -28.37 -12.36 9.69
C SER D 118 -28.35 -11.70 8.32
N GLU D 119 -29.54 -11.47 7.73
CA GLU D 119 -29.60 -10.71 6.49
C GLU D 119 -29.07 -9.30 6.66
N LEU D 120 -29.49 -8.59 7.72
CA LEU D 120 -28.99 -7.25 7.97
C LEU D 120 -27.48 -7.24 8.11
N GLU D 121 -26.92 -8.25 8.78
CA GLU D 121 -25.47 -8.33 8.94
C GLU D 121 -24.78 -8.56 7.60
N ARG D 122 -25.27 -9.49 6.78
CA ARG D 122 -24.65 -9.67 5.48
C ARG D 122 -24.75 -8.41 4.63
N LEU D 123 -25.91 -7.73 4.66
CA LEU D 123 -26.07 -6.51 3.87
C LEU D 123 -25.07 -5.47 4.31
N THR D 124 -24.93 -5.31 5.62
CA THR D 124 -24.00 -4.33 6.18
C THR D 124 -22.58 -4.65 5.79
N ARG D 125 -22.21 -5.94 5.87
CA ARG D 125 -20.85 -6.30 5.53
C ARG D 125 -20.58 -6.14 4.04
N VAL D 126 -21.54 -6.48 3.19
CA VAL D 126 -21.35 -6.29 1.76
C VAL D 126 -21.22 -4.81 1.43
N PHE D 127 -22.12 -3.98 1.99
CA PHE D 127 -21.98 -2.54 1.82
C PHE D 127 -20.57 -2.07 2.19
N THR D 128 -20.05 -2.58 3.32
CA THR D 128 -18.72 -2.18 3.77
C THR D 128 -17.67 -2.64 2.77
N GLN D 129 -17.80 -3.88 2.27
CA GLN D 129 -16.85 -4.34 1.24
C GLN D 129 -16.86 -3.42 0.04
N LYS D 130 -18.04 -2.88 -0.29
CA LYS D 130 -18.14 -2.10 -1.51
C LYS D 130 -17.65 -0.68 -1.35
N ILE D 131 -17.54 -0.16 -0.12
CA ILE D 131 -17.08 1.20 0.09
C ILE D 131 -15.83 1.29 0.95
N HIS D 132 -15.21 0.18 1.35
CA HIS D 132 -14.12 0.28 2.34
C HIS D 132 -12.97 1.12 1.81
N ASP D 133 -12.73 1.09 0.48
CA ASP D 133 -11.63 1.82 -0.11
C ASP D 133 -11.90 3.32 -0.19
N LEU D 134 -13.15 3.73 0.06
CA LEU D 134 -13.55 5.11 -0.07
C LEU D 134 -13.75 5.82 1.25
N ILE D 135 -13.71 5.10 2.37
CA ILE D 135 -13.91 5.66 3.70
C ILE D 135 -12.62 5.44 4.48
N GLY D 136 -12.57 5.86 5.74
CA GLY D 136 -11.38 5.66 6.53
C GLY D 136 -11.29 6.65 7.67
N ILE D 137 -10.40 6.35 8.62
CA ILE D 137 -10.32 7.12 9.86
C ILE D 137 -10.09 8.61 9.58
N HIS D 138 -9.28 8.93 8.58
CA HIS D 138 -8.99 10.30 8.23
C HIS D 138 -9.60 10.71 6.90
N THR D 139 -10.58 9.94 6.43
CA THR D 139 -11.20 10.18 5.13
C THR D 139 -12.71 10.39 5.26
N ASP D 140 -13.41 9.44 5.84
CA ASP D 140 -14.87 9.47 5.96
C ASP D 140 -15.27 8.44 7.02
N VAL D 141 -15.95 8.90 8.06
CA VAL D 141 -16.23 8.11 9.26
C VAL D 141 -17.74 8.03 9.45
N PRO D 142 -18.35 6.87 9.14
CA PRO D 142 -19.81 6.75 9.28
C PRO D 142 -20.26 6.63 10.74
N ALA D 143 -21.54 6.43 10.88
CA ALA D 143 -22.23 6.42 12.16
C ALA D 143 -23.65 5.94 11.92
N PRO D 144 -24.46 5.75 12.96
CA PRO D 144 -25.85 5.36 12.76
C PRO D 144 -26.70 6.54 12.31
N ASP D 145 -27.89 6.18 11.84
CA ASP D 145 -28.93 7.12 11.49
C ASP D 145 -30.23 6.32 11.58
N MET D 146 -31.27 6.75 10.87
CA MET D 146 -32.51 5.99 10.91
C MET D 146 -32.27 4.58 10.38
N GLY D 147 -32.77 3.60 11.12
CA GLY D 147 -32.72 2.23 10.67
C GLY D 147 -31.41 1.51 10.94
N THR D 148 -30.42 2.18 11.54
CA THR D 148 -29.18 1.54 11.95
C THR D 148 -28.87 1.90 13.41
N ASN D 149 -27.94 1.17 14.02
CA ASN D 149 -27.67 1.32 15.44
C ASN D 149 -26.26 0.82 15.74
N ALA D 150 -25.92 0.74 17.04
CA ALA D 150 -24.56 0.39 17.41
C ALA D 150 -24.18 -0.99 16.87
N GLN D 151 -25.13 -1.92 16.82
CA GLN D 151 -24.81 -3.25 16.30
C GLN D 151 -24.47 -3.18 14.83
N THR D 152 -25.18 -2.35 14.06
CA THR D 152 -24.80 -2.13 12.68
C THR D 152 -23.37 -1.65 12.59
N MET D 153 -22.99 -0.69 13.44
CA MET D 153 -21.63 -0.14 13.39
C MET D 153 -20.58 -1.20 13.75
N ALA D 154 -20.91 -2.10 14.67
CA ALA D 154 -19.99 -3.18 15.01
C ALA D 154 -19.65 -4.02 13.78
N TRP D 155 -20.67 -4.32 12.96
CA TRP D 155 -20.45 -5.10 11.74
C TRP D 155 -19.61 -4.32 10.71
N ILE D 156 -19.85 -3.02 10.58
CA ILE D 156 -18.98 -2.20 9.71
C ILE D 156 -17.55 -2.25 10.21
N LEU D 157 -17.33 -2.00 11.50
CA LEU D 157 -15.99 -2.07 12.06
C LEU D 157 -15.34 -3.41 11.75
N ASP D 158 -16.07 -4.49 12.03
CA ASP D 158 -15.50 -5.82 11.91
C ASP D 158 -15.11 -6.12 10.47
N GLU D 159 -15.98 -5.78 9.52
CA GLU D 159 -15.67 -6.05 8.12
C GLU D 159 -14.58 -5.13 7.61
N TYR D 160 -14.64 -3.85 7.97
CA TYR D 160 -13.64 -2.91 7.52
C TYR D 160 -12.25 -3.33 8.00
N SER D 161 -12.18 -3.85 9.21
CA SER D 161 -10.89 -4.19 9.80
C SER D 161 -10.26 -5.40 9.13
N LYS D 162 -11.06 -6.23 8.47
CA LYS D 162 -10.46 -7.27 7.63
C LYS D 162 -9.58 -6.67 6.55
N PHE D 163 -9.98 -5.54 5.99
CA PHE D 163 -9.25 -4.92 4.89
C PHE D 163 -8.12 -4.00 5.33
N HIS D 164 -8.20 -3.42 6.54
CA HIS D 164 -7.25 -2.39 6.92
C HIS D 164 -6.68 -2.59 8.31
N GLY D 165 -6.92 -3.74 8.93
CA GLY D 165 -6.56 -3.95 10.33
C GLY D 165 -7.52 -3.25 11.26
N HIS D 166 -7.36 -3.51 12.56
CA HIS D 166 -8.28 -2.99 13.58
C HIS D 166 -8.34 -1.47 13.50
N SER D 167 -9.53 -0.91 13.26
CA SER D 167 -9.69 0.50 12.96
C SER D 167 -10.89 1.04 13.71
N PRO D 168 -10.83 1.03 15.03
CA PRO D 168 -12.00 1.47 15.81
C PRO D 168 -12.52 2.84 15.44
N ALA D 169 -11.66 3.78 15.04
CA ALA D 169 -12.14 5.12 14.72
C ALA D 169 -12.77 5.24 13.35
N VAL D 170 -12.88 4.15 12.58
CA VAL D 170 -13.50 4.26 11.26
C VAL D 170 -15.01 4.50 11.32
N VAL D 171 -15.69 4.10 12.41
N VAL D 171 -15.65 4.20 12.45
CA VAL D 171 -17.12 4.35 12.60
CA VAL D 171 -17.10 4.37 12.60
C VAL D 171 -17.31 4.79 14.04
C VAL D 171 -17.38 4.71 14.04
N THR D 172 -18.34 5.61 14.25
CA THR D 172 -18.72 6.01 15.61
C THR D 172 -20.13 5.49 15.90
N GLY D 173 -20.62 5.74 17.11
CA GLY D 173 -21.82 5.07 17.59
C GLY D 173 -21.64 3.59 17.86
N LYS D 174 -20.40 3.16 18.07
CA LYS D 174 -20.10 1.77 18.35
C LYS D 174 -20.64 1.33 19.71
N PRO D 175 -20.81 0.02 19.91
CA PRO D 175 -21.07 -0.48 21.26
C PRO D 175 -19.93 -0.11 22.19
N ILE D 176 -20.27 0.19 23.44
CA ILE D 176 -19.23 0.47 24.42
C ILE D 176 -18.19 -0.63 24.44
N ASP D 177 -18.64 -1.88 24.40
CA ASP D 177 -17.72 -2.99 24.50
C ASP D 177 -16.88 -3.17 23.25
N LEU D 178 -17.05 -2.35 22.20
CA LEU D 178 -16.14 -2.34 21.06
C LEU D 178 -15.53 -0.96 20.79
N GLY D 179 -15.30 -0.16 21.83
CA GLY D 179 -14.66 1.10 21.62
C GLY D 179 -15.61 2.27 21.46
N GLY D 180 -16.91 2.07 21.69
CA GLY D 180 -17.84 3.18 21.73
C GLY D 180 -17.58 4.11 22.89
N SER D 181 -18.11 5.32 22.78
CA SER D 181 -18.00 6.31 23.83
C SER D 181 -19.18 6.24 24.77
N LEU D 182 -18.88 6.30 26.06
CA LEU D 182 -19.93 6.66 27.00
C LEU D 182 -20.56 7.97 26.55
N GLY D 183 -21.88 8.07 26.71
CA GLY D 183 -22.62 9.25 26.31
C GLY D 183 -23.08 9.27 24.86
N ARG D 184 -22.49 8.46 23.96
CA ARG D 184 -22.85 8.58 22.55
C ARG D 184 -24.31 8.19 22.30
N GLU D 185 -24.81 7.14 22.94
CA GLU D 185 -26.16 6.68 22.63
C GLU D 185 -27.17 7.79 22.92
N ALA D 186 -26.99 8.50 24.03
CA ALA D 186 -27.89 9.56 24.46
C ALA D 186 -27.56 10.92 23.86
N ALA D 187 -26.48 11.02 23.08
CA ALA D 187 -25.88 12.33 22.78
C ALA D 187 -26.81 13.23 21.99
N THR D 188 -27.49 12.71 20.98
CA THR D 188 -28.29 13.62 20.18
C THR D 188 -29.43 14.18 21.02
N GLY D 189 -30.16 13.30 21.73
CA GLY D 189 -31.22 13.76 22.61
C GLY D 189 -30.73 14.68 23.71
N ARG D 190 -29.62 14.31 24.36
CA ARG D 190 -29.05 15.20 25.36
C ARG D 190 -28.67 16.56 24.75
N GLY D 191 -28.04 16.55 23.57
CA GLY D 191 -27.70 17.82 22.94
C GLY D 191 -28.93 18.62 22.59
N VAL D 192 -30.02 17.95 22.20
CA VAL D 192 -31.27 18.65 21.96
C VAL D 192 -31.70 19.37 23.23
N VAL D 193 -31.52 18.72 24.39
CA VAL D 193 -31.88 19.36 25.65
C VAL D 193 -31.01 20.60 25.86
N PHE D 194 -29.69 20.47 25.68
CA PHE D 194 -28.80 21.61 25.89
C PHE D 194 -29.17 22.75 24.96
N ALA D 195 -29.42 22.44 23.69
CA ALA D 195 -29.76 23.46 22.72
C ALA D 195 -31.07 24.14 23.09
N THR D 196 -32.07 23.37 23.49
CA THR D 196 -33.34 23.95 23.91
C THR D 196 -33.14 24.87 25.11
N GLU D 197 -32.30 24.44 26.05
CA GLU D 197 -32.04 25.22 27.25
C GLU D 197 -31.33 26.52 26.91
N ALA D 198 -30.38 26.47 25.99
CA ALA D 198 -29.71 27.70 25.58
C ALA D 198 -30.67 28.65 24.87
N LEU D 199 -31.57 28.09 24.04
CA LEU D 199 -32.57 28.92 23.38
C LEU D 199 -33.52 29.56 24.37
N LEU D 200 -34.14 28.73 25.22
CA LEU D 200 -35.14 29.24 26.16
C LEU D 200 -34.55 30.25 27.11
N ALA D 201 -33.28 30.08 27.50
CA ALA D 201 -32.66 31.03 28.42
C ALA D 201 -32.64 32.44 27.83
N GLU D 202 -32.55 32.55 26.50
CA GLU D 202 -32.62 33.85 25.87
C GLU D 202 -33.93 34.56 26.15
N TYR D 203 -34.97 33.83 26.53
CA TYR D 203 -36.28 34.38 26.87
C TYR D 203 -36.58 34.29 28.36
N GLY D 204 -35.55 34.06 29.19
CA GLY D 204 -35.79 33.85 30.61
C GLY D 204 -36.71 32.69 30.88
N LYS D 205 -36.58 31.61 30.12
CA LYS D 205 -37.39 30.43 30.30
C LYS D 205 -36.46 29.23 30.50
N SER D 206 -37.05 28.15 31.00
CA SER D 206 -36.36 26.88 31.10
C SER D 206 -37.36 25.77 30.81
N ILE D 207 -36.85 24.53 30.72
CA ILE D 207 -37.71 23.41 30.31
C ILE D 207 -38.83 23.17 31.31
N GLN D 208 -38.54 23.31 32.61
CA GLN D 208 -39.50 22.92 33.63
C GLN D 208 -40.83 23.64 33.45
N GLY D 209 -41.90 22.85 33.33
CA GLY D 209 -43.23 23.38 33.25
C GLY D 209 -43.76 23.52 31.83
N LEU D 210 -42.88 23.67 30.85
CA LEU D 210 -43.33 23.83 29.47
C LEU D 210 -43.79 22.50 28.90
N THR D 211 -44.56 22.58 27.82
CA THR D 211 -45.11 21.40 27.17
C THR D 211 -44.36 21.16 25.87
N PHE D 212 -44.12 19.88 25.57
CA PHE D 212 -43.35 19.46 24.40
C PHE D 212 -44.13 18.41 23.62
N VAL D 213 -44.00 18.45 22.29
CA VAL D 213 -44.53 17.42 21.42
C VAL D 213 -43.37 16.84 20.61
N ILE D 214 -43.32 15.52 20.51
CA ILE D 214 -42.18 14.82 19.92
C ILE D 214 -42.71 13.91 18.82
N GLN D 215 -42.16 14.06 17.60
CA GLN D 215 -42.45 13.18 16.48
C GLN D 215 -41.28 12.24 16.29
N GLY D 216 -41.52 10.95 16.50
CA GLY D 216 -40.46 9.97 16.43
C GLY D 216 -40.07 9.52 17.83
N PHE D 217 -39.73 8.24 17.99
CA PHE D 217 -39.46 7.69 19.31
C PHE D 217 -38.37 6.62 19.19
N GLY D 218 -37.27 6.99 18.55
CA GLY D 218 -36.16 6.08 18.34
C GLY D 218 -34.96 6.55 19.13
N ASN D 219 -33.76 6.44 18.56
CA ASN D 219 -32.59 6.86 19.29
C ASN D 219 -32.72 8.31 19.72
N VAL D 220 -33.15 9.19 18.81
CA VAL D 220 -33.22 10.60 19.11
C VAL D 220 -34.44 10.91 19.95
N GLY D 221 -35.62 10.42 19.53
CA GLY D 221 -36.87 10.81 20.19
C GLY D 221 -36.97 10.28 21.62
N THR D 222 -36.48 9.06 21.88
CA THR D 222 -36.63 8.51 23.22
C THR D 222 -35.75 9.27 24.21
N TRP D 223 -34.51 9.58 23.82
CA TRP D 223 -33.61 10.29 24.72
C TRP D 223 -34.01 11.75 24.90
N ALA D 224 -34.44 12.40 23.81
CA ALA D 224 -34.91 13.75 23.97
C ALA D 224 -36.11 13.78 24.91
N ALA D 225 -37.04 12.85 24.74
CA ALA D 225 -38.24 12.87 25.58
C ALA D 225 -37.90 12.52 27.03
N LYS D 226 -37.05 11.53 27.21
CA LYS D 226 -36.66 11.10 28.55
C LYS D 226 -35.94 12.22 29.29
N LEU D 227 -34.97 12.85 28.65
CA LEU D 227 -34.22 13.89 29.33
C LEU D 227 -35.05 15.14 29.53
N ILE D 228 -35.95 15.47 28.59
CA ILE D 228 -36.80 16.63 28.78
C ILE D 228 -37.70 16.41 29.99
N HIS D 229 -38.29 15.21 30.06
CA HIS D 229 -39.19 14.88 31.16
C HIS D 229 -38.45 14.94 32.50
N GLU D 230 -37.17 14.53 32.51
CA GLU D 230 -36.39 14.57 33.73
C GLU D 230 -35.92 15.97 34.09
N LYS D 231 -35.93 16.90 33.13
CA LYS D 231 -35.78 18.33 33.42
C LYS D 231 -37.11 19.01 33.75
N GLY D 232 -38.17 18.24 34.02
CA GLY D 232 -39.46 18.80 34.37
C GLY D 232 -40.34 19.22 33.21
N GLY D 233 -39.96 18.92 31.98
CA GLY D 233 -40.82 19.21 30.86
C GLY D 233 -42.04 18.30 30.84
N LYS D 234 -43.13 18.82 30.29
CA LYS D 234 -44.36 18.06 30.07
C LYS D 234 -44.39 17.63 28.61
N VAL D 235 -44.06 16.37 28.37
CA VAL D 235 -44.17 15.78 27.03
C VAL D 235 -45.63 15.39 26.86
N VAL D 236 -46.39 16.21 26.13
CA VAL D 236 -47.83 16.01 26.06
C VAL D 236 -48.27 15.17 24.86
N ALA D 237 -47.38 14.89 23.90
CA ALA D 237 -47.78 14.05 22.78
C ALA D 237 -46.53 13.44 22.16
N VAL D 238 -46.63 12.19 21.75
CA VAL D 238 -45.51 11.45 21.15
C VAL D 238 -46.08 10.55 20.07
N SER D 239 -45.35 10.40 18.97
CA SER D 239 -45.72 9.45 17.93
C SER D 239 -44.48 8.74 17.43
N ASP D 240 -44.72 7.62 16.75
CA ASP D 240 -43.71 6.96 15.93
C ASP D 240 -44.47 6.28 14.80
N ILE D 241 -43.81 5.36 14.08
CA ILE D 241 -44.44 4.78 12.90
C ILE D 241 -45.71 4.02 13.26
N THR D 242 -45.88 3.60 14.51
CA THR D 242 -47.01 2.79 14.90
C THR D 242 -48.24 3.60 15.30
N GLY D 243 -48.09 4.86 15.67
CA GLY D 243 -49.22 5.68 16.07
C GLY D 243 -48.77 6.80 16.99
N ALA D 244 -49.74 7.42 17.65
CA ALA D 244 -49.48 8.60 18.46
C ALA D 244 -50.33 8.58 19.72
N ILE D 245 -49.78 9.11 20.83
CA ILE D 245 -50.49 9.26 22.09
C ILE D 245 -50.29 10.67 22.64
N ARG D 246 -51.26 11.12 23.43
CA ARG D 246 -51.21 12.42 24.05
C ARG D 246 -51.60 12.32 25.52
N ASN D 247 -51.03 13.20 26.32
CA ASN D 247 -51.55 13.40 27.67
C ASN D 247 -51.30 14.86 28.06
N PRO D 248 -52.35 15.66 28.18
CA PRO D 248 -52.13 17.10 28.43
C PRO D 248 -51.43 17.38 29.74
N GLU D 249 -51.51 16.48 30.71
CA GLU D 249 -50.75 16.61 31.95
C GLU D 249 -49.34 16.08 31.84
N GLY D 250 -48.96 15.52 30.70
CA GLY D 250 -47.62 15.00 30.53
C GLY D 250 -47.59 13.49 30.55
N ILE D 251 -46.90 12.92 29.58
CA ILE D 251 -46.76 11.48 29.46
C ILE D 251 -45.61 11.03 30.34
N ASP D 252 -45.81 9.93 31.07
CA ASP D 252 -44.71 9.24 31.78
C ASP D 252 -43.84 8.54 30.74
N ILE D 253 -42.73 9.18 30.37
CA ILE D 253 -41.90 8.69 29.27
C ILE D 253 -41.21 7.39 29.65
N ASN D 254 -40.83 7.23 30.91
CA ASN D 254 -40.20 5.97 31.32
C ASN D 254 -41.17 4.81 31.15
N ALA D 255 -42.42 5.00 31.61
CA ALA D 255 -43.45 3.98 31.40
C ALA D 255 -43.70 3.74 29.91
N LEU D 256 -43.69 4.80 29.11
CA LEU D 256 -43.93 4.63 27.67
C LEU D 256 -42.82 3.83 27.02
N ILE D 257 -41.57 4.05 27.44
CA ILE D 257 -40.45 3.27 26.92
C ILE D 257 -40.65 1.80 27.25
N LYS D 258 -40.91 1.51 28.53
CA LYS D 258 -41.14 0.13 28.94
C LYS D 258 -42.32 -0.47 28.18
N HIS D 259 -43.41 0.28 28.01
CA HIS D 259 -44.53 -0.24 27.23
C HIS D 259 -44.11 -0.48 25.78
N LYS D 260 -43.42 0.49 25.17
CA LYS D 260 -42.99 0.34 23.79
C LYS D 260 -42.11 -0.91 23.63
N ASP D 261 -41.19 -1.13 24.57
CA ASP D 261 -40.31 -2.29 24.48
C ASP D 261 -41.12 -3.59 24.53
N ALA D 262 -42.06 -3.68 25.47
CA ALA D 262 -42.76 -4.94 25.70
C ALA D 262 -43.73 -5.27 24.57
N THR D 263 -44.37 -4.26 23.99
CA THR D 263 -45.44 -4.47 23.03
C THR D 263 -45.06 -4.10 21.60
N GLY D 264 -43.98 -3.34 21.42
CA GLY D 264 -43.62 -2.89 20.09
C GLY D 264 -44.51 -1.80 19.53
N SER D 265 -45.40 -1.23 20.33
CA SER D 265 -46.30 -0.18 19.86
C SER D 265 -46.52 0.85 20.95
N LEU D 266 -46.77 2.10 20.52
CA LEU D 266 -47.25 3.14 21.42
C LEU D 266 -48.73 3.05 21.68
N ASN D 267 -49.46 2.34 20.82
CA ASN D 267 -50.90 2.22 20.97
C ASN D 267 -51.26 1.43 22.22
N ASP D 268 -52.43 1.75 22.78
CA ASP D 268 -52.92 1.08 23.98
C ASP D 268 -51.96 1.28 25.15
N PHE D 269 -51.24 2.40 25.16
CA PHE D 269 -50.52 2.82 26.35
C PHE D 269 -51.51 3.28 27.42
N ASN D 270 -51.36 2.74 28.63
CA ASN D 270 -52.32 2.99 29.68
C ASN D 270 -52.28 4.42 30.20
N GLY D 271 -51.20 5.16 29.94
CA GLY D 271 -51.06 6.50 30.47
C GLY D 271 -51.21 7.59 29.41
N GLY D 272 -51.95 7.30 28.35
CA GLY D 272 -52.19 8.29 27.31
C GLY D 272 -53.41 7.90 26.52
N ASP D 273 -53.84 8.83 25.67
CA ASP D 273 -54.96 8.63 24.76
C ASP D 273 -54.44 8.59 23.33
N ALA D 274 -54.97 7.65 22.55
CA ALA D 274 -54.71 7.64 21.12
C ALA D 274 -55.07 9.00 20.51
N MET D 275 -54.25 9.45 19.56
CA MET D 275 -54.59 10.59 18.73
C MET D 275 -54.18 10.27 17.30
N ASN D 276 -54.70 11.06 16.36
CA ASN D 276 -54.36 10.88 14.95
C ASN D 276 -52.90 11.32 14.73
N SER D 277 -52.03 10.39 14.31
CA SER D 277 -50.63 10.74 14.25
C SER D 277 -50.33 11.84 13.22
N ASP D 278 -51.22 12.07 12.26
CA ASP D 278 -51.02 13.16 11.31
C ASP D 278 -51.56 14.49 11.81
N GLU D 279 -51.91 14.59 13.10
CA GLU D 279 -52.15 15.86 13.77
C GLU D 279 -51.15 16.09 14.90
N LEU D 280 -50.13 15.24 14.98
CA LEU D 280 -49.12 15.39 16.01
C LEU D 280 -48.39 16.72 15.86
N LEU D 281 -47.95 17.06 14.64
CA LEU D 281 -47.12 18.24 14.44
C LEU D 281 -47.88 19.55 14.66
N ILE D 282 -49.20 19.52 14.60
CA ILE D 282 -50.00 20.72 14.81
C ILE D 282 -50.57 20.79 16.21
N HIS D 283 -50.11 19.93 17.11
CA HIS D 283 -50.62 19.87 18.47
C HIS D 283 -50.18 21.09 19.27
N GLU D 284 -51.06 21.55 20.16
CA GLU D 284 -50.77 22.69 21.01
C GLU D 284 -49.56 22.39 21.90
N CYS D 285 -48.62 23.32 21.99
CA CYS D 285 -47.47 23.12 22.86
C CYS D 285 -46.60 24.37 22.89
N ASP D 286 -45.67 24.39 23.83
CA ASP D 286 -44.64 25.43 23.85
C ASP D 286 -43.53 25.12 22.84
N VAL D 287 -43.02 23.89 22.86
CA VAL D 287 -41.89 23.49 22.04
C VAL D 287 -42.25 22.24 21.27
N LEU D 288 -42.08 22.29 19.95
CA LEU D 288 -42.33 21.18 19.05
C LEU D 288 -40.98 20.62 18.59
N ILE D 289 -40.81 19.32 18.71
CA ILE D 289 -39.52 18.70 18.40
C ILE D 289 -39.70 17.53 17.43
N PRO D 290 -39.56 17.75 16.13
CA PRO D 290 -39.57 16.63 15.18
C PRO D 290 -38.31 15.80 15.34
N CYS D 291 -38.49 14.48 15.45
CA CYS D 291 -37.37 13.56 15.70
C CYS D 291 -37.42 12.36 14.77
N ALA D 292 -37.99 12.55 13.58
CA ALA D 292 -38.17 11.46 12.62
C ALA D 292 -37.74 11.90 11.23
N LEU D 293 -38.64 11.87 10.27
CA LEU D 293 -38.26 12.16 8.89
C LEU D 293 -38.12 13.66 8.65
N GLY D 294 -37.43 14.00 7.56
CA GLY D 294 -37.37 15.38 7.12
C GLY D 294 -38.55 15.79 6.26
N GLY D 295 -38.66 17.10 6.04
CA GLY D 295 -39.68 17.68 5.17
C GLY D 295 -41.08 17.61 5.72
N VAL D 296 -41.26 17.26 7.00
CA VAL D 296 -42.59 17.00 7.53
C VAL D 296 -43.37 18.29 7.84
N LEU D 297 -42.67 19.41 8.00
CA LEU D 297 -43.29 20.73 8.10
C LEU D 297 -43.11 21.41 6.74
N ASN D 298 -44.22 21.65 6.04
CA ASN D 298 -44.19 22.11 4.66
C ASN D 298 -45.34 23.11 4.46
N LYS D 299 -45.57 23.49 3.19
CA LYS D 299 -46.50 24.57 2.87
C LYS D 299 -47.94 24.23 3.25
N GLU D 300 -48.24 22.95 3.46
CA GLU D 300 -49.61 22.52 3.70
C GLU D 300 -50.00 22.53 5.17
N ASN D 301 -49.07 22.23 6.09
CA ASN D 301 -49.39 22.16 7.50
C ASN D 301 -48.75 23.25 8.35
N ALA D 302 -47.78 23.99 7.83
CA ALA D 302 -47.07 24.97 8.67
C ALA D 302 -48.04 26.00 9.23
N GLY D 303 -49.03 26.43 8.45
CA GLY D 303 -49.96 27.44 8.93
C GLY D 303 -50.80 26.98 10.09
N ASP D 304 -50.86 25.67 10.34
CA ASP D 304 -51.61 25.10 11.44
C ASP D 304 -50.74 24.79 12.64
N VAL D 305 -49.44 25.05 12.57
CA VAL D 305 -48.57 24.78 13.70
C VAL D 305 -48.96 25.68 14.87
N LYS D 306 -49.01 25.10 16.08
CA LYS D 306 -49.41 25.80 17.29
C LYS D 306 -48.27 25.97 18.28
N ALA D 307 -47.09 25.45 17.98
CA ALA D 307 -45.96 25.62 18.88
C ALA D 307 -45.43 27.05 18.83
N LYS D 308 -44.82 27.46 19.93
CA LYS D 308 -44.11 28.74 19.98
C LYS D 308 -42.67 28.61 19.53
N PHE D 309 -42.04 27.47 19.81
CA PHE D 309 -40.68 27.17 19.40
C PHE D 309 -40.69 25.83 18.68
N ILE D 310 -39.84 25.71 17.66
CA ILE D 310 -39.54 24.44 17.01
C ILE D 310 -38.06 24.21 17.19
N VAL D 311 -37.70 23.04 17.74
CA VAL D 311 -36.30 22.62 17.87
C VAL D 311 -36.13 21.39 16.98
N GLU D 312 -35.25 21.50 15.98
CA GLU D 312 -35.18 20.48 14.95
C GLU D 312 -34.20 19.41 15.36
N ALA D 313 -34.72 18.30 15.88
CA ALA D 313 -33.87 17.16 16.24
C ALA D 313 -33.63 16.28 15.02
N ALA D 314 -34.69 15.98 14.27
CA ALA D 314 -34.51 15.36 12.96
C ALA D 314 -33.66 16.24 12.07
N ASN D 315 -33.09 15.61 11.04
CA ASN D 315 -32.51 16.36 9.94
C ASN D 315 -33.59 16.89 9.02
N HIS D 316 -33.44 18.15 8.64
CA HIS D 316 -34.28 18.98 7.78
C HIS D 316 -35.78 18.70 7.89
N PRO D 317 -36.36 18.80 9.08
CA PRO D 317 -37.81 18.59 9.22
C PRO D 317 -38.66 19.71 8.64
N THR D 318 -38.12 20.91 8.50
CA THR D 318 -38.87 22.08 8.06
C THR D 318 -38.32 22.55 6.73
N ASP D 319 -39.18 22.61 5.70
CA ASP D 319 -38.72 23.11 4.42
C ASP D 319 -38.87 24.63 4.36
N PRO D 320 -38.22 25.27 3.40
CA PRO D 320 -38.21 26.74 3.38
C PRO D 320 -39.59 27.38 3.22
N ASP D 321 -40.55 26.74 2.56
CA ASP D 321 -41.90 27.30 2.51
C ASP D 321 -42.47 27.41 3.92
N ALA D 322 -42.32 26.34 4.71
CA ALA D 322 -42.75 26.35 6.10
C ALA D 322 -42.01 27.42 6.91
N ASP D 323 -40.70 27.56 6.71
CA ASP D 323 -39.93 28.57 7.46
C ASP D 323 -40.57 29.93 7.37
N GLU D 324 -40.97 30.32 6.16
CA GLU D 324 -41.59 31.63 5.94
C GLU D 324 -42.96 31.71 6.61
N ILE D 325 -43.80 30.72 6.38
CA ILE D 325 -45.11 30.69 7.02
C ILE D 325 -44.96 30.82 8.53
N LEU D 326 -44.04 30.01 9.11
CA LEU D 326 -43.87 30.01 10.55
C LEU D 326 -43.28 31.33 11.05
N SER D 327 -42.37 31.93 10.29
CA SER D 327 -41.80 33.21 10.69
C SER D 327 -42.86 34.29 10.78
N LYS D 328 -43.80 34.28 9.84
CA LYS D 328 -44.91 35.23 9.87
C LYS D 328 -45.81 35.00 11.07
N LYS D 329 -45.93 33.75 11.53
CA LYS D 329 -46.68 33.42 12.75
C LYS D 329 -45.91 33.71 14.03
N GLY D 330 -44.65 34.12 13.94
CA GLY D 330 -43.84 34.41 15.12
C GLY D 330 -43.23 33.20 15.78
N VAL D 331 -43.23 32.06 15.09
CA VAL D 331 -42.61 30.85 15.60
C VAL D 331 -41.11 30.98 15.44
N ILE D 332 -40.36 30.61 16.48
CA ILE D 332 -38.90 30.61 16.46
C ILE D 332 -38.43 29.18 16.23
N ILE D 333 -37.52 29.00 15.28
CA ILE D 333 -37.06 27.69 14.84
C ILE D 333 -35.58 27.57 15.10
N LEU D 334 -35.22 26.64 15.98
CA LEU D 334 -33.82 26.35 16.27
C LEU D 334 -33.37 25.28 15.28
N PRO D 335 -32.39 25.56 14.43
CA PRO D 335 -32.16 24.69 13.26
C PRO D 335 -31.42 23.41 13.58
N ASP D 336 -31.76 22.41 12.77
CA ASP D 336 -31.17 21.07 12.85
C ASP D 336 -29.65 21.10 12.95
N ILE D 337 -29.00 21.88 12.07
CA ILE D 337 -27.54 21.87 12.01
C ILE D 337 -26.90 22.44 13.26
N TYR D 338 -27.69 23.00 14.16
CA TYR D 338 -27.22 23.23 15.52
C TYR D 338 -27.86 22.28 16.53
N ALA D 339 -29.20 22.21 16.57
CA ALA D 339 -29.87 21.56 17.71
C ALA D 339 -29.57 20.07 17.79
N ASN D 340 -29.35 19.41 16.66
CA ASN D 340 -29.14 17.96 16.67
C ASN D 340 -27.65 17.61 16.59
N ALA D 341 -26.78 18.61 16.67
CA ALA D 341 -25.34 18.38 16.54
C ALA D 341 -24.71 17.65 17.73
N GLY D 342 -25.45 17.32 18.79
CA GLY D 342 -24.82 16.54 19.86
C GLY D 342 -24.35 15.17 19.42
N GLY D 343 -25.06 14.59 18.46
CA GLY D 343 -24.71 13.29 17.95
C GLY D 343 -23.33 13.34 17.36
N VAL D 344 -23.12 14.22 16.39
CA VAL D 344 -21.82 14.26 15.72
C VAL D 344 -20.73 14.81 16.66
N THR D 345 -21.09 15.66 17.60
CA THR D 345 -20.09 16.21 18.50
C THR D 345 -19.54 15.12 19.41
N VAL D 346 -20.42 14.31 19.99
CA VAL D 346 -19.92 13.21 20.80
C VAL D 346 -19.33 12.12 19.91
N SER D 347 -19.79 11.98 18.65
CA SER D 347 -19.08 11.11 17.71
C SER D 347 -17.63 11.58 17.55
N TYR D 348 -17.43 12.88 17.47
CA TYR D 348 -16.06 13.39 17.41
C TYR D 348 -15.28 12.96 18.64
N PHE D 349 -15.87 13.09 19.84
CA PHE D 349 -15.17 12.65 21.05
C PHE D 349 -14.87 11.16 21.00
N GLU D 350 -15.79 10.35 20.45
CA GLU D 350 -15.52 8.93 20.33
C GLU D 350 -14.32 8.67 19.44
N TRP D 351 -14.30 9.30 18.26
CA TRP D 351 -13.18 9.20 17.33
C TRP D 351 -11.87 9.64 18.00
N VAL D 352 -11.91 10.73 18.75
CA VAL D 352 -10.72 11.17 19.47
C VAL D 352 -10.25 10.09 20.42
N GLN D 353 -11.17 9.57 21.23
CA GLN D 353 -10.82 8.54 22.20
C GLN D 353 -10.20 7.33 21.51
N ASN D 354 -10.78 6.92 20.38
CA ASN D 354 -10.25 5.77 19.65
C ASN D 354 -8.84 6.03 19.13
N ILE D 355 -8.63 7.16 18.46
CA ILE D 355 -7.29 7.36 17.91
C ILE D 355 -6.27 7.62 19.01
N GLN D 356 -6.70 8.10 20.15
CA GLN D 356 -5.83 8.26 21.31
C GLN D 356 -5.61 6.97 22.07
N GLY D 357 -6.35 5.93 21.71
CA GLY D 357 -6.27 4.64 22.36
C GLY D 357 -6.71 4.60 23.79
N PHE D 358 -7.50 5.57 24.26
CA PHE D 358 -7.78 5.67 25.68
C PHE D 358 -9.13 6.35 25.86
N MET D 359 -10.03 5.70 26.57
CA MET D 359 -11.40 6.17 26.62
C MET D 359 -11.59 7.14 27.78
N TRP D 360 -12.63 7.96 27.67
CA TRP D 360 -13.01 8.97 28.66
C TRP D 360 -14.12 8.49 29.57
N GLU D 361 -14.19 9.08 30.75
CA GLU D 361 -15.35 9.01 31.63
C GLU D 361 -16.55 9.73 31.02
N GLU D 362 -17.76 9.25 31.36
CA GLU D 362 -18.96 9.83 30.77
C GLU D 362 -19.14 11.27 31.22
N GLU D 363 -18.78 11.56 32.47
CA GLU D 363 -18.87 12.92 32.97
C GLU D 363 -18.10 13.87 32.06
N LYS D 364 -16.91 13.45 31.60
CA LYS D 364 -16.11 14.32 30.77
C LYS D 364 -16.76 14.49 29.38
N VAL D 365 -17.20 13.39 28.78
CA VAL D 365 -17.91 13.47 27.52
C VAL D 365 -19.05 14.50 27.59
N ASN D 366 -19.89 14.37 28.61
CA ASN D 366 -21.08 15.21 28.65
C ASN D 366 -20.75 16.65 29.00
N LEU D 367 -19.67 16.87 29.74
CA LEU D 367 -19.25 18.23 30.04
C LEU D 367 -18.76 18.91 28.79
N GLU D 368 -18.00 18.18 27.96
CA GLU D 368 -17.51 18.73 26.70
C GLU D 368 -18.66 18.98 25.74
N LEU D 369 -19.65 18.09 25.72
CA LEU D 369 -20.82 18.31 24.87
C LEU D 369 -21.50 19.62 25.23
N GLN D 370 -21.72 19.84 26.52
CA GLN D 370 -22.31 21.10 26.97
C GLN D 370 -21.46 22.29 26.56
N LYS D 371 -20.14 22.25 26.84
CA LYS D 371 -19.25 23.34 26.39
C LYS D 371 -19.42 23.59 24.89
N TYR D 372 -19.44 22.52 24.08
CA TYR D 372 -19.47 22.72 22.64
C TYR D 372 -20.79 23.31 22.20
N MET D 373 -21.89 22.85 22.78
CA MET D 373 -23.19 23.36 22.37
C MET D 373 -23.37 24.81 22.80
N THR D 374 -22.85 25.16 23.97
CA THR D 374 -22.95 26.53 24.45
C THR D 374 -22.15 27.46 23.53
N ARG D 375 -20.97 27.02 23.11
CA ARG D 375 -20.13 27.87 22.29
C ARG D 375 -20.72 28.04 20.90
N ALA D 376 -21.21 26.94 20.31
CA ALA D 376 -21.84 27.03 19.01
C ALA D 376 -23.03 27.98 19.03
N PHE D 377 -23.86 27.90 20.07
CA PHE D 377 -24.99 28.83 20.14
C PHE D 377 -24.51 30.28 20.22
N HIS D 378 -23.45 30.54 20.98
CA HIS D 378 -22.93 31.91 21.08
C HIS D 378 -22.49 32.43 19.71
N ASN D 379 -21.81 31.57 18.93
CA ASN D 379 -21.35 31.99 17.60
C ASN D 379 -22.51 32.16 16.64
N ILE D 380 -23.59 31.38 16.83
CA ILE D 380 -24.77 31.58 16.00
C ILE D 380 -25.40 32.92 16.28
N LYS D 381 -25.48 33.31 17.55
CA LYS D 381 -26.07 34.60 17.88
C LYS D 381 -25.24 35.74 17.31
N THR D 382 -23.91 35.62 17.38
CA THR D 382 -23.03 36.60 16.74
C THR D 382 -23.35 36.77 15.26
N MET D 383 -23.49 35.66 14.52
CA MET D 383 -23.87 35.75 13.11
C MET D 383 -25.26 36.35 12.94
N CYS D 384 -26.22 35.96 13.78
CA CYS D 384 -27.55 36.55 13.68
C CYS D 384 -27.50 38.07 13.85
N HIS D 385 -26.66 38.56 14.76
CA HIS D 385 -26.56 40.00 14.98
C HIS D 385 -25.80 40.68 13.86
N THR D 386 -24.64 40.15 13.50
CA THR D 386 -23.88 40.71 12.38
C THR D 386 -24.71 40.80 11.09
N HIS D 387 -25.52 39.78 10.80
CA HIS D 387 -26.21 39.71 9.52
C HIS D 387 -27.71 39.99 9.63
N SER D 388 -28.21 40.34 10.81
CA SER D 388 -29.63 40.66 11.00
C SER D 388 -30.53 39.57 10.41
N CYS D 389 -30.27 38.32 10.80
CA CYS D 389 -30.93 37.15 10.24
C CYS D 389 -31.42 36.23 11.37
N ASN D 390 -32.25 35.26 11.01
CA ASN D 390 -32.86 34.38 11.99
C ASN D 390 -31.88 33.26 12.36
N LEU D 391 -32.32 32.40 13.28
CA LEU D 391 -31.42 31.38 13.83
C LEU D 391 -30.92 30.42 12.75
N ARG D 392 -31.80 29.99 11.83
CA ARG D 392 -31.35 29.06 10.81
C ARG D 392 -30.21 29.68 10.01
N MET D 393 -30.37 30.93 9.57
CA MET D 393 -29.36 31.56 8.74
C MET D 393 -28.13 31.95 9.56
N GLY D 394 -28.29 32.24 10.86
CA GLY D 394 -27.11 32.42 11.70
C GLY D 394 -26.22 31.18 11.73
N ALA D 395 -26.84 30.00 11.88
CA ALA D 395 -26.07 28.76 11.86
C ALA D 395 -25.55 28.44 10.46
N PHE D 396 -26.43 28.57 9.46
CA PHE D 396 -26.03 28.22 8.10
C PHE D 396 -24.89 29.12 7.62
N THR D 397 -24.96 30.42 7.91
CA THR D 397 -23.87 31.31 7.48
C THR D 397 -22.59 31.03 8.27
N LEU D 398 -22.71 30.74 9.57
CA LEU D 398 -21.53 30.35 10.34
C LEU D 398 -20.83 29.14 9.70
N GLY D 399 -21.61 28.12 9.36
CA GLY D 399 -21.01 26.91 8.79
C GLY D 399 -20.43 27.14 7.41
N VAL D 400 -21.18 27.82 6.53
CA VAL D 400 -20.70 28.04 5.16
C VAL D 400 -19.42 28.89 5.18
N ASN D 401 -19.39 29.90 6.05
CA ASN D 401 -18.21 30.77 6.08
C ASN D 401 -16.96 30.00 6.52
N ARG D 402 -17.13 29.12 7.49
CA ARG D 402 -15.99 28.35 7.96
C ARG D 402 -15.49 27.38 6.90
N VAL D 403 -16.42 26.79 6.14
CA VAL D 403 -16.01 25.87 5.08
C VAL D 403 -15.35 26.64 3.95
N ALA D 404 -15.90 27.80 3.60
CA ALA D 404 -15.35 28.60 2.51
C ALA D 404 -13.93 29.06 2.85
N ARG D 405 -13.69 29.41 4.11
N ARG D 405 -13.71 29.45 4.09
CA ARG D 405 -12.37 29.86 4.54
CA ARG D 405 -12.37 29.86 4.53
C ARG D 405 -11.34 28.74 4.44
C ARG D 405 -11.37 28.72 4.38
N ALA D 406 -11.70 27.54 4.91
CA ALA D 406 -10.81 26.39 4.78
C ALA D 406 -10.55 26.06 3.31
N THR D 407 -11.59 26.13 2.49
CA THR D 407 -11.45 25.86 1.05
C THR D 407 -10.49 26.84 0.39
N GLN D 408 -10.63 28.12 0.71
CA GLN D 408 -9.76 29.14 0.11
C GLN D 408 -8.30 28.93 0.53
N LEU D 409 -8.07 28.57 1.79
CA LEU D 409 -6.70 28.32 2.24
C LEU D 409 -6.08 27.17 1.49
N ARG D 410 -6.86 26.11 1.23
CA ARG D 410 -6.29 24.98 0.53
C ARG D 410 -5.94 25.31 -0.92
N GLY D 411 -6.68 26.21 -1.56
CA GLY D 411 -6.36 26.63 -2.91
C GLY D 411 -6.87 25.69 -3.98
N TRP D 412 -6.57 26.08 -5.22
CA TRP D 412 -7.24 25.52 -6.37
C TRP D 412 -6.29 25.01 -7.47
N GLU D 413 -5.00 25.28 -7.40
CA GLU D 413 -4.12 24.77 -8.43
C GLU D 413 -3.93 23.27 -8.25
N ALA D 414 -3.54 22.58 -9.33
CA ALA D 414 -3.47 21.12 -9.36
C ALA D 414 -2.25 20.50 -8.68
N ALA E 3 31.98 35.73 4.38
CA ALA E 3 31.14 34.54 4.72
C ALA E 3 31.81 33.21 4.36
N MET E 4 32.00 32.38 5.38
CA MET E 4 32.53 31.03 5.29
C MET E 4 31.47 30.07 4.77
N ASN E 5 31.90 28.94 4.21
CA ASN E 5 30.94 27.94 3.74
C ASN E 5 30.10 27.44 4.92
N ALA E 6 28.78 27.40 4.75
CA ALA E 6 27.89 27.09 5.86
C ALA E 6 28.10 25.67 6.39
N LEU E 7 28.25 24.71 5.48
CA LEU E 7 28.44 23.34 5.92
C LEU E 7 29.82 23.15 6.55
N ALA E 8 30.85 23.80 6.00
CA ALA E 8 32.16 23.73 6.64
C ALA E 8 32.10 24.29 8.07
N ALA E 9 31.37 25.39 8.25
CA ALA E 9 31.28 26.00 9.57
C ALA E 9 30.57 25.06 10.54
N THR E 10 29.45 24.50 10.12
CA THR E 10 28.68 23.62 10.98
C THR E 10 29.46 22.35 11.29
N ASN E 11 30.13 21.75 10.30
CA ASN E 11 30.96 20.57 10.56
C ASN E 11 32.08 20.87 11.54
N ARG E 12 32.68 22.06 11.46
CA ARG E 12 33.69 22.45 12.44
C ARG E 12 33.12 22.41 13.85
N ASN E 13 31.92 22.98 14.04
CA ASN E 13 31.29 22.93 15.37
C ASN E 13 30.96 21.50 15.77
N PHE E 14 30.45 20.70 14.84
CA PHE E 14 30.14 19.31 15.14
C PHE E 14 31.39 18.51 15.53
N ARG E 15 32.48 18.68 14.77
N ARG E 15 32.49 18.69 14.79
CA ARG E 15 33.72 17.97 15.08
CA ARG E 15 33.69 17.93 15.12
C ARG E 15 34.26 18.38 16.45
C ARG E 15 34.31 18.39 16.44
N HIS E 16 34.17 19.67 16.78
CA HIS E 16 34.63 20.13 18.08
C HIS E 16 33.80 19.49 19.20
N ALA E 17 32.47 19.48 19.03
CA ALA E 17 31.60 18.86 19.99
C ALA E 17 31.89 17.38 20.15
N SER E 18 32.12 16.68 19.03
CA SER E 18 32.47 15.26 19.10
C SER E 18 33.75 15.04 19.87
N ARG E 19 34.75 15.90 19.67
N ARG E 19 34.75 15.90 19.64
CA ARG E 19 36.00 15.74 20.41
CA ARG E 19 36.00 15.81 20.38
C ARG E 19 35.82 16.03 21.89
C ARG E 19 35.79 16.02 21.87
N ILE E 20 34.97 17.01 22.23
CA ILE E 20 34.71 17.26 23.64
C ILE E 20 34.11 16.01 24.28
N LEU E 21 33.20 15.35 23.56
CA LEU E 21 32.52 14.17 24.05
C LEU E 21 33.38 12.92 24.01
N GLY E 22 34.50 12.95 23.29
CA GLY E 22 35.24 11.72 23.07
C GLY E 22 34.45 10.73 22.25
N LEU E 23 33.66 11.21 21.29
CA LEU E 23 32.82 10.33 20.51
C LEU E 23 33.68 9.36 19.70
N ASP E 24 33.25 8.10 19.67
CA ASP E 24 33.86 7.11 18.80
C ASP E 24 33.98 7.62 17.37
N SER E 25 35.13 7.43 16.75
CA SER E 25 35.38 8.00 15.42
C SER E 25 34.40 7.47 14.36
N LYS E 26 34.02 6.18 14.44
CA LYS E 26 33.07 5.62 13.47
C LYS E 26 31.67 6.19 13.64
N ILE E 27 31.24 6.37 14.88
CA ILE E 27 29.94 7.00 15.12
C ILE E 27 29.97 8.44 14.64
N GLU E 28 31.07 9.16 14.91
CA GLU E 28 31.17 10.55 14.49
C GLU E 28 31.00 10.67 12.98
N ARG E 29 31.67 9.81 12.23
N ARG E 29 31.68 9.82 12.22
CA ARG E 29 31.54 9.85 10.78
CA ARG E 29 31.52 9.87 10.78
C ARG E 29 30.11 9.56 10.36
C ARG E 29 30.09 9.57 10.38
N SER E 30 29.50 8.53 10.98
CA SER E 30 28.12 8.20 10.63
C SER E 30 27.18 9.36 10.94
N LEU E 31 27.36 10.01 12.11
CA LEU E 31 26.49 11.13 12.46
C LEU E 31 26.67 12.32 11.52
N MET E 32 27.83 12.47 10.91
CA MET E 32 27.97 13.53 9.93
C MET E 32 27.20 13.22 8.65
N ILE E 33 27.24 11.98 8.18
CA ILE E 33 26.66 11.66 6.89
C ILE E 33 25.15 11.69 7.01
N PRO E 34 24.47 12.46 6.17
CA PRO E 34 23.00 12.45 6.20
C PRO E 34 22.43 11.11 5.78
N PHE E 35 21.34 10.77 6.42
CA PHE E 35 20.56 9.60 6.07
C PHE E 35 20.26 9.57 4.57
N ARG E 36 19.76 10.68 4.03
CA ARG E 36 19.36 10.70 2.63
C ARG E 36 19.37 12.14 2.14
N GLU E 37 20.01 12.39 1.01
CA GLU E 37 19.92 13.69 0.36
C GLU E 37 19.13 13.52 -0.95
N ILE E 38 18.19 14.43 -1.17
CA ILE E 38 17.31 14.36 -2.33
C ILE E 38 17.37 15.69 -3.06
N LYS E 39 17.61 15.65 -4.36
CA LYS E 39 17.52 16.82 -5.25
C LYS E 39 16.53 16.49 -6.37
N VAL E 40 15.52 17.33 -6.58
CA VAL E 40 14.47 17.04 -7.55
C VAL E 40 14.22 18.23 -8.48
N GLU E 41 13.90 17.92 -9.74
CA GLU E 41 13.45 18.96 -10.66
C GLU E 41 12.05 19.40 -10.30
N CYS E 42 11.83 20.72 -10.25
CA CYS E 42 10.52 21.32 -10.04
C CYS E 42 10.31 22.31 -11.19
N THR E 43 9.58 21.90 -12.22
CA THR E 43 9.30 22.76 -13.36
C THR E 43 7.80 23.09 -13.37
N ILE E 44 7.48 24.36 -13.55
CA ILE E 44 6.08 24.79 -13.59
C ILE E 44 5.89 25.69 -14.79
N PRO E 45 4.66 25.77 -15.29
CA PRO E 45 4.30 26.89 -16.18
C PRO E 45 4.07 28.16 -15.36
N LYS E 46 4.66 29.25 -15.83
CA LYS E 46 4.35 30.54 -15.27
C LYS E 46 2.95 30.97 -15.71
N ASP E 47 2.46 32.07 -15.13
CA ASP E 47 1.12 32.53 -15.47
C ASP E 47 0.97 32.79 -16.96
N ASP E 48 2.05 33.19 -17.64
CA ASP E 48 1.97 33.39 -19.08
C ASP E 48 2.20 32.11 -19.86
N GLY E 49 2.29 30.96 -19.20
CA GLY E 49 2.42 29.70 -19.87
C GLY E 49 3.84 29.26 -20.14
N THR E 50 4.82 30.13 -19.94
CA THR E 50 6.20 29.77 -20.21
C THR E 50 6.78 29.00 -19.03
N LEU E 51 7.70 28.08 -19.34
CA LEU E 51 8.22 27.18 -18.33
C LEU E 51 9.35 27.84 -17.55
N VAL E 52 9.44 27.49 -16.27
CA VAL E 52 10.61 27.78 -15.46
C VAL E 52 10.94 26.52 -14.67
N SER E 53 12.23 26.22 -14.56
CA SER E 53 12.71 25.04 -13.86
C SER E 53 13.56 25.43 -12.67
N TYR E 54 13.21 24.87 -11.52
CA TYR E 54 13.97 25.03 -10.29
C TYR E 54 14.44 23.67 -9.82
N ILE E 55 15.41 23.70 -8.92
CA ILE E 55 15.86 22.49 -8.25
C ILE E 55 15.46 22.56 -6.78
N GLY E 56 14.72 21.54 -6.33
CA GLY E 56 14.30 21.43 -4.96
C GLY E 56 15.16 20.46 -4.19
N PHE E 57 15.35 20.74 -2.92
CA PHE E 57 16.18 19.92 -2.04
C PHE E 57 15.40 19.48 -0.82
N ARG E 58 15.63 18.25 -0.41
CA ARG E 58 15.27 17.81 0.94
C ARG E 58 16.42 16.96 1.45
N VAL E 59 17.12 17.48 2.45
CA VAL E 59 18.18 16.73 3.12
C VAL E 59 17.59 16.17 4.40
N GLN E 60 17.60 14.85 4.49
CA GLN E 60 17.13 14.11 5.66
C GLN E 60 18.37 13.70 6.42
N HIS E 61 18.69 14.48 7.45
CA HIS E 61 20.01 14.30 8.02
C HIS E 61 20.08 13.13 8.99
N ASP E 62 19.18 13.05 9.97
CA ASP E 62 19.27 11.98 10.96
C ASP E 62 17.89 11.66 11.50
N ASN E 63 17.59 10.36 11.63
CA ASN E 63 16.29 9.97 12.18
C ASN E 63 16.40 8.99 13.36
N ALA E 64 17.52 9.01 14.09
CA ALA E 64 17.68 8.10 15.21
C ALA E 64 16.66 8.36 16.32
N ARG E 65 16.33 9.63 16.56
CA ARG E 65 15.46 9.99 17.68
C ARG E 65 13.98 10.09 17.31
N GLY E 66 13.64 9.98 16.03
CA GLY E 66 12.26 9.99 15.62
C GLY E 66 12.12 10.55 14.22
N PRO E 67 10.88 10.84 13.83
CA PRO E 67 10.63 11.46 12.52
C PRO E 67 11.50 12.68 12.32
N MET E 68 11.94 12.91 11.08
CA MET E 68 12.77 14.07 10.84
C MET E 68 11.91 15.32 10.77
N LYS E 69 12.54 16.45 11.09
CA LYS E 69 11.82 17.70 11.28
C LYS E 69 12.68 18.85 10.78
N GLY E 70 12.07 19.73 10.01
CA GLY E 70 12.73 20.95 9.62
C GLY E 70 11.98 21.63 8.49
N GLY E 71 12.26 22.91 8.32
CA GLY E 71 11.47 23.74 7.43
C GLY E 71 11.91 23.67 5.99
N ILE E 72 11.22 24.47 5.17
CA ILE E 72 11.47 24.60 3.75
C ILE E 72 11.77 26.07 3.45
N ARG E 73 12.95 26.33 2.92
CA ARG E 73 13.40 27.68 2.60
C ARG E 73 13.22 27.95 1.11
N TYR E 74 12.51 29.04 0.80
CA TYR E 74 12.51 29.60 -0.55
C TYR E 74 13.38 30.86 -0.55
N HIS E 75 14.57 30.76 -1.10
CA HIS E 75 15.49 31.88 -1.07
C HIS E 75 16.54 31.71 -2.16
N PRO E 76 17.02 32.79 -2.77
CA PRO E 76 17.94 32.63 -3.91
C PRO E 76 19.27 31.97 -3.59
N GLU E 77 19.72 32.02 -2.35
CA GLU E 77 20.99 31.44 -1.97
C GLU E 77 20.87 30.00 -1.49
N VAL E 78 19.67 29.41 -1.54
CA VAL E 78 19.53 27.99 -1.19
C VAL E 78 20.39 27.17 -2.14
N ASP E 79 21.19 26.28 -1.58
CA ASP E 79 22.03 25.35 -2.33
C ASP E 79 22.32 24.15 -1.44
N PRO E 80 22.95 23.11 -1.98
CA PRO E 80 23.10 21.89 -1.17
C PRO E 80 23.85 22.10 0.12
N ASP E 81 24.92 22.91 0.12
CA ASP E 81 25.69 23.12 1.35
C ASP E 81 24.83 23.76 2.43
N GLU E 82 24.03 24.77 2.06
CA GLU E 82 23.18 25.45 3.04
C GLU E 82 22.12 24.50 3.58
N VAL E 83 21.48 23.74 2.69
CA VAL E 83 20.43 22.85 3.16
C VAL E 83 21.04 21.75 4.04
N ASN E 84 22.20 21.22 3.66
CA ASN E 84 22.86 20.22 4.49
C ASN E 84 23.20 20.79 5.87
N ALA E 85 23.70 22.02 5.93
CA ALA E 85 24.05 22.62 7.21
C ALA E 85 22.80 22.81 8.07
N LEU E 86 21.73 23.32 7.48
CA LEU E 86 20.51 23.59 8.23
C LEU E 86 19.90 22.28 8.73
N ALA E 87 19.99 21.22 7.91
CA ALA E 87 19.40 19.95 8.30
C ALA E 87 20.16 19.34 9.47
N GLN E 88 21.49 19.46 9.45
CA GLN E 88 22.28 18.94 10.55
C GLN E 88 21.97 19.69 11.84
N LEU E 89 21.87 21.01 11.75
CA LEU E 89 21.49 21.81 12.90
C LEU E 89 20.12 21.39 13.45
N MET E 90 19.17 21.01 12.58
CA MET E 90 17.88 20.53 13.08
C MET E 90 18.03 19.27 13.93
N THR E 91 18.96 18.38 13.54
CA THR E 91 19.17 17.17 14.32
C THR E 91 19.63 17.51 15.74
N TRP E 92 20.55 18.46 15.87
CA TRP E 92 21.03 18.79 17.20
C TRP E 92 19.98 19.58 17.97
N LYS E 93 19.27 20.49 17.29
CA LYS E 93 18.28 21.35 17.93
C LYS E 93 17.14 20.54 18.50
N THR E 94 16.65 19.54 17.75
CA THR E 94 15.55 18.73 18.27
C THR E 94 16.00 17.93 19.47
N ALA E 95 17.26 17.49 19.46
CA ALA E 95 17.81 16.76 20.60
C ALA E 95 18.01 17.66 21.82
N VAL E 96 18.50 18.88 21.63
CA VAL E 96 18.64 19.86 22.73
C VAL E 96 17.27 20.13 23.36
N ALA E 97 16.26 20.29 22.53
CA ALA E 97 14.89 20.56 23.02
C ALA E 97 14.29 19.34 23.71
N ASP E 98 14.83 18.16 23.44
CA ASP E 98 14.29 16.90 23.94
C ASP E 98 12.88 16.66 23.40
N ILE E 99 12.73 16.87 22.10
CA ILE E 99 11.51 16.48 21.38
C ILE E 99 11.87 15.26 20.53
N PRO E 100 10.93 14.36 20.31
CA PRO E 100 11.20 13.05 19.67
C PRO E 100 11.24 13.12 18.16
N TYR E 101 12.18 13.91 17.66
CA TYR E 101 12.39 14.16 16.26
C TYR E 101 13.88 14.09 15.92
N GLY E 102 14.15 13.74 14.67
CA GLY E 102 15.45 13.94 14.06
C GLY E 102 15.41 15.19 13.20
N GLY E 103 16.42 15.34 12.36
CA GLY E 103 16.66 16.58 11.64
C GLY E 103 16.57 16.44 10.12
N ALA E 104 15.97 17.44 9.48
CA ALA E 104 15.91 17.53 8.03
C ALA E 104 15.74 19.00 7.63
N LYS E 105 15.90 19.29 6.35
CA LYS E 105 15.66 20.64 5.84
C LYS E 105 15.45 20.56 4.35
N GLY E 106 14.69 21.51 3.82
CA GLY E 106 14.44 21.55 2.40
C GLY E 106 14.48 22.98 1.90
N GLY E 107 14.44 23.12 0.58
CA GLY E 107 14.49 24.44 0.01
C GLY E 107 14.45 24.42 -1.50
N ILE E 108 14.13 25.59 -2.04
CA ILE E 108 14.19 25.86 -3.48
C ILE E 108 14.90 27.18 -3.66
N GLY E 109 15.90 27.20 -4.54
CA GLY E 109 16.63 28.37 -4.92
C GLY E 109 15.77 29.23 -5.83
N CYS E 110 15.00 30.11 -5.23
CA CYS E 110 14.09 30.95 -5.98
C CYS E 110 13.91 32.23 -5.19
N SER E 111 13.34 33.25 -5.87
CA SER E 111 13.05 34.55 -5.28
C SER E 111 11.55 34.70 -5.19
N PRO E 112 10.95 34.37 -4.05
CA PRO E 112 9.47 34.38 -3.97
C PRO E 112 8.84 35.67 -4.42
N ARG E 113 9.50 36.80 -4.15
CA ARG E 113 8.92 38.09 -4.52
C ARG E 113 8.80 38.25 -6.03
N ASP E 114 9.58 37.47 -6.80
CA ASP E 114 9.54 37.50 -8.26
C ASP E 114 8.45 36.59 -8.83
N LEU E 115 7.75 35.85 -7.99
CA LEU E 115 6.72 34.91 -8.42
C LEU E 115 5.36 35.39 -7.95
N SER E 116 4.34 35.15 -8.78
CA SER E 116 2.98 35.43 -8.37
C SER E 116 2.51 34.40 -7.35
N LEU E 117 1.40 34.72 -6.67
CA LEU E 117 0.84 33.75 -5.73
C LEU E 117 0.50 32.43 -6.43
N SER E 118 -0.06 32.49 -7.64
CA SER E 118 -0.43 31.26 -8.32
C SER E 118 0.81 30.48 -8.74
N GLU E 119 1.87 31.17 -9.17
CA GLU E 119 3.16 30.51 -9.45
C GLU E 119 3.74 29.87 -8.19
N LEU E 120 3.73 30.57 -7.06
CA LEU E 120 4.25 30.00 -5.82
C LEU E 120 3.46 28.77 -5.42
N GLU E 121 2.14 28.81 -5.62
CA GLU E 121 1.33 27.64 -5.29
C GLU E 121 1.68 26.48 -6.21
N ARG E 122 1.79 26.72 -7.51
CA ARG E 122 2.17 25.61 -8.39
C ARG E 122 3.55 25.08 -8.04
N LEU E 123 4.50 25.96 -7.76
CA LEU E 123 5.83 25.49 -7.41
C LEU E 123 5.78 24.63 -6.16
N THR E 124 5.02 25.08 -5.16
CA THR E 124 4.92 24.33 -3.91
C THR E 124 4.27 22.98 -4.14
N ARG E 125 3.19 22.94 -4.93
CA ARG E 125 2.52 21.67 -5.20
C ARG E 125 3.41 20.73 -6.02
N VAL E 126 4.17 21.25 -7.00
CA VAL E 126 5.07 20.35 -7.75
C VAL E 126 6.17 19.79 -6.84
N PHE E 127 6.78 20.66 -6.03
CA PHE E 127 7.77 20.19 -5.07
C PHE E 127 7.19 19.10 -4.20
N THR E 128 5.96 19.29 -3.71
CA THR E 128 5.32 18.25 -2.91
C THR E 128 5.13 16.96 -3.72
N GLN E 129 4.68 17.07 -4.98
CA GLN E 129 4.58 15.89 -5.81
C GLN E 129 5.91 15.18 -5.94
N LYS E 130 7.00 15.94 -5.91
CA LYS E 130 8.29 15.32 -6.13
C LYS E 130 8.89 14.73 -4.86
N ILE E 131 8.42 15.12 -3.68
CA ILE E 131 8.96 14.58 -2.42
C ILE E 131 7.95 13.82 -1.59
N HIS E 132 6.70 13.63 -2.08
CA HIS E 132 5.67 13.09 -1.20
C HIS E 132 6.05 11.71 -0.68
N ASP E 133 6.75 10.91 -1.51
CA ASP E 133 7.09 9.56 -1.13
C ASP E 133 8.24 9.50 -0.14
N LEU E 134 8.88 10.62 0.15
CA LEU E 134 10.00 10.66 1.06
C LEU E 134 9.66 11.31 2.38
N ILE E 135 8.50 11.94 2.52
CA ILE E 135 8.10 12.60 3.77
C ILE E 135 6.91 11.84 4.33
N GLY E 136 6.39 12.28 5.47
CA GLY E 136 5.28 11.60 6.10
C GLY E 136 5.23 11.86 7.59
N ILE E 137 4.05 11.58 8.17
CA ILE E 137 3.77 11.95 9.56
C ILE E 137 4.82 11.35 10.49
N HIS E 138 5.25 10.11 10.21
CA HIS E 138 6.22 9.44 11.06
C HIS E 138 7.56 9.24 10.36
N THR E 139 7.85 10.03 9.34
CA THR E 139 9.08 9.93 8.58
C THR E 139 9.83 11.26 8.52
N ASP E 140 9.15 12.31 8.05
CA ASP E 140 9.77 13.61 7.84
C ASP E 140 8.68 14.65 7.66
N VAL E 141 8.67 15.64 8.55
CA VAL E 141 7.54 16.56 8.71
C VAL E 141 8.04 17.97 8.45
N PRO E 142 7.73 18.58 7.30
CA PRO E 142 8.23 19.93 7.04
C PRO E 142 7.49 21.01 7.80
N ALA E 143 7.85 22.24 7.48
CA ALA E 143 7.44 23.46 8.17
C ALA E 143 7.94 24.67 7.38
N PRO E 144 7.57 25.88 7.79
CA PRO E 144 8.11 27.07 7.12
C PRO E 144 9.56 27.32 7.51
N ASP E 145 10.16 28.20 6.72
CA ASP E 145 11.46 28.83 6.98
C ASP E 145 11.46 30.13 6.20
N MET E 146 12.64 30.64 5.85
CA MET E 146 12.65 31.91 5.13
C MET E 146 11.93 31.73 3.81
N GLY E 147 11.05 32.67 3.48
CA GLY E 147 10.38 32.68 2.18
C GLY E 147 9.16 31.80 2.08
N THR E 148 8.80 31.07 3.14
CA THR E 148 7.58 30.29 3.17
C THR E 148 6.81 30.64 4.43
N ASN E 149 5.55 30.24 4.49
CA ASN E 149 4.71 30.65 5.60
C ASN E 149 3.56 29.66 5.71
N ALA E 150 2.57 29.98 6.56
CA ALA E 150 1.48 29.04 6.80
C ALA E 150 0.72 28.74 5.50
N GLN E 151 0.59 29.72 4.61
CA GLN E 151 -0.10 29.47 3.35
C GLN E 151 0.67 28.46 2.52
N THR E 152 1.99 28.55 2.51
CA THR E 152 2.79 27.53 1.82
C THR E 152 2.46 26.15 2.37
N MET E 153 2.38 26.02 3.70
CA MET E 153 2.17 24.73 4.32
C MET E 153 0.79 24.18 3.98
N ALA E 154 -0.21 25.06 3.87
CA ALA E 154 -1.54 24.63 3.45
C ALA E 154 -1.48 23.94 2.10
N TRP E 155 -0.71 24.50 1.16
CA TRP E 155 -0.62 23.89 -0.16
C TRP E 155 0.09 22.54 -0.09
N ILE E 156 1.14 22.43 0.75
CA ILE E 156 1.80 21.13 0.91
C ILE E 156 0.81 20.12 1.47
N LEU E 157 0.09 20.48 2.53
CA LEU E 157 -0.91 19.58 3.08
C LEU E 157 -1.90 19.14 2.01
N ASP E 158 -2.42 20.11 1.26
CA ASP E 158 -3.46 19.82 0.29
C ASP E 158 -2.95 18.88 -0.79
N GLU E 159 -1.74 19.14 -1.32
CA GLU E 159 -1.22 18.28 -2.37
C GLU E 159 -0.80 16.92 -1.83
N TYR E 160 -0.17 16.89 -0.68
CA TYR E 160 0.26 15.61 -0.11
C TYR E 160 -0.92 14.70 0.13
N SER E 161 -2.03 15.27 0.59
CA SER E 161 -3.21 14.49 0.93
C SER E 161 -3.84 13.83 -0.30
N LYS E 162 -3.56 14.35 -1.48
CA LYS E 162 -4.04 13.67 -2.68
C LYS E 162 -3.38 12.31 -2.85
N PHE E 163 -2.14 12.18 -2.40
CA PHE E 163 -1.34 10.97 -2.57
C PHE E 163 -1.51 10.00 -1.42
N HIS E 164 -1.82 10.48 -0.22
CA HIS E 164 -1.78 9.63 0.95
C HIS E 164 -2.99 9.78 1.85
N GLY E 165 -4.01 10.51 1.42
CA GLY E 165 -5.16 10.82 2.26
C GLY E 165 -4.87 12.00 3.16
N HIS E 166 -5.92 12.55 3.72
CA HIS E 166 -5.82 13.68 4.63
C HIS E 166 -4.82 13.39 5.77
N SER E 167 -3.79 14.23 5.86
CA SER E 167 -2.65 14.00 6.74
C SER E 167 -2.21 15.30 7.40
N PRO E 168 -3.03 15.85 8.27
CA PRO E 168 -2.67 17.12 8.93
C PRO E 168 -1.30 17.15 9.56
N ALA E 169 -0.86 16.05 10.16
CA ALA E 169 0.43 16.05 10.85
C ALA E 169 1.63 15.92 9.91
N VAL E 170 1.44 15.92 8.59
CA VAL E 170 2.59 15.80 7.69
C VAL E 170 3.38 17.11 7.59
N VAL E 171 2.80 18.24 7.98
CA VAL E 171 3.51 19.50 7.93
C VAL E 171 3.05 20.33 9.13
N THR E 172 3.95 21.14 9.68
CA THR E 172 3.55 22.04 10.76
C THR E 172 3.72 23.50 10.31
N GLY E 173 3.37 24.44 11.19
CA GLY E 173 3.20 25.81 10.74
C GLY E 173 1.94 26.04 9.93
N LYS E 174 0.95 25.19 10.08
CA LYS E 174 -0.25 25.29 9.24
C LYS E 174 -1.14 26.44 9.73
N PRO E 175 -2.05 26.92 8.85
CA PRO E 175 -3.05 27.87 9.33
C PRO E 175 -3.92 27.19 10.37
N ILE E 176 -4.37 27.98 11.35
CA ILE E 176 -5.25 27.43 12.39
C ILE E 176 -6.46 26.71 11.80
N ASP E 177 -7.05 27.26 10.74
CA ASP E 177 -8.24 26.62 10.16
C ASP E 177 -7.94 25.28 9.47
N LEU E 178 -6.68 24.93 9.19
CA LEU E 178 -6.34 23.61 8.65
C LEU E 178 -5.55 22.77 9.64
N GLY E 179 -5.79 22.96 10.93
CA GLY E 179 -5.14 22.15 11.92
C GLY E 179 -3.86 22.71 12.49
N GLY E 180 -3.55 23.97 12.24
CA GLY E 180 -2.38 24.56 12.86
C GLY E 180 -2.60 24.72 14.35
N SER E 181 -1.51 24.98 15.06
CA SER E 181 -1.54 25.19 16.51
C SER E 181 -1.59 26.67 16.84
N LEU E 182 -2.47 27.02 17.77
CA LEU E 182 -2.34 28.34 18.41
C LEU E 182 -0.92 28.46 18.96
N GLY E 183 -0.33 29.65 18.84
CA GLY E 183 1.03 29.86 19.32
C GLY E 183 2.15 29.58 18.33
N ARG E 184 1.89 28.84 17.25
CA ARG E 184 3.00 28.47 16.37
C ARG E 184 3.54 29.67 15.58
N GLU E 185 2.66 30.58 15.12
CA GLU E 185 3.15 31.72 14.36
C GLU E 185 4.18 32.51 15.16
N ALA E 186 3.91 32.75 16.42
CA ALA E 186 4.79 33.53 17.27
C ALA E 186 5.85 32.70 17.97
N ALA E 187 5.90 31.38 17.73
CA ALA E 187 6.68 30.50 18.62
C ALA E 187 8.17 30.79 18.59
N THR E 188 8.74 31.05 17.41
CA THR E 188 10.20 31.22 17.42
C THR E 188 10.59 32.51 18.12
N GLY E 189 9.89 33.61 17.82
CA GLY E 189 10.14 34.85 18.55
C GLY E 189 9.88 34.72 20.04
N ARG E 190 8.80 34.04 20.41
N ARG E 190 8.79 34.04 20.42
CA ARG E 190 8.51 33.87 21.84
CA ARG E 190 8.50 33.86 21.84
C ARG E 190 9.57 33.00 22.52
C ARG E 190 9.58 33.00 22.51
N GLY E 191 10.00 31.92 21.85
CA GLY E 191 11.09 31.11 22.40
C GLY E 191 12.37 31.91 22.55
N VAL E 192 12.62 32.81 21.61
CA VAL E 192 13.79 33.69 21.70
C VAL E 192 13.69 34.56 22.95
N VAL E 193 12.49 35.04 23.26
CA VAL E 193 12.29 35.81 24.47
C VAL E 193 12.57 34.95 25.70
N PHE E 194 11.98 33.74 25.78
CA PHE E 194 12.24 32.86 26.91
C PHE E 194 13.73 32.55 27.04
N ALA E 195 14.38 32.27 25.91
CA ALA E 195 15.81 31.95 25.96
C ALA E 195 16.62 33.14 26.47
N THR E 196 16.31 34.32 25.96
CA THR E 196 16.99 35.53 26.41
C THR E 196 16.76 35.78 27.89
N GLU E 197 15.52 35.56 28.36
CA GLU E 197 15.24 35.71 29.79
C GLU E 197 16.05 34.74 30.63
N ALA E 198 16.21 33.50 30.15
CA ALA E 198 16.97 32.51 30.89
C ALA E 198 18.42 32.94 31.00
N LEU E 199 18.98 33.41 29.88
CA LEU E 199 20.37 33.85 29.84
C LEU E 199 20.58 35.05 30.77
N LEU E 200 19.75 36.08 30.60
CA LEU E 200 19.92 37.30 31.37
C LEU E 200 19.81 37.04 32.87
N ALA E 201 18.92 36.13 33.26
CA ALA E 201 18.72 35.86 34.67
C ALA E 201 19.98 35.35 35.35
N GLU E 202 20.88 34.72 34.58
CA GLU E 202 22.15 34.27 35.14
C GLU E 202 23.00 35.43 35.62
N TYR E 203 22.72 36.64 35.14
CA TYR E 203 23.41 37.85 35.55
C TYR E 203 22.54 38.72 36.43
N GLY E 204 21.36 38.25 36.82
CA GLY E 204 20.45 39.09 37.59
C GLY E 204 19.70 40.09 36.73
N LYS E 205 19.74 39.92 35.42
CA LYS E 205 19.19 40.90 34.49
C LYS E 205 17.87 40.40 33.94
N SER E 206 17.12 41.37 33.38
CA SER E 206 15.83 41.15 32.74
C SER E 206 15.84 41.91 31.42
N ILE E 207 14.89 41.56 30.56
CA ILE E 207 14.75 42.29 29.30
C ILE E 207 14.42 43.76 29.57
N GLN E 208 13.56 44.02 30.56
CA GLN E 208 13.09 45.37 30.87
C GLN E 208 14.25 46.34 30.95
N GLY E 209 14.23 47.36 30.09
CA GLY E 209 15.23 48.42 30.10
C GLY E 209 16.50 48.17 29.28
N LEU E 210 16.74 46.94 28.82
CA LEU E 210 17.92 46.69 28.01
C LEU E 210 17.66 47.10 26.56
N THR E 211 18.74 47.29 25.80
CA THR E 211 18.62 47.66 24.39
C THR E 211 18.93 46.47 23.48
N PHE E 212 18.21 46.39 22.39
CA PHE E 212 18.22 45.26 21.47
C PHE E 212 18.38 45.75 20.04
N VAL E 213 19.16 45.02 19.24
CA VAL E 213 19.27 45.26 17.81
C VAL E 213 18.84 43.99 17.09
N ILE E 214 18.01 44.15 16.06
N ILE E 214 18.01 44.12 16.06
CA ILE E 214 17.38 43.05 15.34
CA ILE E 214 17.41 42.96 15.39
C ILE E 214 17.79 43.14 13.88
C ILE E 214 17.65 43.05 13.90
N GLN E 215 18.33 42.05 13.33
CA GLN E 215 18.55 41.94 11.89
C GLN E 215 17.50 40.98 11.31
N GLY E 216 16.63 41.51 10.45
CA GLY E 216 15.54 40.75 9.85
C GLY E 216 14.24 41.14 10.52
N PHE E 217 13.17 41.18 9.74
CA PHE E 217 11.85 41.60 10.25
C PHE E 217 10.76 40.75 9.61
N GLY E 218 10.95 39.43 9.63
CA GLY E 218 9.99 38.50 9.07
C GLY E 218 9.25 37.77 10.17
N ASN E 219 8.97 36.48 9.98
CA ASN E 219 8.25 35.74 11.00
C ASN E 219 9.01 35.76 12.33
N VAL E 220 10.33 35.57 12.28
CA VAL E 220 11.11 35.53 13.51
C VAL E 220 11.35 36.94 14.04
N GLY E 221 11.82 37.84 13.18
CA GLY E 221 12.22 39.16 13.63
C GLY E 221 11.05 40.01 14.11
N THR E 222 9.89 39.94 13.46
N THR E 222 9.91 39.94 13.43
CA THR E 222 8.78 40.76 13.94
CA THR E 222 8.74 40.69 13.88
C THR E 222 8.30 40.29 15.31
C THR E 222 8.34 40.27 15.29
N TRP E 223 8.16 38.97 15.51
CA TRP E 223 7.66 38.48 16.80
C TRP E 223 8.70 38.64 17.89
N ALA E 224 9.98 38.43 17.57
CA ALA E 224 11.02 38.68 18.58
C ALA E 224 10.99 40.13 19.01
N ALA E 225 10.93 41.04 18.03
CA ALA E 225 10.96 42.46 18.35
C ALA E 225 9.71 42.87 19.11
N LYS E 226 8.55 42.36 18.69
CA LYS E 226 7.31 42.74 19.34
C LYS E 226 7.25 42.22 20.78
N LEU E 227 7.64 40.98 21.00
CA LEU E 227 7.55 40.41 22.34
C LEU E 227 8.65 40.95 23.26
N ILE E 228 9.83 41.24 22.73
CA ILE E 228 10.84 41.96 23.51
C ILE E 228 10.31 43.33 23.91
N HIS E 229 9.73 44.05 22.95
CA HIS E 229 9.19 45.37 23.25
C HIS E 229 8.15 45.29 24.36
N GLU E 230 7.31 44.27 24.34
CA GLU E 230 6.23 44.16 25.30
C GLU E 230 6.72 43.67 26.67
N LYS E 231 7.94 43.14 26.75
CA LYS E 231 8.62 42.90 28.01
C LYS E 231 9.47 44.08 28.47
N GLY E 232 9.36 45.24 27.83
CA GLY E 232 10.05 46.44 28.25
C GLY E 232 11.43 46.64 27.64
N GLY E 233 11.83 45.79 26.69
CA GLY E 233 13.07 46.03 25.98
C GLY E 233 12.95 47.20 25.02
N LYS E 234 14.08 47.87 24.82
CA LYS E 234 14.19 48.99 23.89
C LYS E 234 14.87 48.47 22.62
N VAL E 235 14.09 48.32 21.56
CA VAL E 235 14.60 47.84 20.28
C VAL E 235 15.11 49.08 19.56
N VAL E 236 16.43 49.27 19.56
CA VAL E 236 16.98 50.53 19.08
C VAL E 236 17.33 50.50 17.59
N ALA E 237 17.36 49.33 16.96
CA ALA E 237 17.66 49.29 15.54
C ALA E 237 17.14 47.98 14.94
N VAL E 238 16.58 48.10 13.73
CA VAL E 238 15.96 46.99 13.02
C VAL E 238 16.29 47.13 11.55
N SER E 239 16.57 46.01 10.89
CA SER E 239 16.75 46.04 9.45
C SER E 239 16.00 44.87 8.83
N ASP E 240 15.77 45.01 7.53
CA ASP E 240 15.36 43.90 6.69
C ASP E 240 15.98 44.13 5.32
N ILE E 241 15.52 43.36 4.34
CA ILE E 241 16.13 43.44 3.02
C ILE E 241 15.95 44.83 2.41
N THR E 242 14.97 45.62 2.87
CA THR E 242 14.72 46.93 2.28
C THR E 242 15.55 48.05 2.89
N GLY E 243 16.09 47.87 4.07
CA GLY E 243 16.82 48.94 4.72
C GLY E 243 16.78 48.79 6.23
N ALA E 244 17.17 49.86 6.90
CA ALA E 244 17.34 49.78 8.33
C ALA E 244 16.89 51.08 8.97
N ILE E 245 16.46 50.98 10.22
CA ILE E 245 15.91 52.10 10.97
C ILE E 245 16.45 52.03 12.40
N ARG E 246 16.69 53.19 13.01
CA ARG E 246 17.19 53.22 14.37
C ARG E 246 16.51 54.33 15.15
N ASN E 247 16.37 54.09 16.45
CA ASN E 247 15.94 55.10 17.40
C ASN E 247 16.55 54.73 18.74
N PRO E 248 17.52 55.51 19.25
CA PRO E 248 18.20 55.09 20.50
C PRO E 248 17.30 55.11 21.71
N GLU E 249 16.13 55.74 21.63
CA GLU E 249 15.14 55.69 22.69
C GLU E 249 14.24 54.48 22.61
N GLY E 250 14.37 53.68 21.56
CA GLY E 250 13.50 52.55 21.38
C GLY E 250 12.47 52.78 20.30
N ILE E 251 12.36 51.83 19.39
CA ILE E 251 11.41 51.92 18.31
C ILE E 251 10.07 51.39 18.76
N ASP E 252 8.99 52.10 18.42
CA ASP E 252 7.63 51.59 18.60
C ASP E 252 7.40 50.47 17.58
N ILE E 253 7.54 49.22 18.04
CA ILE E 253 7.55 48.09 17.12
C ILE E 253 6.17 47.84 16.53
N ASN E 254 5.12 48.05 17.31
CA ASN E 254 3.79 47.85 16.74
C ASN E 254 3.50 48.89 15.66
N ALA E 255 3.93 50.15 15.86
CA ALA E 255 3.81 51.12 14.79
C ALA E 255 4.69 50.77 13.59
N LEU E 256 5.90 50.23 13.82
CA LEU E 256 6.75 49.84 12.71
C LEU E 256 6.13 48.68 11.93
N ILE E 257 5.49 47.74 12.64
CA ILE E 257 4.83 46.63 11.95
C ILE E 257 3.74 47.18 11.04
N LYS E 258 2.94 48.12 11.54
CA LYS E 258 1.88 48.73 10.74
C LYS E 258 2.48 49.48 9.55
N HIS E 259 3.59 50.17 9.77
CA HIS E 259 4.19 50.95 8.69
C HIS E 259 4.74 50.03 7.60
N LYS E 260 5.43 48.97 8.00
CA LYS E 260 5.98 48.03 7.04
C LYS E 260 4.87 47.39 6.22
N ASP E 261 3.76 47.04 6.88
CA ASP E 261 2.65 46.41 6.19
C ASP E 261 2.02 47.37 5.20
N ALA E 262 2.02 48.67 5.51
CA ALA E 262 1.36 49.63 4.65
C ALA E 262 2.24 50.06 3.48
N THR E 263 3.55 50.13 3.68
CA THR E 263 4.45 50.69 2.68
C THR E 263 5.39 49.67 2.06
N GLY E 264 5.61 48.53 2.72
CA GLY E 264 6.57 47.55 2.27
C GLY E 264 8.03 47.87 2.60
N SER E 265 8.29 48.99 3.26
CA SER E 265 9.66 49.40 3.58
C SER E 265 9.76 49.77 5.05
N LEU E 266 11.00 49.82 5.55
CA LEU E 266 11.27 50.20 6.94
C LEU E 266 11.71 51.65 7.11
N ASN E 267 12.57 52.17 6.24
CA ASN E 267 13.45 53.26 6.65
C ASN E 267 12.85 54.66 6.50
N ASP E 268 11.65 54.80 5.90
CA ASP E 268 10.87 56.04 5.92
C ASP E 268 9.94 56.12 7.12
N PHE E 269 10.09 55.22 8.08
CA PHE E 269 9.27 55.19 9.28
C PHE E 269 9.43 56.49 10.04
N ASN E 270 8.31 57.07 10.45
CA ASN E 270 8.34 58.37 11.11
C ASN E 270 8.86 58.29 12.54
N GLY E 271 8.90 57.10 13.13
CA GLY E 271 9.39 56.93 14.49
C GLY E 271 10.84 56.49 14.60
N GLY E 272 11.66 56.76 13.58
CA GLY E 272 13.06 56.40 13.63
C GLY E 272 13.83 57.10 12.53
N ASP E 273 15.15 56.98 12.58
CA ASP E 273 16.04 57.51 11.56
C ASP E 273 16.52 56.39 10.67
N ALA E 274 16.63 56.65 9.38
CA ALA E 274 17.25 55.67 8.51
C ALA E 274 18.71 55.51 8.90
N MET E 275 19.22 54.29 8.74
CA MET E 275 20.64 54.04 8.91
C MET E 275 21.06 53.06 7.84
N ASN E 276 22.36 53.00 7.58
CA ASN E 276 22.86 52.02 6.62
C ASN E 276 22.74 50.62 7.21
N SER E 277 22.19 49.71 6.41
CA SER E 277 21.98 48.34 6.83
C SER E 277 23.28 47.65 7.24
N ASP E 278 24.40 48.06 6.65
CA ASP E 278 25.66 47.39 6.95
C ASP E 278 26.29 47.85 8.25
N GLU E 279 25.67 48.79 8.97
CA GLU E 279 26.07 49.16 10.31
C GLU E 279 25.15 48.56 11.38
N LEU E 280 24.17 47.77 10.97
CA LEU E 280 23.21 47.22 11.91
C LEU E 280 23.90 46.28 12.91
N LEU E 281 24.67 45.31 12.41
CA LEU E 281 25.22 44.28 13.28
C LEU E 281 26.25 44.82 14.27
N ILE E 282 26.88 45.96 13.98
CA ILE E 282 27.89 46.49 14.86
C ILE E 282 27.35 47.63 15.71
N HIS E 283 26.03 47.84 15.70
CA HIS E 283 25.37 48.89 16.47
C HIS E 283 25.49 48.64 17.96
N GLU E 284 25.59 49.73 18.72
CA GLU E 284 25.67 49.60 20.17
C GLU E 284 24.38 48.99 20.72
N CYS E 285 24.53 48.07 21.67
CA CYS E 285 23.34 47.46 22.28
C CYS E 285 23.78 46.52 23.38
N ASP E 286 22.84 46.19 24.26
CA ASP E 286 23.03 45.10 25.19
C ASP E 286 22.98 43.76 24.45
N VAL E 287 21.96 43.55 23.63
CA VAL E 287 21.70 42.24 23.04
C VAL E 287 21.52 42.41 21.54
N LEU E 288 22.30 41.67 20.76
CA LEU E 288 22.18 41.60 19.33
C LEU E 288 21.48 40.30 18.96
N ILE E 289 20.42 40.40 18.15
CA ILE E 289 19.65 39.23 17.74
C ILE E 289 19.58 39.18 16.21
N PRO E 290 20.46 38.42 15.56
CA PRO E 290 20.28 38.17 14.12
C PRO E 290 19.08 37.27 13.90
N CYS E 291 18.21 37.70 12.96
CA CYS E 291 16.96 37.02 12.64
C CYS E 291 16.80 36.86 11.13
N ALA E 292 17.90 36.87 10.38
CA ALA E 292 17.81 36.75 8.92
C ALA E 292 18.75 35.64 8.44
N LEU E 293 19.74 35.95 7.62
CA LEU E 293 20.54 34.89 7.04
C LEU E 293 21.61 34.40 8.01
N GLY E 294 22.20 33.24 7.68
CA GLY E 294 23.33 32.75 8.42
C GLY E 294 24.64 33.33 7.95
N GLY E 295 25.68 33.09 8.75
CA GLY E 295 27.04 33.47 8.38
C GLY E 295 27.32 34.96 8.38
N VAL E 296 26.42 35.76 8.94
CA VAL E 296 26.54 37.21 8.85
C VAL E 296 27.52 37.82 9.85
N LEU E 297 27.85 37.09 10.92
CA LEU E 297 28.93 37.46 11.83
C LEU E 297 30.12 36.57 11.48
N ASN E 298 31.18 37.19 10.96
CA ASN E 298 32.31 36.46 10.37
C ASN E 298 33.60 37.16 10.80
N LYS E 299 34.72 36.73 10.22
CA LYS E 299 36.01 37.24 10.68
C LYS E 299 36.19 38.71 10.32
N GLU E 300 35.45 39.21 9.34
CA GLU E 300 35.67 40.58 8.90
C GLU E 300 34.92 41.61 9.74
N ASN E 301 33.82 41.24 10.41
CA ASN E 301 33.06 42.23 11.17
C ASN E 301 32.95 41.92 12.64
N ALA E 302 33.27 40.71 13.07
CA ALA E 302 33.06 40.35 14.47
C ALA E 302 33.84 41.25 15.40
N GLY E 303 35.02 41.69 14.99
CA GLY E 303 35.81 42.60 15.80
C GLY E 303 35.11 43.91 16.12
N ASP E 304 34.12 44.31 15.32
CA ASP E 304 33.44 45.59 15.52
C ASP E 304 32.12 45.47 16.24
N VAL E 305 31.71 44.25 16.62
CA VAL E 305 30.45 44.06 17.33
C VAL E 305 30.55 44.72 18.69
N LYS E 306 29.50 45.44 19.07
CA LYS E 306 29.48 46.19 20.32
C LYS E 306 28.54 45.58 21.35
N ALA E 307 27.75 44.59 20.97
CA ALA E 307 26.80 43.96 21.86
C ALA E 307 27.51 43.23 22.99
N LYS E 308 26.84 43.14 24.13
CA LYS E 308 27.36 42.31 25.22
C LYS E 308 26.92 40.85 25.09
N PHE E 309 25.73 40.64 24.54
CA PHE E 309 25.17 39.32 24.31
C PHE E 309 24.70 39.22 22.86
N ILE E 310 24.87 38.04 22.28
CA ILE E 310 24.26 37.67 21.01
C ILE E 310 23.30 36.52 21.26
N VAL E 311 22.06 36.66 20.78
CA VAL E 311 21.07 35.59 20.85
C VAL E 311 20.76 35.21 19.42
N GLU E 312 21.08 33.97 19.05
CA GLU E 312 20.98 33.52 17.67
C GLU E 312 19.56 33.04 17.37
N ALA E 313 18.74 33.92 16.78
CA ALA E 313 17.40 33.56 16.33
C ALA E 313 17.44 32.95 14.94
N ALA E 314 18.19 33.58 14.05
CA ALA E 314 18.54 32.96 12.77
C ALA E 314 19.28 31.66 13.02
N ASN E 315 19.23 30.79 12.01
CA ASN E 315 20.13 29.65 11.97
C ASN E 315 21.52 30.09 11.53
N HIS E 316 22.52 29.55 12.23
CA HIS E 316 23.96 29.76 12.12
C HIS E 316 24.37 31.16 11.68
N PRO E 317 23.92 32.20 12.40
CA PRO E 317 24.36 33.56 12.07
C PRO E 317 25.84 33.84 12.34
N THR E 318 26.48 33.10 13.24
CA THR E 318 27.85 33.36 13.65
C THR E 318 28.74 32.19 13.24
N ASP E 319 29.82 32.46 12.52
CA ASP E 319 30.71 31.37 12.14
C ASP E 319 31.80 31.18 13.19
N PRO E 320 32.52 30.06 13.12
CA PRO E 320 33.48 29.75 14.19
C PRO E 320 34.59 30.76 14.31
N ASP E 321 35.00 31.40 13.21
CA ASP E 321 36.00 32.46 13.31
C ASP E 321 35.46 33.60 14.19
N ALA E 322 34.22 34.00 13.94
CA ALA E 322 33.60 35.06 14.72
C ALA E 322 33.44 34.65 16.18
N ASP E 323 33.04 33.39 16.43
CA ASP E 323 32.95 32.91 17.82
C ASP E 323 34.23 33.18 18.58
N GLU E 324 35.36 32.87 17.96
CA GLU E 324 36.65 33.03 18.61
C GLU E 324 36.94 34.50 18.89
N ILE E 325 36.70 35.37 17.91
CA ILE E 325 36.95 36.79 18.08
C ILE E 325 36.06 37.36 19.18
N LEU E 326 34.77 36.99 19.16
CA LEU E 326 33.80 37.51 20.11
C LEU E 326 34.06 36.98 21.52
N SER E 327 34.49 35.72 21.62
CA SER E 327 34.88 35.18 22.93
C SER E 327 35.98 36.03 23.57
N LYS E 328 37.02 36.36 22.80
CA LYS E 328 38.11 37.16 23.35
C LYS E 328 37.65 38.56 23.71
N LYS E 329 36.61 39.04 23.07
CA LYS E 329 36.00 40.32 23.42
C LYS E 329 35.06 40.23 24.62
N GLY E 330 34.83 39.04 25.16
CA GLY E 330 33.92 38.94 26.28
C GLY E 330 32.46 38.86 25.90
N VAL E 331 32.15 38.71 24.61
CA VAL E 331 30.75 38.63 24.17
C VAL E 331 30.25 37.22 24.42
N ILE E 332 29.06 37.12 25.00
CA ILE E 332 28.44 35.84 25.34
C ILE E 332 27.39 35.53 24.26
N ILE E 333 27.41 34.30 23.72
CA ILE E 333 26.60 33.94 22.55
C ILE E 333 25.69 32.78 22.90
N LEU E 334 24.39 33.04 22.88
CA LEU E 334 23.40 32.01 23.10
C LEU E 334 23.08 31.33 21.76
N PRO E 335 23.37 30.05 21.61
CA PRO E 335 23.41 29.44 20.28
C PRO E 335 22.04 29.17 19.68
N ASP E 336 22.00 29.27 18.35
CA ASP E 336 20.80 28.97 17.54
C ASP E 336 20.07 27.72 17.97
N ILE E 337 20.80 26.60 18.14
CA ILE E 337 20.17 25.32 18.38
C ILE E 337 19.51 25.23 19.74
N TYR E 338 19.73 26.22 20.61
CA TYR E 338 18.85 26.45 21.75
C TYR E 338 17.88 27.60 21.51
N ALA E 339 18.40 28.77 21.17
CA ALA E 339 17.60 29.99 21.30
C ALA E 339 16.44 30.02 20.32
N ASN E 340 16.57 29.40 19.15
CA ASN E 340 15.51 29.52 18.15
C ASN E 340 14.63 28.28 18.10
N ALA E 341 14.80 27.37 19.05
CA ALA E 341 14.09 26.10 19.06
C ALA E 341 12.63 26.21 19.46
N GLY E 342 12.16 27.41 19.77
CA GLY E 342 10.73 27.58 20.02
C GLY E 342 9.86 27.15 18.85
N GLY E 343 10.32 27.44 17.63
CA GLY E 343 9.52 27.07 16.48
C GLY E 343 9.36 25.57 16.37
N VAL E 344 10.48 24.84 16.37
CA VAL E 344 10.34 23.39 16.20
C VAL E 344 9.67 22.76 17.42
N THR E 345 9.85 23.34 18.60
CA THR E 345 9.20 22.79 19.78
C THR E 345 7.68 22.95 19.69
N VAL E 346 7.21 24.13 19.26
CA VAL E 346 5.78 24.28 19.09
C VAL E 346 5.29 23.51 17.87
N SER E 347 6.14 23.31 16.85
CA SER E 347 5.77 22.38 15.78
C SER E 347 5.52 20.97 16.31
N TYR E 348 6.37 20.51 17.23
CA TYR E 348 6.11 19.23 17.89
C TYR E 348 4.73 19.25 18.55
N PHE E 349 4.41 20.30 19.31
CA PHE E 349 3.08 20.36 19.91
C PHE E 349 1.98 20.34 18.85
N GLU E 350 2.18 21.02 17.71
CA GLU E 350 1.17 21.01 16.65
C GLU E 350 0.95 19.59 16.15
N TRP E 351 2.05 18.90 15.87
CA TRP E 351 2.03 17.52 15.41
C TRP E 351 1.33 16.61 16.42
N VAL E 352 1.64 16.77 17.70
CA VAL E 352 0.94 16.02 18.76
C VAL E 352 -0.55 16.29 18.69
N GLN E 353 -0.94 17.56 18.61
CA GLN E 353 -2.37 17.88 18.59
C GLN E 353 -3.04 17.24 17.40
N ASN E 354 -2.39 17.27 16.24
CA ASN E 354 -2.96 16.64 15.04
C ASN E 354 -3.11 15.14 15.22
N ILE E 355 -2.06 14.48 15.72
CA ILE E 355 -2.11 13.04 15.93
C ILE E 355 -3.12 12.64 16.97
N GLN E 356 -3.32 13.48 17.99
CA GLN E 356 -4.34 13.26 19.00
C GLN E 356 -5.74 13.69 18.58
N GLY E 357 -5.89 14.34 17.42
CA GLY E 357 -7.18 14.72 16.91
C GLY E 357 -7.87 15.83 17.67
N PHE E 358 -7.14 16.57 18.49
CA PHE E 358 -7.75 17.48 19.45
C PHE E 358 -6.78 18.61 19.75
N MET E 359 -7.22 19.85 19.56
CA MET E 359 -6.30 20.98 19.67
C MET E 359 -6.26 21.54 21.08
N TRP E 360 -5.13 22.17 21.41
CA TRP E 360 -4.87 22.78 22.70
C TRP E 360 -5.22 24.27 22.70
N GLU E 361 -5.49 24.78 23.89
CA GLU E 361 -5.57 26.22 24.08
C GLU E 361 -4.17 26.84 24.00
N GLU E 362 -4.12 28.13 23.63
CA GLU E 362 -2.80 28.75 23.44
C GLU E 362 -2.02 28.81 24.73
N GLU E 363 -2.71 29.03 25.86
CA GLU E 363 -1.96 29.13 27.12
C GLU E 363 -1.21 27.84 27.41
N LYS E 364 -1.83 26.70 27.11
CA LYS E 364 -1.16 25.43 27.32
C LYS E 364 0.07 25.27 26.43
N VAL E 365 -0.06 25.63 25.14
CA VAL E 365 1.07 25.60 24.20
C VAL E 365 2.22 26.42 24.75
N ASN E 366 1.94 27.65 25.20
CA ASN E 366 3.03 28.55 25.57
C ASN E 366 3.64 28.19 26.91
N LEU E 367 2.85 27.65 27.83
CA LEU E 367 3.39 27.12 29.08
C LEU E 367 4.27 25.90 28.82
N GLU E 368 3.84 24.99 27.95
CA GLU E 368 4.72 23.86 27.61
C GLU E 368 6.00 24.33 26.93
N LEU E 369 5.89 25.32 26.05
CA LEU E 369 7.09 25.85 25.42
C LEU E 369 8.05 26.37 26.47
N GLN E 370 7.55 27.10 27.46
N GLN E 370 7.55 27.17 27.42
CA GLN E 370 8.47 27.67 28.45
CA GLN E 370 8.40 27.68 28.47
C GLN E 370 9.07 26.59 29.33
C GLN E 370 9.09 26.54 29.21
N LYS E 371 8.30 25.54 29.63
CA LYS E 371 8.85 24.41 30.37
C LYS E 371 10.00 23.76 29.60
N TYR E 372 9.79 23.53 28.30
CA TYR E 372 10.84 22.91 27.50
C TYR E 372 12.08 23.79 27.40
N MET E 373 11.90 25.11 27.24
CA MET E 373 13.06 25.98 27.09
C MET E 373 13.84 26.12 28.40
N THR E 374 13.13 26.14 29.54
CA THR E 374 13.79 26.20 30.84
C THR E 374 14.57 24.92 31.10
N ARG E 375 14.00 23.76 30.77
N ARG E 375 13.97 23.78 30.81
CA ARG E 375 14.71 22.52 31.00
CA ARG E 375 14.62 22.49 30.93
C ARG E 375 15.92 22.38 30.09
C ARG E 375 15.90 22.45 30.10
N ALA E 376 15.78 22.80 28.83
CA ALA E 376 16.91 22.73 27.91
C ALA E 376 18.04 23.65 28.35
N PHE E 377 17.74 24.87 28.81
CA PHE E 377 18.81 25.75 29.27
C PHE E 377 19.56 25.11 30.44
N HIS E 378 18.84 24.49 31.36
CA HIS E 378 19.49 23.85 32.50
C HIS E 378 20.37 22.70 32.02
N ASN E 379 19.91 21.92 31.05
CA ASN E 379 20.74 20.83 30.55
C ASN E 379 21.97 21.36 29.83
N ILE E 380 21.84 22.46 29.09
CA ILE E 380 23.00 23.06 28.46
C ILE E 380 24.02 23.48 29.50
N LYS E 381 23.57 24.17 30.56
CA LYS E 381 24.50 24.63 31.60
C LYS E 381 25.20 23.44 32.27
N THR E 382 24.48 22.33 32.45
CA THR E 382 25.09 21.13 33.01
C THR E 382 26.24 20.65 32.14
N MET E 383 26.01 20.53 30.83
CA MET E 383 27.08 20.15 29.90
C MET E 383 28.22 21.16 29.92
N CYS E 384 27.90 22.46 30.00
CA CYS E 384 28.95 23.47 30.10
C CYS E 384 29.81 23.25 31.32
N HIS E 385 29.19 22.88 32.45
CA HIS E 385 29.99 22.68 33.64
C HIS E 385 30.76 21.36 33.55
N THR E 386 30.14 20.32 33.01
CA THR E 386 30.85 19.04 32.93
C THR E 386 32.08 19.16 32.06
N HIS E 387 31.97 19.85 30.95
CA HIS E 387 33.00 19.87 29.92
C HIS E 387 33.77 21.17 29.89
N SER E 388 33.52 22.08 30.81
CA SER E 388 34.20 23.37 30.88
C SER E 388 34.19 24.08 29.54
N CYS E 389 33.00 24.19 28.93
CA CYS E 389 32.90 24.73 27.58
C CYS E 389 31.84 25.83 27.52
N ASN E 390 31.82 26.53 26.39
CA ASN E 390 30.93 27.68 26.24
C ASN E 390 29.52 27.22 25.90
N LEU E 391 28.58 28.19 25.87
CA LEU E 391 27.16 27.83 25.66
C LEU E 391 26.94 27.08 24.36
N ARG E 392 27.57 27.52 23.27
CA ARG E 392 27.35 26.82 22.00
C ARG E 392 27.75 25.37 22.14
N MET E 393 28.91 25.10 22.75
CA MET E 393 29.37 23.71 22.85
C MET E 393 28.58 22.93 23.88
N GLY E 394 28.07 23.59 24.93
CA GLY E 394 27.15 22.94 25.82
C GLY E 394 25.92 22.42 25.09
N ALA E 395 25.34 23.24 24.21
CA ALA E 395 24.17 22.79 23.46
C ALA E 395 24.57 21.73 22.44
N PHE E 396 25.68 21.97 21.73
CA PHE E 396 26.07 21.05 20.67
C PHE E 396 26.42 19.68 21.24
N THR E 397 27.12 19.65 22.37
CA THR E 397 27.45 18.34 22.96
C THR E 397 26.20 17.67 23.51
N LEU E 398 25.30 18.44 24.10
CA LEU E 398 24.04 17.87 24.55
C LEU E 398 23.30 17.16 23.41
N GLY E 399 23.18 17.83 22.27
CA GLY E 399 22.44 17.25 21.16
C GLY E 399 23.14 16.06 20.54
N VAL E 400 24.43 16.21 20.25
CA VAL E 400 25.21 15.10 19.68
C VAL E 400 25.16 13.90 20.60
N ASN E 401 25.37 14.11 21.89
CA ASN E 401 25.35 12.98 22.81
C ASN E 401 24.02 12.22 22.78
N ARG E 402 22.89 12.96 22.77
CA ARG E 402 21.58 12.32 22.74
C ARG E 402 21.37 11.54 21.45
N VAL E 403 21.79 12.11 20.32
CA VAL E 403 21.65 11.43 19.03
C VAL E 403 22.51 10.20 19.00
N ALA E 404 23.74 10.30 19.52
CA ALA E 404 24.64 9.16 19.51
C ALA E 404 24.07 8.03 20.36
N ARG E 405 23.46 8.37 21.47
CA ARG E 405 22.91 7.35 22.35
C ARG E 405 21.77 6.61 21.66
N ALA E 406 20.86 7.33 21.00
CA ALA E 406 19.76 6.68 20.29
C ALA E 406 20.32 5.82 19.16
N THR E 407 21.35 6.32 18.48
CA THR E 407 21.94 5.57 17.38
C THR E 407 22.51 4.24 17.89
N GLN E 408 23.25 4.28 19.00
CA GLN E 408 23.87 3.08 19.53
C GLN E 408 22.83 2.07 20.00
N LEU E 409 21.71 2.55 20.51
CA LEU E 409 20.66 1.63 20.94
C LEU E 409 20.02 0.94 19.76
N ARG E 410 19.86 1.66 18.65
CA ARG E 410 19.27 1.01 17.48
C ARG E 410 20.18 -0.04 16.85
N GLY E 411 21.50 0.14 16.90
CA GLY E 411 22.38 -0.86 16.35
C GLY E 411 22.64 -0.70 14.87
N TRP E 412 23.47 -1.62 14.38
CA TRP E 412 24.10 -1.50 13.08
C TRP E 412 23.98 -2.72 12.19
N GLU E 413 23.49 -3.86 12.69
CA GLU E 413 23.33 -5.02 11.84
C GLU E 413 22.16 -4.79 10.88
N ALA E 414 22.15 -5.54 9.79
CA ALA E 414 21.19 -5.28 8.69
C ALA E 414 19.80 -5.86 8.95
N ALA F 3 5.32 -32.38 35.59
CA ALA F 3 5.79 -31.74 34.32
C ALA F 3 4.73 -31.83 33.22
N MET F 4 3.56 -31.26 33.47
CA MET F 4 2.41 -31.38 32.57
C MET F 4 2.61 -30.52 31.32
N ASN F 5 2.06 -30.99 30.20
CA ASN F 5 2.10 -30.20 28.97
C ASN F 5 1.42 -28.85 29.18
N ALA F 6 2.08 -27.77 28.73
CA ALA F 6 1.62 -26.42 29.08
C ALA F 6 0.25 -26.11 28.44
N LEU F 7 0.06 -26.50 27.19
CA LEU F 7 -1.20 -26.20 26.53
C LEU F 7 -2.32 -27.08 27.09
N ALA F 8 -2.03 -28.34 27.42
CA ALA F 8 -3.05 -29.17 28.04
C ALA F 8 -3.52 -28.59 29.38
N ALA F 9 -2.58 -28.06 30.17
CA ALA F 9 -2.93 -27.46 31.46
C ALA F 9 -3.79 -26.22 31.26
N THR F 10 -3.40 -25.36 30.32
CA THR F 10 -4.13 -24.12 30.12
C THR F 10 -5.51 -24.39 29.53
N ASN F 11 -5.61 -25.35 28.60
CA ASN F 11 -6.91 -25.72 28.06
C ASN F 11 -7.81 -26.34 29.11
N ARG F 12 -7.23 -27.05 30.08
CA ARG F 12 -8.03 -27.57 31.18
C ARG F 12 -8.65 -26.42 31.98
N ASN F 13 -7.86 -25.38 32.28
CA ASN F 13 -8.39 -24.21 32.99
C ASN F 13 -9.42 -23.47 32.15
N PHE F 14 -9.16 -23.34 30.85
CA PHE F 14 -10.13 -22.72 29.95
C PHE F 14 -11.44 -23.49 29.91
N ARG F 15 -11.37 -24.82 29.79
CA ARG F 15 -12.60 -25.60 29.74
C ARG F 15 -13.36 -25.52 31.05
N HIS F 16 -12.63 -25.44 32.16
CA HIS F 16 -13.26 -25.26 33.47
C HIS F 16 -14.00 -23.93 33.52
N ALA F 17 -13.34 -22.84 33.11
CA ALA F 17 -13.97 -21.53 33.09
C ALA F 17 -15.20 -21.51 32.19
N SER F 18 -15.08 -22.12 31.01
N SER F 18 -15.08 -22.12 31.01
CA SER F 18 -16.21 -22.19 30.09
CA SER F 18 -16.22 -22.18 30.09
C SER F 18 -17.40 -22.91 30.73
C SER F 18 -17.40 -22.92 30.71
N ARG F 19 -17.13 -24.02 31.43
CA ARG F 19 -18.20 -24.73 32.11
C ARG F 19 -18.86 -23.85 33.17
N ILE F 20 -18.06 -23.14 33.95
CA ILE F 20 -18.64 -22.28 34.98
C ILE F 20 -19.56 -21.24 34.34
N LEU F 21 -19.14 -20.69 33.20
CA LEU F 21 -19.91 -19.67 32.51
C LEU F 21 -21.12 -20.22 31.76
N GLY F 22 -21.16 -21.52 31.49
CA GLY F 22 -22.22 -22.03 30.64
C GLY F 22 -22.07 -21.66 29.18
N LEU F 23 -20.85 -21.36 28.74
CA LEU F 23 -20.59 -20.98 27.36
C LEU F 23 -21.17 -21.99 26.38
N ASP F 24 -21.74 -21.51 25.28
CA ASP F 24 -22.14 -22.39 24.20
C ASP F 24 -20.92 -23.15 23.67
N SER F 25 -21.12 -24.42 23.30
CA SER F 25 -19.98 -25.25 22.91
C SER F 25 -19.30 -24.76 21.63
N LYS F 26 -20.06 -24.20 20.68
CA LYS F 26 -19.44 -23.72 19.44
C LYS F 26 -18.61 -22.47 19.70
N ILE F 27 -19.11 -21.55 20.53
CA ILE F 27 -18.31 -20.40 20.94
C ILE F 27 -17.07 -20.82 21.71
N GLU F 28 -17.23 -21.78 22.62
CA GLU F 28 -16.08 -22.26 23.38
C GLU F 28 -15.00 -22.76 22.45
N ARG F 29 -15.39 -23.52 21.42
CA ARG F 29 -14.41 -24.08 20.50
C ARG F 29 -13.70 -22.98 19.73
N SER F 30 -14.47 -22.00 19.23
CA SER F 30 -13.85 -20.88 18.53
C SER F 30 -12.87 -20.13 19.42
N LEU F 31 -13.25 -19.91 20.68
CA LEU F 31 -12.38 -19.19 21.60
C LEU F 31 -11.09 -19.94 21.86
N MET F 32 -11.14 -21.27 21.88
CA MET F 32 -9.93 -22.05 22.05
C MET F 32 -9.02 -21.91 20.84
N ILE F 33 -9.57 -22.01 19.63
CA ILE F 33 -8.73 -22.04 18.43
C ILE F 33 -8.07 -20.68 18.24
N PRO F 34 -6.75 -20.64 18.10
CA PRO F 34 -6.09 -19.36 17.81
C PRO F 34 -6.47 -18.82 16.45
N PHE F 35 -6.50 -17.49 16.41
CA PHE F 35 -6.74 -16.78 15.17
C PHE F 35 -5.73 -17.21 14.11
N ARG F 36 -4.46 -17.21 14.47
CA ARG F 36 -3.43 -17.58 13.50
C ARG F 36 -2.20 -18.06 14.25
N GLU F 37 -1.60 -19.16 13.78
CA GLU F 37 -0.31 -19.61 14.28
C GLU F 37 0.70 -19.52 13.15
N ILE F 38 1.89 -18.98 13.46
CA ILE F 38 2.94 -18.73 12.49
C ILE F 38 4.21 -19.41 12.98
N LYS F 39 4.86 -20.18 12.12
CA LYS F 39 6.21 -20.70 12.37
C LYS F 39 7.09 -20.29 11.20
N VAL F 40 8.24 -19.68 11.47
CA VAL F 40 9.11 -19.21 10.40
C VAL F 40 10.55 -19.64 10.61
N GLU F 41 11.22 -19.94 9.51
CA GLU F 41 12.66 -20.20 9.56
C GLU F 41 13.41 -18.92 9.85
N CYS F 42 14.36 -18.97 10.79
CA CYS F 42 15.22 -17.84 11.13
C CYS F 42 16.67 -18.32 11.07
N THR F 43 17.33 -18.06 9.95
CA THR F 43 18.69 -18.54 9.72
C THR F 43 19.60 -17.33 9.61
N ILE F 44 20.69 -17.36 10.37
CA ILE F 44 21.65 -16.26 10.39
C ILE F 44 23.06 -16.81 10.22
N PRO F 45 23.98 -16.00 9.71
CA PRO F 45 25.41 -16.29 9.89
C PRO F 45 25.85 -15.95 11.30
N LYS F 46 26.54 -16.90 11.92
CA LYS F 46 27.24 -16.63 13.16
C LYS F 46 28.40 -15.68 12.90
N ASP F 47 29.00 -15.22 13.99
CA ASP F 47 30.14 -14.32 13.88
C ASP F 47 31.26 -14.93 13.07
N ASP F 48 31.41 -16.25 13.11
CA ASP F 48 32.45 -16.89 12.31
C ASP F 48 32.00 -17.24 10.88
N GLY F 49 30.81 -16.81 10.49
CA GLY F 49 30.31 -17.00 9.15
C GLY F 49 29.51 -18.26 8.94
N THR F 50 29.53 -19.19 9.88
CA THR F 50 28.80 -20.44 9.67
C THR F 50 27.34 -20.22 9.96
N LEU F 51 26.49 -20.99 9.30
CA LEU F 51 25.05 -20.76 9.44
C LEU F 51 24.50 -21.48 10.66
N VAL F 52 23.48 -20.88 11.27
CA VAL F 52 22.63 -21.54 12.25
C VAL F 52 21.18 -21.23 11.92
N SER F 53 20.32 -22.25 12.03
CA SER F 53 18.89 -22.12 11.76
C SER F 53 18.10 -22.37 13.03
N TYR F 54 17.20 -21.44 13.31
CA TYR F 54 16.22 -21.56 14.37
C TYR F 54 14.82 -21.47 13.77
N ILE F 55 13.84 -21.90 14.56
CA ILE F 55 12.42 -21.74 14.22
C ILE F 55 11.84 -20.68 15.13
N GLY F 56 11.23 -19.65 14.53
CA GLY F 56 10.55 -18.60 15.24
C GLY F 56 9.05 -18.83 15.22
N PHE F 57 8.40 -18.41 16.30
CA PHE F 57 6.98 -18.66 16.49
C PHE F 57 6.28 -17.36 16.85
N ARG F 58 5.09 -17.16 16.30
CA ARG F 58 4.17 -16.14 16.82
C ARG F 58 2.78 -16.73 16.74
N VAL F 59 2.19 -16.96 17.90
CA VAL F 59 0.81 -17.43 17.99
C VAL F 59 -0.06 -16.22 18.30
N GLN F 60 -0.99 -15.96 17.39
CA GLN F 60 -1.93 -14.86 17.52
C GLN F 60 -3.24 -15.49 17.97
N HIS F 61 -3.52 -15.45 19.29
CA HIS F 61 -4.61 -16.28 19.80
C HIS F 61 -5.98 -15.63 19.56
N ASP F 62 -6.15 -14.36 19.93
CA ASP F 62 -7.49 -13.78 19.83
C ASP F 62 -7.38 -12.26 19.69
N ASN F 63 -8.19 -11.67 18.79
CA ASN F 63 -8.13 -10.23 18.58
C ASN F 63 -9.51 -9.57 18.64
N ALA F 64 -10.45 -10.21 19.34
CA ALA F 64 -11.80 -9.69 19.43
C ALA F 64 -11.83 -8.35 20.14
N ARG F 65 -10.99 -8.17 21.15
CA ARG F 65 -11.04 -6.97 21.97
C ARG F 65 -10.04 -5.91 21.54
N GLY F 66 -9.21 -6.21 20.56
CA GLY F 66 -8.29 -5.23 20.04
C GLY F 66 -7.02 -5.85 19.50
N PRO F 67 -6.02 -5.03 19.21
CA PRO F 67 -4.74 -5.59 18.74
C PRO F 67 -4.22 -6.63 19.71
N MET F 68 -3.54 -7.64 19.19
CA MET F 68 -3.04 -8.66 20.06
C MET F 68 -1.76 -8.20 20.76
N LYS F 69 -1.47 -8.85 21.88
CA LYS F 69 -0.43 -8.36 22.75
C LYS F 69 0.24 -9.54 23.44
N GLY F 70 1.56 -9.52 23.47
CA GLY F 70 2.33 -10.49 24.22
C GLY F 70 3.78 -10.50 23.80
N GLY F 71 4.60 -11.03 24.70
CA GLY F 71 6.03 -10.92 24.57
C GLY F 71 6.64 -12.01 23.69
N ILE F 72 7.95 -11.94 23.57
CA ILE F 72 8.75 -12.83 22.76
C ILE F 72 9.79 -13.46 23.68
N ARG F 73 9.77 -14.79 23.77
CA ARG F 73 10.64 -15.54 24.66
C ARG F 73 11.76 -16.16 23.84
N TYR F 74 13.00 -15.92 24.24
CA TYR F 74 14.18 -16.64 23.73
C TYR F 74 14.60 -17.62 24.81
N HIS F 75 14.31 -18.90 24.61
CA HIS F 75 14.59 -19.88 25.64
C HIS F 75 14.60 -21.24 24.97
N PRO F 76 15.45 -22.18 25.43
CA PRO F 76 15.59 -23.45 24.69
C PRO F 76 14.36 -24.33 24.71
N GLU F 77 13.46 -24.16 25.66
CA GLU F 77 12.24 -24.94 25.77
C GLU F 77 11.07 -24.33 25.02
N VAL F 78 11.26 -23.19 24.35
CA VAL F 78 10.20 -22.63 23.51
C VAL F 78 9.81 -23.65 22.46
N ASP F 79 8.52 -23.92 22.34
CA ASP F 79 7.97 -24.80 21.31
C ASP F 79 6.51 -24.44 21.11
N PRO F 80 5.88 -24.98 20.06
CA PRO F 80 4.50 -24.54 19.77
C PRO F 80 3.54 -24.68 20.94
N ASP F 81 3.55 -25.80 21.68
CA ASP F 81 2.63 -25.90 22.81
C ASP F 81 2.85 -24.79 23.82
N GLU F 82 4.12 -24.46 24.12
CA GLU F 82 4.35 -23.38 25.08
C GLU F 82 3.87 -22.04 24.55
N VAL F 83 4.19 -21.72 23.29
CA VAL F 83 3.76 -20.43 22.77
C VAL F 83 2.24 -20.35 22.69
N ASN F 84 1.59 -21.44 22.28
CA ASN F 84 0.13 -21.42 22.27
C ASN F 84 -0.45 -21.19 23.66
N ALA F 85 0.09 -21.86 24.67
CA ALA F 85 -0.43 -21.70 26.02
C ALA F 85 -0.25 -20.25 26.49
N LEU F 86 0.95 -19.68 26.29
CA LEU F 86 1.20 -18.31 26.73
C LEU F 86 0.29 -17.33 25.98
N ALA F 87 0.09 -17.56 24.69
CA ALA F 87 -0.74 -16.65 23.90
C ALA F 87 -2.19 -16.66 24.38
N GLN F 88 -2.71 -17.84 24.71
CA GLN F 88 -4.08 -17.92 25.19
C GLN F 88 -4.22 -17.21 26.52
N LEU F 89 -3.22 -17.37 27.41
CA LEU F 89 -3.23 -16.65 28.68
C LEU F 89 -3.20 -15.14 28.47
N MET F 90 -2.47 -14.65 27.45
CA MET F 90 -2.48 -13.22 27.19
C MET F 90 -3.90 -12.73 26.85
N THR F 91 -4.66 -13.54 26.12
CA THR F 91 -6.03 -13.14 25.79
C THR F 91 -6.86 -12.94 27.06
N TRP F 92 -6.74 -13.85 28.02
CA TRP F 92 -7.56 -13.70 29.21
C TRP F 92 -7.02 -12.60 30.11
N LYS F 93 -5.68 -12.48 30.16
CA LYS F 93 -5.01 -11.50 31.00
C LYS F 93 -5.37 -10.08 30.59
N THR F 94 -5.32 -9.81 29.29
CA THR F 94 -5.67 -8.48 28.81
C THR F 94 -7.14 -8.16 29.11
N ALA F 95 -8.02 -9.15 28.99
CA ALA F 95 -9.43 -8.94 29.33
C ALA F 95 -9.63 -8.68 30.82
N VAL F 96 -8.96 -9.46 31.68
CA VAL F 96 -9.04 -9.23 33.12
C VAL F 96 -8.57 -7.82 33.46
N ALA F 97 -7.49 -7.37 32.84
CA ALA F 97 -6.97 -6.02 33.08
C ALA F 97 -7.89 -4.94 32.51
N ASP F 98 -8.80 -5.31 31.61
CA ASP F 98 -9.66 -4.35 30.93
C ASP F 98 -8.83 -3.38 30.11
N ILE F 99 -7.88 -3.94 29.36
CA ILE F 99 -7.12 -3.13 28.42
C ILE F 99 -7.52 -3.60 27.02
N PRO F 100 -7.47 -2.72 26.02
CA PRO F 100 -8.11 -3.00 24.72
C PRO F 100 -7.19 -3.79 23.79
N TYR F 101 -6.84 -4.97 24.23
CA TYR F 101 -5.94 -5.86 23.52
C TYR F 101 -6.52 -7.26 23.55
N GLY F 102 -6.14 -8.06 22.56
CA GLY F 102 -6.21 -9.49 22.63
C GLY F 102 -4.85 -10.08 22.94
N GLY F 103 -4.69 -11.37 22.69
CA GLY F 103 -3.55 -12.12 23.19
C GLY F 103 -2.73 -12.73 22.07
N ALA F 104 -1.42 -12.69 22.24
CA ALA F 104 -0.47 -13.34 21.34
C ALA F 104 0.82 -13.60 22.11
N LYS F 105 1.69 -14.41 21.53
CA LYS F 105 3.00 -14.66 22.11
C LYS F 105 3.90 -15.15 21.01
N GLY F 106 5.19 -14.93 21.17
CA GLY F 106 6.14 -15.47 20.23
C GLY F 106 7.40 -15.95 20.94
N GLY F 107 8.28 -16.54 20.16
CA GLY F 107 9.53 -16.95 20.74
C GLY F 107 10.39 -17.61 19.71
N ILE F 108 11.61 -17.86 20.11
CA ILE F 108 12.58 -18.66 19.35
C ILE F 108 13.20 -19.64 20.32
N GLY F 109 13.31 -20.91 19.90
CA GLY F 109 13.97 -21.91 20.70
C GLY F 109 15.48 -21.77 20.56
N CYS F 110 16.07 -20.95 21.41
CA CYS F 110 17.49 -20.73 21.37
C CYS F 110 17.96 -20.52 22.79
N SER F 111 19.28 -20.54 22.98
CA SER F 111 19.87 -20.25 24.28
C SER F 111 20.63 -18.93 24.15
N PRO F 112 20.07 -17.82 24.62
CA PRO F 112 20.71 -16.52 24.34
C PRO F 112 22.09 -16.39 24.92
N ARG F 113 22.37 -17.04 26.05
CA ARG F 113 23.67 -16.91 26.67
C ARG F 113 24.77 -17.54 25.81
N ASP F 114 24.40 -18.37 24.84
CA ASP F 114 25.32 -19.01 23.91
C ASP F 114 25.52 -18.23 22.60
N LEU F 115 24.82 -17.11 22.41
CA LEU F 115 24.98 -16.28 21.24
C LEU F 115 25.65 -14.97 21.64
N SER F 116 26.51 -14.45 20.76
CA SER F 116 27.08 -13.13 20.98
C SER F 116 26.02 -12.05 20.84
N LEU F 117 26.35 -10.83 21.27
CA LEU F 117 25.39 -9.75 21.10
C LEU F 117 25.09 -9.51 19.62
N SER F 118 26.09 -9.59 18.75
CA SER F 118 25.84 -9.36 17.33
C SER F 118 24.98 -10.47 16.74
N GLU F 119 25.20 -11.72 17.16
CA GLU F 119 24.33 -12.82 16.71
C GLU F 119 22.90 -12.64 17.19
N LEU F 120 22.70 -12.24 18.44
CA LEU F 120 21.35 -11.98 18.95
C LEU F 120 20.66 -10.89 18.17
N GLU F 121 21.41 -9.84 17.80
CA GLU F 121 20.84 -8.77 17.02
C GLU F 121 20.45 -9.27 15.65
N ARG F 122 21.32 -9.99 14.98
CA ARG F 122 20.95 -10.52 13.68
C ARG F 122 19.75 -11.45 13.77
N LEU F 123 19.72 -12.32 14.77
CA LEU F 123 18.59 -13.24 14.91
C LEU F 123 17.29 -12.47 15.12
N THR F 124 17.33 -11.44 15.98
CA THR F 124 16.16 -10.63 16.25
C THR F 124 15.68 -9.90 14.99
N ARG F 125 16.63 -9.33 14.24
CA ARG F 125 16.26 -8.64 13.01
C ARG F 125 15.71 -9.60 11.94
N VAL F 126 16.30 -10.79 11.80
CA VAL F 126 15.75 -11.75 10.84
C VAL F 126 14.35 -12.20 11.26
N PHE F 127 14.16 -12.47 12.55
CA PHE F 127 12.83 -12.82 13.03
C PHE F 127 11.83 -11.72 12.69
N THR F 128 12.25 -10.47 12.89
CA THR F 128 11.40 -9.33 12.56
C THR F 128 11.11 -9.30 11.06
N GLN F 129 12.12 -9.50 10.22
CA GLN F 129 11.87 -9.58 8.77
C GLN F 129 10.88 -10.67 8.43
N LYS F 130 10.88 -11.77 9.19
CA LYS F 130 9.99 -12.87 8.87
C LYS F 130 8.58 -12.70 9.42
N ILE F 131 8.35 -11.82 10.39
CA ILE F 131 7.01 -11.63 10.91
C ILE F 131 6.46 -10.23 10.71
N HIS F 132 7.20 -9.31 10.06
CA HIS F 132 6.79 -7.91 10.10
C HIS F 132 5.41 -7.73 9.48
N ASP F 133 5.07 -8.54 8.50
CA ASP F 133 3.80 -8.40 7.79
C ASP F 133 2.63 -8.93 8.59
N LEU F 134 2.89 -9.59 9.71
CA LEU F 134 1.85 -10.17 10.52
C LEU F 134 1.66 -9.42 11.83
N ILE F 135 2.52 -8.45 12.16
CA ILE F 135 2.38 -7.68 13.39
C ILE F 135 2.11 -6.23 13.00
N GLY F 136 1.99 -5.35 13.98
CA GLY F 136 1.72 -3.96 13.68
C GLY F 136 1.01 -3.27 14.85
N ILE F 137 1.03 -1.95 14.81
CA ILE F 137 0.55 -1.12 15.91
C ILE F 137 -0.90 -1.46 16.24
N HIS F 138 -1.72 -1.71 15.24
CA HIS F 138 -3.12 -2.03 15.45
C HIS F 138 -3.45 -3.49 15.12
N THR F 139 -2.44 -4.36 15.12
CA THR F 139 -2.63 -5.77 14.80
C THR F 139 -2.07 -6.69 15.87
N ASP F 140 -0.79 -6.53 16.22
CA ASP F 140 -0.11 -7.40 17.16
C ASP F 140 1.17 -6.72 17.60
N VAL F 141 1.30 -6.46 18.89
CA VAL F 141 2.33 -5.61 19.45
C VAL F 141 3.17 -6.44 20.42
N PRO F 142 4.40 -6.85 20.03
CA PRO F 142 5.20 -7.66 20.95
C PRO F 142 5.82 -6.87 22.09
N ALA F 143 6.63 -7.55 22.86
CA ALA F 143 7.21 -7.04 24.09
C ALA F 143 8.25 -8.05 24.57
N PRO F 144 8.99 -7.76 25.64
CA PRO F 144 9.93 -8.77 26.15
C PRO F 144 9.22 -9.89 26.87
N ASP F 145 10.00 -10.93 27.12
CA ASP F 145 9.66 -12.06 28.00
C ASP F 145 10.98 -12.69 28.40
N MET F 146 10.97 -13.97 28.78
N MET F 146 10.97 -13.99 28.72
CA MET F 146 12.22 -14.58 29.19
CA MET F 146 12.19 -14.64 29.20
C MET F 146 13.19 -14.50 28.03
C MET F 146 13.24 -14.70 28.09
N GLY F 147 14.42 -14.11 28.34
CA GLY F 147 15.51 -14.12 27.40
C GLY F 147 15.55 -12.92 26.47
N THR F 148 14.61 -12.02 26.56
CA THR F 148 14.64 -10.80 25.79
C THR F 148 14.46 -9.60 26.72
N ASN F 149 14.75 -8.42 26.21
CA ASN F 149 14.75 -7.23 27.05
C ASN F 149 14.60 -6.00 26.17
N ALA F 150 14.77 -4.83 26.78
CA ALA F 150 14.51 -3.61 26.05
C ALA F 150 15.43 -3.44 24.83
N GLN F 151 16.66 -3.93 24.93
CA GLN F 151 17.55 -3.89 23.77
C GLN F 151 17.01 -4.76 22.66
N THR F 152 16.47 -5.95 22.98
CA THR F 152 15.84 -6.76 21.94
C THR F 152 14.76 -5.97 21.25
N MET F 153 13.95 -5.25 22.03
CA MET F 153 12.83 -4.53 21.46
C MET F 153 13.31 -3.41 20.55
N ALA F 154 14.44 -2.78 20.92
CA ALA F 154 14.98 -1.72 20.07
C ALA F 154 15.33 -2.24 18.69
N TRP F 155 15.89 -3.45 18.63
CA TRP F 155 16.23 -4.03 17.34
C TRP F 155 14.98 -4.39 16.54
N ILE F 156 13.94 -4.92 17.21
CA ILE F 156 12.67 -5.16 16.51
C ILE F 156 12.12 -3.85 15.93
N LEU F 157 12.06 -2.80 16.77
CA LEU F 157 11.59 -1.51 16.30
C LEU F 157 12.39 -1.05 15.10
N ASP F 158 13.72 -1.09 15.23
CA ASP F 158 14.57 -0.55 14.18
C ASP F 158 14.36 -1.32 12.87
N GLU F 159 14.29 -2.65 12.97
CA GLU F 159 14.11 -3.43 11.74
C GLU F 159 12.70 -3.30 11.19
N TYR F 160 11.69 -3.36 12.06
CA TYR F 160 10.31 -3.16 11.61
C TYR F 160 10.14 -1.83 10.90
N SER F 161 10.79 -0.79 11.39
CA SER F 161 10.60 0.54 10.83
C SER F 161 11.17 0.66 9.42
N LYS F 162 12.06 -0.23 9.03
CA LYS F 162 12.53 -0.19 7.64
C LYS F 162 11.42 -0.56 6.67
N PHE F 163 10.51 -1.44 7.10
CA PHE F 163 9.43 -1.91 6.25
C PHE F 163 8.19 -1.02 6.32
N HIS F 164 8.00 -0.29 7.42
CA HIS F 164 6.74 0.42 7.63
C HIS F 164 6.91 1.86 8.10
N GLY F 165 8.11 2.41 8.07
CA GLY F 165 8.35 3.72 8.67
C GLY F 165 8.44 3.62 10.18
N HIS F 166 8.88 4.71 10.79
CA HIS F 166 9.03 4.78 12.26
C HIS F 166 7.72 4.38 12.93
N SER F 167 7.77 3.34 13.74
CA SER F 167 6.57 2.75 14.33
C SER F 167 6.80 2.43 15.82
N PRO F 168 6.99 3.46 16.66
CA PRO F 168 7.36 3.20 18.05
C PRO F 168 6.37 2.31 18.78
N ALA F 169 5.08 2.39 18.42
CA ALA F 169 4.07 1.61 19.12
C ALA F 169 3.99 0.17 18.66
N VAL F 170 4.88 -0.28 17.77
CA VAL F 170 4.78 -1.67 17.30
C VAL F 170 5.30 -2.65 18.33
N VAL F 171 6.15 -2.19 19.26
CA VAL F 171 6.65 -3.01 20.37
C VAL F 171 6.65 -2.16 21.62
N THR F 172 6.47 -2.82 22.75
CA THR F 172 6.60 -2.15 24.04
C THR F 172 7.74 -2.79 24.81
N GLY F 173 8.02 -2.27 26.00
CA GLY F 173 9.27 -2.58 26.67
C GLY F 173 10.48 -1.97 26.02
N LYS F 174 10.31 -0.89 25.25
CA LYS F 174 11.42 -0.23 24.58
C LYS F 174 12.30 0.50 25.60
N PRO F 175 13.55 0.76 25.24
CA PRO F 175 14.34 1.71 26.01
C PRO F 175 13.67 3.07 26.07
N ILE F 176 13.86 3.76 27.18
CA ILE F 176 13.30 5.12 27.31
C ILE F 176 13.73 6.01 26.15
N ASP F 177 15.00 5.92 25.75
CA ASP F 177 15.48 6.79 24.70
C ASP F 177 14.92 6.46 23.32
N LEU F 178 14.15 5.37 23.16
CA LEU F 178 13.49 5.07 21.89
C LEU F 178 11.97 5.03 22.01
N GLY F 179 11.41 5.78 22.96
CA GLY F 179 9.99 5.83 23.09
C GLY F 179 9.42 4.90 24.13
N GLY F 180 10.27 4.29 24.96
CA GLY F 180 9.78 3.49 26.06
C GLY F 180 9.11 4.31 27.13
N SER F 181 8.33 3.62 27.98
CA SER F 181 7.59 4.28 29.05
C SER F 181 8.37 4.24 30.36
N LEU F 182 8.41 5.37 31.05
CA LEU F 182 8.82 5.32 32.45
C LEU F 182 7.92 4.34 33.16
N GLY F 183 8.52 3.55 34.06
CA GLY F 183 7.78 2.54 34.80
C GLY F 183 7.67 1.19 34.14
N ARG F 184 7.92 1.07 32.82
CA ARG F 184 7.71 -0.24 32.19
C ARG F 184 8.70 -1.28 32.68
N GLU F 185 9.97 -0.92 32.86
CA GLU F 185 10.95 -1.92 33.31
C GLU F 185 10.52 -2.58 34.62
N ALA F 186 10.06 -1.79 35.60
CA ALA F 186 9.65 -2.29 36.90
C ALA F 186 8.19 -2.76 36.95
N ALA F 187 7.43 -2.61 35.87
CA ALA F 187 5.97 -2.73 35.94
C ALA F 187 5.50 -4.10 36.43
N THR F 188 6.09 -5.19 35.92
CA THR F 188 5.56 -6.49 36.32
C THR F 188 5.81 -6.75 37.80
N GLY F 189 7.03 -6.52 38.28
CA GLY F 189 7.30 -6.64 39.71
C GLY F 189 6.47 -5.68 40.55
N ARG F 190 6.33 -4.43 40.11
CA ARG F 190 5.50 -3.48 40.83
C ARG F 190 4.05 -3.92 40.86
N GLY F 191 3.53 -4.40 39.72
CA GLY F 191 2.18 -4.93 39.71
C GLY F 191 2.03 -6.13 40.64
N VAL F 192 3.04 -7.00 40.69
CA VAL F 192 3.01 -8.12 41.64
C VAL F 192 2.85 -7.61 43.05
N VAL F 193 3.53 -6.50 43.39
CA VAL F 193 3.39 -5.90 44.71
C VAL F 193 1.96 -5.42 44.94
N PHE F 194 1.41 -4.68 43.96
CA PHE F 194 0.03 -4.22 44.10
C PHE F 194 -0.94 -5.39 44.27
N ALA F 195 -0.77 -6.43 43.46
CA ALA F 195 -1.65 -7.59 43.52
C ALA F 195 -1.54 -8.29 44.87
N THR F 196 -0.30 -8.45 45.34
CA THR F 196 -0.09 -9.06 46.65
C THR F 196 -0.71 -8.20 47.75
N GLU F 197 -0.62 -6.88 47.63
CA GLU F 197 -1.22 -6.02 48.66
C GLU F 197 -2.74 -6.11 48.63
N ALA F 198 -3.34 -6.11 47.44
CA ALA F 198 -4.80 -6.26 47.35
C ALA F 198 -5.25 -7.57 47.99
N LEU F 199 -4.56 -8.68 47.69
CA LEU F 199 -4.91 -9.98 48.25
C LEU F 199 -4.75 -10.01 49.76
N LEU F 200 -3.59 -9.58 50.26
CA LEU F 200 -3.35 -9.64 51.71
C LEU F 200 -4.35 -8.77 52.47
N ALA F 201 -4.78 -7.66 51.87
CA ALA F 201 -5.70 -6.76 52.57
C ALA F 201 -7.04 -7.42 52.84
N GLU F 202 -7.42 -8.42 52.04
CA GLU F 202 -8.63 -9.18 52.28
C GLU F 202 -8.52 -10.01 53.57
N TYR F 203 -7.29 -10.27 54.02
CA TYR F 203 -7.06 -10.98 55.27
C TYR F 203 -6.53 -10.06 56.37
N GLY F 204 -6.63 -8.75 56.18
CA GLY F 204 -6.16 -7.80 57.17
C GLY F 204 -4.66 -7.73 57.31
N LYS F 205 -3.92 -8.09 56.25
CA LYS F 205 -2.47 -8.19 56.28
C LYS F 205 -1.85 -7.22 55.29
N SER F 206 -0.55 -6.99 55.44
CA SER F 206 0.23 -6.25 54.46
C SER F 206 1.57 -6.94 54.30
N ILE F 207 2.39 -6.40 53.41
CA ILE F 207 3.68 -7.01 53.10
C ILE F 207 4.60 -6.96 54.33
N GLN F 208 4.55 -5.88 55.10
CA GLN F 208 5.50 -5.64 56.18
C GLN F 208 5.61 -6.83 57.12
N GLY F 209 6.83 -7.36 57.26
CA GLY F 209 7.12 -8.41 58.22
C GLY F 209 6.87 -9.82 57.74
N LEU F 210 6.19 -9.99 56.60
CA LEU F 210 5.97 -11.31 56.06
C LEU F 210 7.23 -11.77 55.32
N THR F 211 7.36 -13.08 55.16
CA THR F 211 8.51 -13.65 54.46
C THR F 211 8.09 -14.11 53.07
N PHE F 212 9.01 -13.95 52.12
CA PHE F 212 8.74 -14.22 50.71
C PHE F 212 9.86 -15.06 50.14
N VAL F 213 9.49 -16.01 49.27
CA VAL F 213 10.44 -16.81 48.51
C VAL F 213 10.20 -16.53 47.04
N ILE F 214 11.28 -16.32 46.28
CA ILE F 214 11.21 -15.86 44.89
C ILE F 214 12.02 -16.81 44.03
N GLN F 215 11.39 -17.40 43.02
CA GLN F 215 12.09 -18.26 42.07
C GLN F 215 12.29 -17.48 40.78
N GLY F 216 13.54 -17.24 40.41
CA GLY F 216 13.84 -16.38 39.28
C GLY F 216 14.29 -15.01 39.74
N PHE F 217 15.25 -14.43 39.03
CA PHE F 217 15.84 -13.16 39.46
C PHE F 217 16.19 -12.35 38.23
N GLY F 218 15.23 -12.23 37.31
CA GLY F 218 15.42 -11.46 36.12
C GLY F 218 14.58 -10.19 36.18
N ASN F 219 13.97 -9.83 35.07
CA ASN F 219 13.21 -8.60 35.05
C ASN F 219 12.09 -8.62 36.11
N VAL F 220 11.34 -9.71 36.17
CA VAL F 220 10.25 -9.83 37.12
C VAL F 220 10.78 -10.08 38.54
N GLY F 221 11.62 -11.10 38.72
CA GLY F 221 12.07 -11.49 40.06
C GLY F 221 12.84 -10.39 40.79
N THR F 222 13.70 -9.67 40.07
CA THR F 222 14.48 -8.64 40.75
C THR F 222 13.60 -7.50 41.22
N TRP F 223 12.68 -7.03 40.36
CA TRP F 223 11.81 -5.92 40.74
C TRP F 223 10.80 -6.33 41.80
N ALA F 224 10.22 -7.52 41.69
CA ALA F 224 9.34 -7.97 42.77
C ALA F 224 10.13 -8.07 44.08
N ALA F 225 11.31 -8.69 44.06
CA ALA F 225 12.08 -8.82 45.30
C ALA F 225 12.43 -7.46 45.87
N LYS F 226 12.87 -6.54 45.00
CA LYS F 226 13.33 -5.24 45.45
C LYS F 226 12.19 -4.41 46.03
N LEU F 227 11.03 -4.43 45.37
CA LEU F 227 9.92 -3.62 45.85
C LEU F 227 9.25 -4.25 47.07
N ILE F 228 9.19 -5.57 47.14
CA ILE F 228 8.69 -6.21 48.36
C ILE F 228 9.57 -5.85 49.53
N HIS F 229 10.89 -5.97 49.35
CA HIS F 229 11.83 -5.64 50.41
C HIS F 229 11.66 -4.20 50.88
N GLU F 230 11.43 -3.26 49.94
CA GLU F 230 11.26 -1.86 50.31
C GLU F 230 9.91 -1.57 50.94
N LYS F 231 8.95 -2.48 50.82
CA LYS F 231 7.71 -2.47 51.59
C LYS F 231 7.84 -3.19 52.94
N GLY F 232 9.05 -3.57 53.34
CA GLY F 232 9.25 -4.24 54.61
C GLY F 232 9.14 -5.76 54.59
N GLY F 233 8.95 -6.37 53.44
CA GLY F 233 8.88 -7.81 53.38
C GLY F 233 10.25 -8.44 53.56
N LYS F 234 10.26 -9.64 54.13
CA LYS F 234 11.48 -10.41 54.33
C LYS F 234 11.62 -11.41 53.18
N VAL F 235 12.51 -11.13 52.23
CA VAL F 235 12.77 -12.05 51.12
C VAL F 235 13.82 -13.05 51.61
N VAL F 236 13.38 -14.25 51.97
CA VAL F 236 14.22 -15.19 52.70
C VAL F 236 14.92 -16.19 51.77
N ALA F 237 14.50 -16.30 50.52
CA ALA F 237 15.22 -17.17 49.62
C ALA F 237 14.95 -16.74 48.20
N VAL F 238 16.00 -16.78 47.37
CA VAL F 238 15.93 -16.39 45.97
C VAL F 238 16.74 -17.39 45.16
N SER F 239 16.25 -17.76 43.97
CA SER F 239 17.03 -18.60 43.08
C SER F 239 17.03 -18.02 41.67
N ASP F 240 18.03 -18.43 40.88
CA ASP F 240 17.96 -18.26 39.44
C ASP F 240 18.65 -19.46 38.79
N ILE F 241 18.90 -19.38 37.49
CA ILE F 241 19.49 -20.52 36.81
C ILE F 241 20.86 -20.88 37.38
N THR F 242 21.54 -19.94 38.04
CA THR F 242 22.90 -20.22 38.52
C THR F 242 22.94 -20.91 39.88
N GLY F 243 21.88 -20.79 40.68
CA GLY F 243 21.91 -21.32 42.03
C GLY F 243 20.88 -20.61 42.89
N ALA F 244 21.01 -20.82 44.21
CA ALA F 244 20.02 -20.31 45.14
C ALA F 244 20.67 -19.91 46.44
N ILE F 245 20.08 -18.91 47.10
CA ILE F 245 20.58 -18.40 48.37
C ILE F 245 19.41 -18.12 49.32
N ARG F 246 19.71 -18.18 50.62
CA ARG F 246 18.68 -17.92 51.61
C ARG F 246 19.27 -17.19 52.81
N ASN F 247 18.41 -16.45 53.48
CA ASN F 247 18.75 -15.81 54.73
C ASN F 247 17.45 -15.65 55.50
N PRO F 248 17.25 -16.37 56.61
CA PRO F 248 15.94 -16.34 57.29
C PRO F 248 15.59 -14.99 57.87
N GLU F 249 16.57 -14.09 58.04
CA GLU F 249 16.30 -12.73 58.48
C GLU F 249 15.91 -11.82 57.32
N GLY F 250 15.85 -12.35 56.10
CA GLY F 250 15.64 -11.52 54.94
C GLY F 250 16.95 -11.20 54.27
N ILE F 251 16.97 -11.31 52.96
CA ILE F 251 18.12 -11.00 52.13
C ILE F 251 18.11 -9.52 51.80
N ASP F 252 19.29 -8.89 51.87
CA ASP F 252 19.45 -7.51 51.41
C ASP F 252 19.42 -7.52 49.89
N ILE F 253 18.23 -7.31 49.33
CA ILE F 253 18.01 -7.53 47.90
C ILE F 253 18.85 -6.58 47.07
N ASN F 254 19.00 -5.33 47.51
CA ASN F 254 19.82 -4.41 46.73
C ASN F 254 21.27 -4.86 46.71
N ALA F 255 21.80 -5.34 47.83
CA ALA F 255 23.16 -5.88 47.79
C ALA F 255 23.21 -7.12 46.89
N LEU F 256 22.15 -7.93 46.90
CA LEU F 256 22.13 -9.11 46.05
C LEU F 256 22.17 -8.73 44.58
N ILE F 257 21.43 -7.68 44.22
CA ILE F 257 21.44 -7.19 42.85
C ILE F 257 22.85 -6.75 42.45
N LYS F 258 23.53 -6.00 43.32
CA LYS F 258 24.90 -5.57 43.04
C LYS F 258 25.81 -6.78 42.84
N HIS F 259 25.76 -7.74 43.76
CA HIS F 259 26.60 -8.93 43.63
C HIS F 259 26.31 -9.69 42.34
N LYS F 260 25.03 -9.86 42.00
CA LYS F 260 24.68 -10.58 40.80
C LYS F 260 25.23 -9.88 39.56
N ASP F 261 25.09 -8.56 39.49
CA ASP F 261 25.60 -7.82 38.34
C ASP F 261 27.12 -7.92 38.26
N ALA F 262 27.80 -7.93 39.41
CA ALA F 262 29.25 -7.86 39.42
C ALA F 262 29.90 -9.21 39.16
N THR F 263 29.29 -10.30 39.59
CA THR F 263 29.87 -11.63 39.46
C THR F 263 29.13 -12.52 38.47
N GLY F 264 27.89 -12.17 38.13
CA GLY F 264 27.06 -13.01 37.30
C GLY F 264 26.40 -14.15 38.02
N SER F 265 26.47 -14.19 39.34
CA SER F 265 25.99 -15.33 40.11
C SER F 265 25.34 -14.88 41.41
N LEU F 266 24.39 -15.68 41.89
CA LEU F 266 23.88 -15.57 43.25
C LEU F 266 24.76 -16.30 44.25
N ASN F 267 25.68 -17.11 43.75
CA ASN F 267 26.54 -17.89 44.60
C ASN F 267 27.70 -17.04 45.08
N ASP F 268 28.14 -17.31 46.30
CA ASP F 268 29.17 -16.58 46.97
C ASP F 268 28.64 -15.26 47.51
N PHE F 269 27.32 -15.06 47.54
CA PHE F 269 26.79 -13.84 48.16
C PHE F 269 27.10 -13.84 49.65
N ASN F 270 27.69 -12.76 50.13
CA ASN F 270 28.06 -12.66 51.53
C ASN F 270 26.84 -12.57 52.46
N GLY F 271 25.72 -12.06 51.97
CA GLY F 271 24.57 -11.83 52.82
C GLY F 271 23.57 -12.96 52.93
N GLY F 272 23.98 -14.20 52.62
CA GLY F 272 23.07 -15.32 52.67
C GLY F 272 23.84 -16.62 52.57
N ASP F 273 23.09 -17.73 52.61
CA ASP F 273 23.64 -19.07 52.56
C ASP F 273 23.24 -19.74 51.26
N ALA F 274 24.19 -20.44 50.63
CA ALA F 274 23.85 -21.32 49.50
C ALA F 274 22.83 -22.37 49.93
N MET F 275 21.80 -22.54 49.11
CA MET F 275 20.88 -23.65 49.28
C MET F 275 20.71 -24.37 47.94
N ASN F 276 20.16 -25.57 48.01
CA ASN F 276 19.84 -26.32 46.80
C ASN F 276 18.67 -25.66 46.07
N SER F 277 18.89 -25.34 44.79
CA SER F 277 17.85 -24.72 43.98
C SER F 277 16.55 -25.52 44.00
N ASP F 278 16.64 -26.84 44.02
CA ASP F 278 15.44 -27.67 43.94
C ASP F 278 14.66 -27.77 45.25
N GLU F 279 15.10 -27.08 46.31
CA GLU F 279 14.31 -26.91 47.53
C GLU F 279 13.72 -25.51 47.66
N LEU F 280 13.93 -24.66 46.66
CA LEU F 280 13.45 -23.28 46.73
C LEU F 280 11.94 -23.24 46.86
N LEU F 281 11.23 -23.97 46.00
CA LEU F 281 9.79 -23.80 45.92
C LEU F 281 9.08 -24.35 47.15
N ILE F 282 9.71 -25.27 47.90
CA ILE F 282 9.10 -25.83 49.09
C ILE F 282 9.65 -25.20 50.36
N HIS F 283 10.33 -24.07 50.24
CA HIS F 283 10.88 -23.37 51.39
C HIS F 283 9.76 -22.77 52.23
N GLU F 284 9.97 -22.76 53.56
CA GLU F 284 9.05 -22.09 54.49
C GLU F 284 8.87 -20.62 54.13
N CYS F 285 7.62 -20.17 54.08
CA CYS F 285 7.38 -18.75 53.86
C CYS F 285 5.90 -18.44 54.04
N ASP F 286 5.60 -17.15 54.09
CA ASP F 286 4.21 -16.69 53.99
C ASP F 286 3.72 -16.69 52.54
N VAL F 287 4.53 -16.15 51.63
CA VAL F 287 4.13 -15.96 50.24
C VAL F 287 5.24 -16.49 49.33
N LEU F 288 4.86 -17.39 48.42
CA LEU F 288 5.75 -17.95 47.41
C LEU F 288 5.44 -17.26 46.09
N ILE F 289 6.46 -16.74 45.43
CA ILE F 289 6.29 -16.01 44.18
C ILE F 289 7.17 -16.61 43.09
N PRO F 290 6.66 -17.55 42.29
CA PRO F 290 7.43 -18.04 41.14
C PRO F 290 7.58 -16.93 40.10
N CYS F 291 8.82 -16.72 39.66
CA CYS F 291 9.14 -15.65 38.72
C CYS F 291 9.99 -16.16 37.56
N ALA F 292 9.95 -17.46 37.27
CA ALA F 292 10.74 -18.01 36.18
C ALA F 292 9.87 -18.85 35.24
N LEU F 293 10.14 -20.15 35.13
CA LEU F 293 9.42 -20.96 34.16
C LEU F 293 8.02 -21.33 34.67
N GLY F 294 7.20 -21.84 33.73
CA GLY F 294 5.90 -22.35 34.07
C GLY F 294 5.94 -23.83 34.38
N GLY F 295 4.83 -24.32 34.94
CA GLY F 295 4.68 -25.74 35.19
C GLY F 295 5.52 -26.27 36.34
N VAL F 296 6.14 -25.37 37.12
CA VAL F 296 7.11 -25.76 38.15
C VAL F 296 6.46 -26.26 39.43
N LEU F 297 5.19 -25.94 39.66
CA LEU F 297 4.39 -26.51 40.73
C LEU F 297 3.45 -27.52 40.10
N ASN F 298 3.60 -28.78 40.47
CA ASN F 298 2.93 -29.87 39.79
C ASN F 298 2.57 -30.91 40.84
N LYS F 299 2.08 -32.07 40.37
CA LYS F 299 1.58 -33.08 41.28
C LYS F 299 2.68 -33.69 42.14
N GLU F 300 3.96 -33.51 41.75
CA GLU F 300 5.05 -34.17 42.45
C GLU F 300 5.50 -33.37 43.67
N ASN F 301 5.46 -32.05 43.59
CA ASN F 301 5.97 -31.20 44.66
C ASN F 301 4.92 -30.34 45.35
N ALA F 302 3.72 -30.21 44.78
CA ALA F 302 2.74 -29.30 45.39
C ALA F 302 2.46 -29.68 46.84
N GLY F 303 2.43 -30.97 47.14
CA GLY F 303 2.17 -31.42 48.50
C GLY F 303 3.22 -30.98 49.50
N ASP F 304 4.41 -30.58 49.05
CA ASP F 304 5.49 -30.15 49.94
C ASP F 304 5.57 -28.63 50.07
N VAL F 305 4.75 -27.89 49.33
CA VAL F 305 4.74 -26.44 49.40
C VAL F 305 4.37 -26.00 50.81
N LYS F 306 5.16 -25.07 51.37
CA LYS F 306 4.97 -24.59 52.73
C LYS F 306 4.37 -23.20 52.81
N ALA F 307 4.22 -22.52 51.68
CA ALA F 307 3.66 -21.17 51.66
C ALA F 307 2.18 -21.18 52.01
N LYS F 308 1.72 -20.08 52.57
CA LYS F 308 0.29 -19.86 52.80
C LYS F 308 -0.37 -19.20 51.59
N PHE F 309 0.35 -18.34 50.87
CA PHE F 309 -0.12 -17.73 49.64
C PHE F 309 0.90 -17.99 48.53
N ILE F 310 0.38 -18.17 47.31
CA ILE F 310 1.19 -18.19 46.10
C ILE F 310 0.70 -17.07 45.21
N VAL F 311 1.61 -16.20 44.79
CA VAL F 311 1.33 -15.13 43.84
C VAL F 311 2.09 -15.43 42.55
N GLU F 312 1.36 -15.64 41.45
CA GLU F 312 1.98 -16.14 40.21
C GLU F 312 2.51 -14.95 39.40
N ALA F 313 3.80 -14.65 39.57
CA ALA F 313 4.42 -13.63 38.71
C ALA F 313 4.82 -14.24 37.37
N ALA F 314 5.42 -15.42 37.41
CA ALA F 314 5.60 -16.21 36.19
C ALA F 314 4.26 -16.50 35.51
N ASN F 315 4.33 -16.76 34.21
CA ASN F 315 3.20 -17.30 33.49
C ASN F 315 3.05 -18.79 33.75
N HIS F 316 1.81 -19.21 34.00
CA HIS F 316 1.34 -20.54 34.39
C HIS F 316 2.34 -21.37 35.22
N PRO F 317 2.80 -20.87 36.36
CA PRO F 317 3.73 -21.66 37.18
C PRO F 317 3.11 -22.86 37.87
N THR F 318 1.79 -22.86 38.07
CA THR F 318 1.09 -23.90 38.81
C THR F 318 0.17 -24.64 37.85
N ASP F 319 0.31 -25.96 37.76
CA ASP F 319 -0.59 -26.70 36.86
C ASP F 319 -1.85 -27.13 37.61
N PRO F 320 -2.87 -27.60 36.90
CA PRO F 320 -4.15 -27.89 37.57
C PRO F 320 -4.08 -29.03 38.56
N ASP F 321 -3.15 -30.00 38.42
CA ASP F 321 -3.01 -31.00 39.47
C ASP F 321 -2.57 -30.34 40.76
N ALA F 322 -1.58 -29.44 40.67
CA ALA F 322 -1.09 -28.76 41.87
C ALA F 322 -2.16 -27.86 42.46
N ASP F 323 -2.99 -27.20 41.62
CA ASP F 323 -4.06 -26.36 42.14
C ASP F 323 -4.95 -27.14 43.10
N GLU F 324 -5.31 -28.38 42.72
CA GLU F 324 -6.17 -29.19 43.59
C GLU F 324 -5.44 -29.57 44.87
N ILE F 325 -4.20 -30.04 44.74
CA ILE F 325 -3.45 -30.45 45.92
C ILE F 325 -3.29 -29.28 46.88
N LEU F 326 -3.05 -28.09 46.33
CA LEU F 326 -2.82 -26.91 47.15
C LEU F 326 -4.12 -26.38 47.76
N SER F 327 -5.23 -26.44 47.01
CA SER F 327 -6.51 -26.00 47.57
C SER F 327 -6.88 -26.84 48.78
N LYS F 328 -6.60 -28.15 48.72
CA LYS F 328 -6.85 -29.00 49.87
C LYS F 328 -5.96 -28.64 51.06
N LYS F 329 -4.77 -28.10 50.81
CA LYS F 329 -3.84 -27.70 51.86
C LYS F 329 -4.15 -26.33 52.43
N GLY F 330 -5.14 -25.62 51.89
CA GLY F 330 -5.50 -24.30 52.34
C GLY F 330 -4.70 -23.18 51.72
N VAL F 331 -3.88 -23.48 50.73
CA VAL F 331 -3.03 -22.47 50.09
C VAL F 331 -3.87 -21.67 49.10
N ILE F 332 -3.80 -20.34 49.21
CA ILE F 332 -4.50 -19.42 48.31
C ILE F 332 -3.54 -19.05 47.20
N ILE F 333 -4.05 -19.06 45.97
CA ILE F 333 -3.25 -18.85 44.78
C ILE F 333 -3.84 -17.67 44.01
N LEU F 334 -3.05 -16.60 43.93
CA LEU F 334 -3.40 -15.43 43.14
C LEU F 334 -2.94 -15.65 41.70
N PRO F 335 -3.84 -15.72 40.72
CA PRO F 335 -3.46 -16.28 39.41
C PRO F 335 -2.62 -15.33 38.57
N ASP F 336 -1.80 -15.96 37.73
CA ASP F 336 -0.92 -15.25 36.80
C ASP F 336 -1.65 -14.20 35.98
N ILE F 337 -2.79 -14.56 35.41
CA ILE F 337 -3.50 -13.65 34.51
C ILE F 337 -4.03 -12.42 35.21
N TYR F 338 -3.97 -12.36 36.54
CA TYR F 338 -4.13 -11.11 37.26
C TYR F 338 -2.81 -10.60 37.81
N ALA F 339 -2.12 -11.42 38.61
CA ALA F 339 -1.01 -10.91 39.39
C ALA F 339 0.15 -10.37 38.55
N ASN F 340 0.41 -10.94 37.37
CA ASN F 340 1.57 -10.48 36.59
C ASN F 340 1.16 -9.49 35.50
N ALA F 341 -0.07 -9.03 35.53
CA ALA F 341 -0.59 -8.20 34.45
C ALA F 341 -0.08 -6.76 34.50
N GLY F 342 0.73 -6.42 35.50
CA GLY F 342 1.33 -5.09 35.52
C GLY F 342 2.16 -4.82 34.29
N GLY F 343 2.84 -5.86 33.78
CA GLY F 343 3.66 -5.69 32.59
C GLY F 343 2.83 -5.25 31.40
N VAL F 344 1.78 -6.01 31.07
CA VAL F 344 1.01 -5.71 29.86
C VAL F 344 0.16 -4.46 30.08
N THR F 345 -0.24 -4.18 31.31
CA THR F 345 -0.98 -2.95 31.58
C THR F 345 -0.12 -1.73 31.32
N VAL F 346 1.14 -1.73 31.79
CA VAL F 346 2.00 -0.60 31.52
C VAL F 346 2.46 -0.61 30.08
N SER F 347 2.58 -1.78 29.42
CA SER F 347 2.76 -1.81 27.98
C SER F 347 1.63 -1.10 27.24
N TYR F 348 0.39 -1.30 27.70
CA TYR F 348 -0.72 -0.56 27.12
C TYR F 348 -0.50 0.94 27.29
N PHE F 349 -0.09 1.35 28.49
CA PHE F 349 0.21 2.76 28.67
C PHE F 349 1.34 3.22 27.75
N GLU F 350 2.39 2.40 27.56
CA GLU F 350 3.46 2.77 26.64
C GLU F 350 2.93 2.99 25.23
N TRP F 351 2.12 2.03 24.77
CA TRP F 351 1.51 2.09 23.45
C TRP F 351 0.64 3.34 23.29
N VAL F 352 -0.17 3.65 24.32
CA VAL F 352 -0.96 4.87 24.30
C VAL F 352 -0.06 6.08 24.14
N GLN F 353 1.01 6.16 24.95
CA GLN F 353 1.92 7.29 24.86
C GLN F 353 2.51 7.42 23.47
N ASN F 354 2.94 6.30 22.87
CA ASN F 354 3.52 6.36 21.54
C ASN F 354 2.50 6.83 20.51
N ILE F 355 1.29 6.26 20.53
CA ILE F 355 0.35 6.67 19.48
C ILE F 355 -0.14 8.09 19.70
N GLN F 356 -0.12 8.60 20.93
CA GLN F 356 -0.40 10.00 21.23
C GLN F 356 0.80 10.92 21.02
N GLY F 357 1.97 10.34 20.74
CA GLY F 357 3.16 11.08 20.43
C GLY F 357 3.71 11.87 21.58
N PHE F 358 3.38 11.52 22.83
CA PHE F 358 3.67 12.38 23.96
C PHE F 358 3.78 11.53 25.21
N MET F 359 4.89 11.64 25.94
CA MET F 359 5.14 10.66 26.98
C MET F 359 4.60 11.16 28.33
N TRP F 360 4.29 10.19 29.22
CA TRP F 360 3.83 10.49 30.58
C TRP F 360 4.98 10.51 31.60
N GLU F 361 4.75 11.25 32.68
CA GLU F 361 5.60 11.17 33.86
C GLU F 361 5.43 9.82 34.57
N GLU F 362 6.49 9.38 35.25
CA GLU F 362 6.44 8.06 35.87
C GLU F 362 5.35 7.99 36.92
N GLU F 363 5.15 9.06 37.68
CA GLU F 363 4.11 9.04 38.70
C GLU F 363 2.76 8.69 38.09
N LYS F 364 2.45 9.28 36.92
CA LYS F 364 1.16 8.99 36.29
C LYS F 364 1.07 7.54 35.82
N VAL F 365 2.15 7.02 35.23
CA VAL F 365 2.19 5.60 34.85
C VAL F 365 1.85 4.71 36.04
N ASN F 366 2.54 4.92 37.16
CA ASN F 366 2.40 4.03 38.31
C ASN F 366 1.07 4.24 39.02
N LEU F 367 0.53 5.46 38.99
CA LEU F 367 -0.79 5.67 39.56
C LEU F 367 -1.86 4.93 38.76
N GLU F 368 -1.80 5.03 37.43
CA GLU F 368 -2.75 4.32 36.59
C GLU F 368 -2.60 2.81 36.78
N LEU F 369 -1.36 2.34 36.89
CA LEU F 369 -1.14 0.91 37.14
C LEU F 369 -1.86 0.46 38.40
N GLN F 370 -1.71 1.23 39.49
CA GLN F 370 -2.38 0.88 40.74
C GLN F 370 -3.90 0.86 40.55
N LYS F 371 -4.47 1.89 39.89
CA LYS F 371 -5.93 1.91 39.70
C LYS F 371 -6.39 0.69 38.90
N TYR F 372 -5.66 0.34 37.84
CA TYR F 372 -6.07 -0.81 37.02
C TYR F 372 -5.99 -2.10 37.82
N MET F 373 -4.90 -2.28 38.59
CA MET F 373 -4.77 -3.49 39.39
C MET F 373 -5.83 -3.55 40.47
N THR F 374 -6.19 -2.41 41.04
CA THR F 374 -7.24 -2.42 42.05
C THR F 374 -8.57 -2.77 41.44
N ARG F 375 -8.90 -2.19 40.27
CA ARG F 375 -10.21 -2.47 39.69
C ARG F 375 -10.30 -3.90 39.20
N ALA F 376 -9.22 -4.43 38.61
CA ALA F 376 -9.23 -5.81 38.18
C ALA F 376 -9.47 -6.73 39.38
N PHE F 377 -8.79 -6.50 40.49
CA PHE F 377 -8.99 -7.40 41.61
C PHE F 377 -10.43 -7.33 42.09
N HIS F 378 -11.02 -6.13 42.06
CA HIS F 378 -12.42 -5.97 42.46
C HIS F 378 -13.34 -6.79 41.55
N ASN F 379 -13.08 -6.77 40.25
CA ASN F 379 -13.95 -7.51 39.34
C ASN F 379 -13.77 -9.03 39.48
N ILE F 380 -12.55 -9.47 39.78
CA ILE F 380 -12.30 -10.87 40.07
C ILE F 380 -13.13 -11.33 41.27
N LYS F 381 -13.10 -10.54 42.35
CA LYS F 381 -13.88 -10.90 43.54
C LYS F 381 -15.36 -11.03 43.22
N THR F 382 -15.88 -10.13 42.38
CA THR F 382 -17.28 -10.22 41.97
C THR F 382 -17.57 -11.55 41.27
N MET F 383 -16.71 -11.94 40.32
CA MET F 383 -16.91 -13.24 39.66
C MET F 383 -16.79 -14.38 40.66
N CYS F 384 -15.81 -14.33 41.58
CA CYS F 384 -15.70 -15.37 42.57
C CYS F 384 -16.99 -15.51 43.37
N HIS F 385 -17.64 -14.40 43.69
CA HIS F 385 -18.86 -14.47 44.47
C HIS F 385 -20.03 -14.95 43.62
N THR F 386 -20.19 -14.34 42.44
CA THR F 386 -21.22 -14.77 41.50
C THR F 386 -21.15 -16.27 41.25
N HIS F 387 -19.96 -16.81 41.05
CA HIS F 387 -19.81 -18.18 40.62
C HIS F 387 -19.28 -19.11 41.70
N SER F 388 -19.13 -18.62 42.93
CA SER F 388 -18.66 -19.42 44.04
C SER F 388 -17.45 -20.28 43.64
N CYS F 389 -16.43 -19.59 43.14
CA CYS F 389 -15.25 -20.24 42.61
C CYS F 389 -14.02 -19.55 43.18
N ASN F 390 -12.84 -20.15 42.96
CA ASN F 390 -11.61 -19.63 43.56
C ASN F 390 -11.05 -18.49 42.71
N LEU F 391 -9.93 -17.93 43.16
CA LEU F 391 -9.39 -16.75 42.49
C LEU F 391 -9.03 -17.03 41.04
N ARG F 392 -8.39 -18.18 40.77
CA ARG F 392 -8.01 -18.43 39.38
C ARG F 392 -9.23 -18.44 38.49
N MET F 393 -10.30 -19.13 38.92
CA MET F 393 -11.48 -19.19 38.07
C MET F 393 -12.24 -17.88 38.06
N GLY F 394 -12.09 -17.04 39.08
CA GLY F 394 -12.71 -15.73 39.02
C GLY F 394 -12.07 -14.86 37.96
N ALA F 395 -10.74 -14.89 37.89
CA ALA F 395 -10.04 -14.19 36.82
C ALA F 395 -10.29 -14.84 35.46
N PHE F 396 -10.26 -16.17 35.40
CA PHE F 396 -10.38 -16.84 34.11
C PHE F 396 -11.77 -16.62 33.53
N THR F 397 -12.81 -16.73 34.36
CA THR F 397 -14.14 -16.49 33.84
C THR F 397 -14.34 -15.02 33.48
N LEU F 398 -13.78 -14.12 34.26
CA LEU F 398 -13.88 -12.70 33.90
C LEU F 398 -13.35 -12.46 32.50
N GLY F 399 -12.16 -12.97 32.23
CA GLY F 399 -11.54 -12.74 30.93
C GLY F 399 -12.25 -13.45 29.80
N VAL F 400 -12.62 -14.72 30.02
CA VAL F 400 -13.34 -15.46 28.98
C VAL F 400 -14.65 -14.77 28.65
N ASN F 401 -15.36 -14.30 29.67
CA ASN F 401 -16.66 -13.69 29.45
C ASN F 401 -16.56 -12.40 28.63
N ARG F 402 -15.57 -11.55 28.95
CA ARG F 402 -15.33 -10.33 28.19
C ARG F 402 -15.00 -10.62 26.72
N VAL F 403 -14.15 -11.63 26.47
CA VAL F 403 -13.81 -11.99 25.09
C VAL F 403 -15.04 -12.53 24.35
N ALA F 404 -15.82 -13.38 25.01
CA ALA F 404 -17.00 -13.94 24.35
C ALA F 404 -17.99 -12.84 23.98
N ARG F 405 -18.13 -11.82 24.84
CA ARG F 405 -19.04 -10.71 24.58
C ARG F 405 -18.62 -9.92 23.33
N ALA F 406 -17.34 -9.56 23.28
CA ALA F 406 -16.82 -8.81 22.13
C ALA F 406 -16.93 -9.63 20.86
N THR F 407 -16.65 -10.92 20.95
CA THR F 407 -16.77 -11.82 19.79
C THR F 407 -18.21 -11.85 19.28
N GLN F 408 -19.17 -11.97 20.19
CA GLN F 408 -20.56 -12.04 19.77
C GLN F 408 -21.01 -10.74 19.15
N LEU F 409 -20.54 -9.60 19.67
CA LEU F 409 -20.92 -8.32 19.08
C LEU F 409 -20.41 -8.21 17.67
N ARG F 410 -19.21 -8.72 17.41
CA ARG F 410 -18.64 -8.56 16.08
C ARG F 410 -19.33 -9.46 15.07
N GLY F 411 -19.84 -10.60 15.50
CA GLY F 411 -20.58 -11.46 14.61
C GLY F 411 -19.75 -12.41 13.78
N TRP F 412 -20.47 -13.20 12.99
CA TRP F 412 -19.89 -14.38 12.33
C TRP F 412 -20.10 -14.46 10.84
N GLU F 413 -20.92 -13.59 10.25
CA GLU F 413 -21.08 -13.65 8.80
C GLU F 413 -19.81 -13.10 8.13
N ALA F 414 -19.63 -13.48 6.86
CA ALA F 414 -18.37 -13.20 6.17
C ALA F 414 -18.29 -11.78 5.60
#